data_4IMA
#
_entry.id   4IMA
#
_cell.length_a   82.751
_cell.length_b   204.727
_cell.length_c   86.532
_cell.angle_alpha   90.00
_cell.angle_beta   96.75
_cell.angle_gamma   90.00
#
_symmetry.space_group_name_H-M   'P 1 21 1'
#
loop_
_entity.id
_entity.type
_entity.pdbx_description
1 polymer 'Pyruvate kinase'
2 non-polymer 'MANGANESE (II) ION'
3 non-polymer 'CITRATE ANION'
4 non-polymer 1,6-di-O-phosphono-beta-D-fructofuranose
5 non-polymer 1,2-ETHANEDIOL
6 non-polymer ADENOSINE
7 water water
#
_entity_poly.entity_id   1
_entity_poly.type   'polypeptide(L)'
_entity_poly.pdbx_seq_one_letter_code
;MEGPAGYLRRASVAQLTQELGTAFFQQQQLPAAMADTFLEHLCLLDIDSEPVAARSTSIIATIGPASRSVERLKEMIKAG
MNIARLNFSHGSHEYHAESIANVREAVESFAGSPLSYRPVAIALDTKGPEIRTGILQGGPESEVELVKGSQVLVTVDPAF
RTRGNANTVWVDYPNIVRVVPVGGRIYIDDGLISLVVQKIGPEGLVTQVENGGVLGSRKGVNLPGAQVDLPGLSEQDVRD
LRFGVEHGVDIVFASFVRKASDVAAVRAALGPEGHGIKIISKIENHEGVKRFDEILEVSDGIMVARGDLGIEIPAEKVFL
AQKMMIGRCNLAGKPVVCATQMLESMITKARPTRAETSDVANAVLDGADCIMLSGETAKGNFPVEAVKMQHAIAREAEAA
VYHRQLFEELRRAAPLSRDPTEVTAIGAVEAAFKCMAAAIIVLTTTGRSAQLLSRYRPRAAVIAVTRSAQAARQVHLCRG
VFPLLYREPPEAIWADDVDRRVQFGIESGKLRGFLRVGDLVIVVTGWRPGSGYTNIMRVLSIS
;
_entity_poly.pdbx_strand_id   A,B,C,D
#
loop_
_chem_comp.id
_chem_comp.type
_chem_comp.name
_chem_comp.formula
ADN non-polymer ADENOSINE 'C10 H13 N5 O4'
EDO non-polymer 1,2-ETHANEDIOL 'C2 H6 O2'
FBP D-saccharide, beta linking 1,6-di-O-phosphono-beta-D-fructofuranose 'C6 H14 O12 P2'
FLC non-polymer 'CITRATE ANION' 'C6 H5 O7 -3'
MN non-polymer 'MANGANESE (II) ION' 'Mn 2'
#
# COMPACT_ATOMS: atom_id res chain seq x y z
N LEU A 16 -13.41 -19.50 -5.04
CA LEU A 16 -13.31 -20.10 -3.71
C LEU A 16 -12.87 -21.57 -3.81
N THR A 17 -12.46 -22.13 -2.67
CA THR A 17 -12.04 -23.53 -2.63
C THR A 17 -12.73 -24.33 -1.51
N GLN A 18 -13.79 -25.05 -1.88
CA GLN A 18 -14.49 -25.93 -0.96
C GLN A 18 -13.72 -27.24 -0.79
N GLU A 19 -12.48 -27.25 -1.25
CA GLU A 19 -11.60 -28.40 -1.10
CA GLU A 19 -11.60 -28.40 -1.10
C GLU A 19 -11.23 -28.57 0.38
N LEU A 20 -11.14 -27.44 1.09
CA LEU A 20 -10.75 -27.44 2.50
C LEU A 20 -11.92 -27.27 3.46
N GLY A 21 -12.97 -26.59 3.00
CA GLY A 21 -14.16 -26.39 3.81
C GLY A 21 -14.43 -24.92 4.03
N THR A 22 -15.69 -24.57 4.21
CA THR A 22 -16.04 -23.19 4.51
C THR A 22 -15.43 -22.83 5.86
N ALA A 23 -15.47 -23.79 6.78
CA ALA A 23 -14.98 -23.56 8.14
C ALA A 23 -13.53 -23.10 8.10
N PHE A 24 -12.73 -23.76 7.28
CA PHE A 24 -11.30 -23.47 7.23
C PHE A 24 -11.02 -21.98 7.06
N PHE A 25 -11.70 -21.34 6.12
CA PHE A 25 -11.43 -19.93 5.83
C PHE A 25 -12.03 -18.95 6.84
N GLN A 26 -12.70 -19.48 7.85
CA GLN A 26 -13.19 -18.65 8.95
C GLN A 26 -12.24 -18.68 10.14
N GLN A 27 -11.33 -19.65 10.15
CA GLN A 27 -10.35 -19.78 11.22
C GLN A 27 -9.09 -18.95 10.97
N GLN A 28 -8.20 -18.96 11.95
CA GLN A 28 -6.89 -18.28 11.91
C GLN A 28 -6.89 -16.85 11.35
N GLN A 29 -7.95 -16.10 11.65
CA GLN A 29 -8.05 -14.71 11.23
C GLN A 29 -7.91 -14.55 9.71
N LEU A 30 -8.33 -15.56 8.96
CA LEU A 30 -8.21 -15.51 7.50
C LEU A 30 -9.05 -14.41 6.83
N PRO A 31 -10.27 -14.16 7.34
CA PRO A 31 -11.04 -13.01 6.84
C PRO A 31 -10.31 -11.69 6.98
N ALA A 32 -9.53 -11.52 8.05
CA ALA A 32 -8.72 -10.32 8.23
C ALA A 32 -7.42 -10.37 7.42
N ALA A 33 -6.94 -11.57 7.11
CA ALA A 33 -5.74 -11.75 6.30
C ALA A 33 -5.84 -11.14 4.91
N MET A 34 -7.04 -11.18 4.33
CA MET A 34 -7.27 -10.76 2.97
C MET A 34 -7.67 -9.29 2.82
N ALA A 35 -7.72 -8.56 3.93
CA ALA A 35 -8.06 -7.14 3.87
C ALA A 35 -7.07 -6.39 3.01
N ASP A 36 -7.51 -5.29 2.41
CA ASP A 36 -6.68 -4.49 1.51
C ASP A 36 -5.85 -3.41 2.19
N THR A 37 -6.18 -3.10 3.44
CA THR A 37 -5.41 -2.13 4.19
C THR A 37 -5.20 -2.65 5.61
N PHE A 38 -4.18 -2.13 6.28
CA PHE A 38 -3.92 -2.53 7.66
C PHE A 38 -5.14 -2.18 8.53
N LEU A 39 -5.73 -1.03 8.27
CA LEU A 39 -6.88 -0.57 9.07
C LEU A 39 -8.04 -1.54 8.91
N GLU A 40 -8.29 -1.96 7.66
CA GLU A 40 -9.37 -2.90 7.40
C GLU A 40 -9.07 -4.26 8.02
N HIS A 41 -7.80 -4.65 7.99
CA HIS A 41 -7.36 -5.88 8.66
C HIS A 41 -7.73 -5.83 10.15
N LEU A 42 -7.48 -4.70 10.80
CA LEU A 42 -7.82 -4.55 12.22
C LEU A 42 -9.31 -4.69 12.43
N CYS A 43 -10.08 -4.03 11.57
CA CYS A 43 -11.53 -4.01 11.69
C CYS A 43 -12.16 -5.38 11.51
N LEU A 44 -11.44 -6.30 10.89
CA LEU A 44 -11.95 -7.64 10.62
C LEU A 44 -11.45 -8.74 11.59
N LEU A 45 -10.53 -8.41 12.51
CA LEU A 45 -10.12 -9.36 13.52
C LEU A 45 -11.34 -9.87 14.29
N ASP A 46 -11.32 -11.14 14.67
CA ASP A 46 -12.52 -11.80 15.14
C ASP A 46 -12.21 -12.69 16.33
N ILE A 47 -12.84 -12.43 17.46
CA ILE A 47 -12.59 -13.22 18.66
C ILE A 47 -13.12 -14.65 18.54
N ASP A 48 -13.97 -14.91 17.55
CA ASP A 48 -14.49 -16.26 17.34
C ASP A 48 -13.68 -17.04 16.29
N SER A 49 -12.74 -16.38 15.63
CA SER A 49 -11.85 -17.07 14.68
C SER A 49 -10.75 -17.76 15.47
N GLU A 50 -10.76 -19.10 15.48
CA GLU A 50 -9.82 -19.83 16.31
C GLU A 50 -8.48 -20.08 15.62
N PRO A 51 -7.39 -19.98 16.39
CA PRO A 51 -6.05 -20.21 15.87
C PRO A 51 -5.94 -21.66 15.39
N VAL A 52 -5.08 -21.90 14.41
CA VAL A 52 -4.92 -23.22 13.82
C VAL A 52 -3.46 -23.63 13.83
N ALA A 53 -2.59 -22.72 13.40
CA ALA A 53 -1.18 -23.02 13.28
C ALA A 53 -0.62 -23.32 14.65
N ALA A 54 0.48 -24.06 14.70
CA ALA A 54 1.16 -24.30 15.96
C ALA A 54 1.78 -22.98 16.39
N ARG A 55 1.78 -22.73 17.70
CA ARG A 55 2.37 -21.52 18.26
C ARG A 55 3.84 -21.43 17.83
N SER A 56 4.22 -20.29 17.25
CA SER A 56 5.52 -20.17 16.60
C SER A 56 6.56 -19.36 17.38
N THR A 57 6.10 -18.45 18.23
CA THR A 57 7.00 -17.60 19.01
C THR A 57 7.60 -18.39 20.17
N SER A 58 8.91 -18.37 20.26
CA SER A 58 9.64 -19.14 21.25
C SER A 58 9.42 -18.59 22.67
N ILE A 59 9.24 -19.50 23.63
CA ILE A 59 9.09 -19.11 25.03
C ILE A 59 10.35 -19.44 25.84
N ILE A 60 10.94 -18.40 26.42
CA ILE A 60 12.09 -18.56 27.29
C ILE A 60 11.61 -18.48 28.73
N ALA A 61 11.96 -19.47 29.54
CA ALA A 61 11.59 -19.47 30.96
C ALA A 61 12.85 -19.48 31.82
N THR A 62 12.89 -18.59 32.81
CA THR A 62 14.04 -18.46 33.70
C THR A 62 13.95 -19.48 34.83
N ILE A 63 15.04 -20.19 35.08
CA ILE A 63 15.05 -21.21 36.13
C ILE A 63 15.32 -20.59 37.49
N GLY A 64 14.61 -21.07 38.50
CA GLY A 64 14.85 -20.63 39.86
C GLY A 64 14.20 -21.60 40.82
N PRO A 65 14.10 -21.23 42.10
CA PRO A 65 13.53 -22.13 43.10
C PRO A 65 12.17 -22.68 42.67
N ALA A 66 11.38 -21.91 41.95
CA ALA A 66 10.03 -22.37 41.59
C ALA A 66 9.98 -23.32 40.40
N SER A 67 11.10 -23.49 39.70
CA SER A 67 11.10 -24.30 38.49
C SER A 67 12.28 -25.26 38.40
N ARG A 68 13.00 -25.47 39.48
CA ARG A 68 14.18 -26.32 39.40
C ARG A 68 13.84 -27.81 39.32
N SER A 69 12.77 -28.21 40.00
CA SER A 69 12.43 -29.62 40.05
C SER A 69 12.25 -30.22 38.64
N VAL A 70 12.86 -31.39 38.42
CA VAL A 70 12.71 -32.14 37.18
C VAL A 70 11.25 -32.34 36.79
N GLU A 71 10.41 -32.64 37.78
CA GLU A 71 8.98 -32.81 37.54
C GLU A 71 8.30 -31.53 37.09
N ARG A 72 8.66 -30.41 37.69
CA ARG A 72 8.11 -29.11 37.31
C ARG A 72 8.57 -28.75 35.89
N LEU A 73 9.84 -29.01 35.59
CA LEU A 73 10.39 -28.72 34.27
C LEU A 73 9.66 -29.49 33.17
N LYS A 74 9.31 -30.75 33.44
CA LYS A 74 8.56 -31.53 32.47
C LYS A 74 7.19 -30.91 32.17
N GLU A 75 6.51 -30.45 33.22
CA GLU A 75 5.24 -29.73 33.07
C GLU A 75 5.42 -28.44 32.27
N MET A 76 6.56 -27.79 32.47
CA MET A 76 6.84 -26.54 31.75
C MET A 76 7.12 -26.80 30.28
N ILE A 77 7.90 -27.85 29.98
CA ILE A 77 8.15 -28.26 28.62
C ILE A 77 6.83 -28.61 27.96
N LYS A 78 5.99 -29.35 28.68
CA LYS A 78 4.69 -29.71 28.13
C LYS A 78 3.85 -28.46 27.86
N ALA A 79 3.99 -27.45 28.71
CA ALA A 79 3.23 -26.20 28.54
C ALA A 79 3.75 -25.29 27.42
N GLY A 80 4.98 -25.52 26.97
CA GLY A 80 5.49 -24.77 25.84
C GLY A 80 6.89 -24.15 25.94
N MET A 81 7.57 -24.37 27.07
CA MET A 81 8.92 -23.83 27.23
C MET A 81 9.89 -24.38 26.21
N ASN A 82 10.58 -23.49 25.50
CA ASN A 82 11.51 -23.92 24.47
C ASN A 82 12.96 -23.69 24.86
N ILE A 83 13.17 -22.70 25.73
CA ILE A 83 14.52 -22.31 26.13
C ILE A 83 14.55 -22.07 27.63
N ALA A 84 15.49 -22.70 28.33
CA ALA A 84 15.67 -22.47 29.77
C ALA A 84 16.78 -21.45 29.99
N ARG A 85 16.47 -20.40 30.76
CA ARG A 85 17.42 -19.33 31.02
C ARG A 85 18.05 -19.47 32.42
N LEU A 86 19.37 -19.46 32.48
CA LEU A 86 20.08 -19.49 33.75
C LEU A 86 20.56 -18.08 34.05
N ASN A 87 20.09 -17.52 35.17
CA ASN A 87 20.44 -16.15 35.54
C ASN A 87 21.67 -16.14 36.42
N PHE A 88 22.82 -15.81 35.83
CA PHE A 88 24.06 -15.88 36.60
C PHE A 88 24.25 -14.68 37.53
N SER A 89 23.22 -13.84 37.65
CA SER A 89 23.27 -12.76 38.65
C SER A 89 23.21 -13.36 40.05
N HIS A 90 22.65 -14.54 40.16
CA HIS A 90 22.55 -15.20 41.46
C HIS A 90 22.91 -16.68 41.35
N GLY A 91 23.37 -17.24 42.47
CA GLY A 91 23.67 -18.66 42.57
C GLY A 91 25.09 -18.98 42.19
N SER A 92 25.67 -19.98 42.85
CA SER A 92 27.02 -20.42 42.53
C SER A 92 27.07 -21.28 41.26
N HIS A 93 28.28 -21.61 40.82
CA HIS A 93 28.45 -22.50 39.69
C HIS A 93 27.79 -23.85 39.93
N GLU A 94 27.90 -24.36 41.15
CA GLU A 94 27.34 -25.67 41.47
C GLU A 94 25.82 -25.62 41.36
N TYR A 95 25.25 -24.50 41.82
CA TYR A 95 23.81 -24.28 41.71
C TYR A 95 23.35 -24.34 40.25
N HIS A 96 24.10 -23.68 39.37
CA HIS A 96 23.71 -23.64 37.95
C HIS A 96 23.98 -24.98 37.25
N ALA A 97 25.03 -25.67 37.67
CA ALA A 97 25.31 -27.01 37.17
C ALA A 97 24.12 -27.93 37.45
N GLU A 98 23.54 -27.80 38.63
CA GLU A 98 22.36 -28.58 39.02
C GLU A 98 21.13 -28.18 38.19
N SER A 99 20.98 -26.89 37.91
CA SER A 99 19.91 -26.42 37.04
C SER A 99 20.01 -27.05 35.66
N ILE A 100 21.20 -26.97 35.07
CA ILE A 100 21.47 -27.60 33.78
C ILE A 100 21.15 -29.09 33.82
N ALA A 101 21.49 -29.72 34.93
CA ALA A 101 21.33 -31.16 35.09
C ALA A 101 19.86 -31.55 35.04
N ASN A 102 19.03 -30.78 35.75
CA ASN A 102 17.60 -31.05 35.86
C ASN A 102 16.89 -30.82 34.53
N VAL A 103 17.21 -29.72 33.85
CA VAL A 103 16.66 -29.45 32.52
C VAL A 103 16.95 -30.64 31.59
N ARG A 104 18.20 -31.09 31.57
CA ARG A 104 18.58 -32.15 30.64
C ARG A 104 17.87 -33.45 30.97
N GLU A 105 17.67 -33.72 32.26
CA GLU A 105 16.96 -34.93 32.66
C GLU A 105 15.47 -34.83 32.33
N ALA A 106 14.89 -33.65 32.49
CA ALA A 106 13.49 -33.44 32.14
C ALA A 106 13.31 -33.68 30.66
N VAL A 107 14.25 -33.15 29.88
CA VAL A 107 14.15 -33.20 28.42
C VAL A 107 14.24 -34.63 27.92
N GLU A 108 15.11 -35.40 28.55
CA GLU A 108 15.37 -36.76 28.10
C GLU A 108 14.35 -37.75 28.63
N SER A 109 13.72 -37.43 29.76
CA SER A 109 12.83 -38.39 30.40
C SER A 109 11.38 -38.35 29.92
N PHE A 110 11.18 -37.98 28.67
CA PHE A 110 9.86 -38.10 28.05
C PHE A 110 9.72 -39.44 27.34
N SER A 113 9.40 -41.61 22.18
CA SER A 113 9.49 -41.74 20.72
C SER A 113 10.26 -40.59 20.08
N PRO A 114 11.22 -40.92 19.20
CA PRO A 114 12.00 -39.93 18.45
C PRO A 114 11.12 -38.92 17.74
N LEU A 115 9.92 -39.35 17.37
CA LEU A 115 8.97 -38.51 16.64
C LEU A 115 8.32 -37.42 17.49
N SER A 116 8.43 -37.53 18.82
CA SER A 116 7.77 -36.56 19.69
C SER A 116 8.75 -35.76 20.54
N TYR A 117 10.02 -36.13 20.47
CA TYR A 117 11.09 -35.44 21.20
C TYR A 117 11.06 -33.92 20.98
N ARG A 118 11.12 -33.19 22.10
CA ARG A 118 11.21 -31.73 22.07
C ARG A 118 12.55 -31.27 22.63
N PRO A 119 13.44 -30.79 21.75
CA PRO A 119 14.67 -30.17 22.21
C PRO A 119 14.37 -28.92 23.05
N VAL A 120 15.16 -28.69 24.11
CA VAL A 120 15.07 -27.46 24.89
C VAL A 120 16.46 -26.85 24.95
N ALA A 121 16.58 -25.57 24.58
CA ALA A 121 17.89 -24.93 24.60
C ALA A 121 18.22 -24.44 26.00
N ILE A 122 19.50 -24.23 26.27
CA ILE A 122 19.93 -23.74 27.57
C ILE A 122 20.77 -22.52 27.33
N ALA A 123 20.33 -21.40 27.92
CA ALA A 123 20.98 -20.10 27.75
C ALA A 123 21.58 -19.61 29.05
N LEU A 124 22.81 -19.11 28.96
CA LEU A 124 23.50 -18.54 30.10
C LEU A 124 23.40 -17.02 30.05
N ASP A 125 22.71 -16.44 31.02
CA ASP A 125 22.54 -14.99 31.09
C ASP A 125 23.57 -14.37 32.05
N THR A 126 24.55 -13.64 31.52
CA THR A 126 25.68 -13.16 32.34
C THR A 126 25.29 -12.11 33.39
N LYS A 127 26.07 -12.05 34.47
CA LYS A 127 25.84 -11.06 35.53
C LYS A 127 26.07 -9.63 35.03
N GLY A 128 27.20 -9.40 34.41
CA GLY A 128 27.51 -8.09 33.87
C GLY A 128 27.90 -7.10 34.95
N PRO A 129 27.96 -5.81 34.60
CA PRO A 129 28.37 -4.72 35.50
C PRO A 129 27.30 -4.38 36.53
N GLU A 130 27.00 -5.30 37.42
CA GLU A 130 25.97 -5.06 38.44
C GLU A 130 26.51 -4.29 39.62
N ILE A 131 25.76 -3.28 40.05
CA ILE A 131 26.03 -2.60 41.31
C ILE A 131 24.96 -3.03 42.29
N ARG A 132 25.38 -3.51 43.46
CA ARG A 132 24.41 -3.96 44.46
C ARG A 132 24.69 -3.41 45.85
N THR A 133 23.62 -3.21 46.61
CA THR A 133 23.72 -2.78 48.00
C THR A 133 24.13 -3.99 48.86
N GLY A 134 24.29 -3.78 50.16
CA GLY A 134 24.81 -4.82 51.02
C GLY A 134 23.80 -5.53 51.90
N ILE A 135 24.27 -6.44 52.75
CA ILE A 135 23.40 -7.07 53.74
C ILE A 135 23.19 -6.18 54.97
N LEU A 136 21.93 -5.88 55.29
CA LEU A 136 21.60 -5.06 56.46
C LEU A 136 22.13 -5.71 57.74
N GLN A 137 21.64 -5.26 58.90
CA GLN A 137 22.14 -5.88 60.13
C GLN A 137 21.35 -7.14 60.51
N SER A 142 16.45 -8.09 58.07
CA SER A 142 16.17 -8.70 56.78
C SER A 142 15.48 -7.71 55.85
N GLU A 143 14.63 -6.86 56.42
CA GLU A 143 13.96 -5.80 55.67
C GLU A 143 14.01 -4.50 56.45
N VAL A 144 14.27 -3.40 55.75
CA VAL A 144 14.22 -2.08 56.36
C VAL A 144 13.38 -1.13 55.49
N GLU A 145 13.04 0.03 56.04
CA GLU A 145 12.28 1.02 55.28
C GLU A 145 13.00 2.36 55.19
N LEU A 146 13.05 2.90 53.98
CA LEU A 146 13.67 4.20 53.75
C LEU A 146 12.60 5.27 53.62
N VAL A 147 12.26 5.93 54.73
CA VAL A 147 11.21 6.93 54.74
C VAL A 147 11.44 8.04 53.70
N LYS A 148 10.42 8.31 52.90
CA LYS A 148 10.45 9.45 51.99
C LYS A 148 10.87 10.70 52.74
N GLY A 149 11.71 11.53 52.10
CA GLY A 149 12.18 12.75 52.73
C GLY A 149 13.39 12.55 53.63
N SER A 150 13.45 11.41 54.32
CA SER A 150 14.57 11.12 55.21
C SER A 150 15.90 11.23 54.48
N GLN A 151 16.98 11.34 55.26
CA GLN A 151 18.33 11.43 54.69
C GLN A 151 19.01 10.07 54.81
N VAL A 152 19.65 9.64 53.73
CA VAL A 152 20.39 8.38 53.73
C VAL A 152 21.81 8.59 53.21
N LEU A 153 22.76 7.96 53.87
CA LEU A 153 24.15 8.03 53.44
C LEU A 153 24.50 6.82 52.60
N VAL A 154 24.88 7.07 51.35
CA VAL A 154 25.40 6.03 50.48
C VAL A 154 26.89 5.92 50.75
N THR A 155 27.32 4.80 51.32
CA THR A 155 28.72 4.63 51.71
C THR A 155 29.43 3.53 50.94
N VAL A 156 30.71 3.75 50.67
CA VAL A 156 31.57 2.71 50.11
C VAL A 156 32.59 2.27 51.15
N ASP A 157 32.44 2.79 52.36
CA ASP A 157 33.32 2.43 53.47
C ASP A 157 33.07 0.97 53.85
N PRO A 158 34.09 0.13 53.68
CA PRO A 158 33.96 -1.32 53.91
C PRO A 158 33.52 -1.65 55.33
N ALA A 159 33.66 -0.69 56.24
CA ALA A 159 33.20 -0.88 57.60
C ALA A 159 31.69 -1.08 57.63
N PHE A 160 30.98 -0.34 56.77
CA PHE A 160 29.52 -0.38 56.73
C PHE A 160 28.97 -1.48 55.84
N ARG A 161 29.85 -2.34 55.33
CA ARG A 161 29.43 -3.41 54.42
C ARG A 161 28.19 -4.14 54.94
N THR A 162 28.21 -4.52 56.21
CA THR A 162 27.07 -5.20 56.82
C THR A 162 26.31 -4.27 57.77
N ARG A 163 26.66 -2.99 57.75
CA ARG A 163 26.07 -2.02 58.67
C ARG A 163 24.94 -1.24 58.01
N GLY A 164 24.32 -1.83 56.99
CA GLY A 164 23.25 -1.17 56.28
C GLY A 164 21.99 -1.04 57.11
N ASN A 165 21.37 0.14 57.05
CA ASN A 165 20.14 0.39 57.80
C ASN A 165 19.29 1.51 57.22
N ALA A 166 18.23 1.87 57.93
CA ALA A 166 17.22 2.82 57.44
C ALA A 166 17.76 4.20 57.07
N ASN A 167 19.04 4.43 57.34
CA ASN A 167 19.66 5.73 57.03
C ASN A 167 21.00 5.57 56.34
N THR A 168 21.46 4.33 56.23
CA THR A 168 22.78 4.04 55.68
C THR A 168 22.79 2.88 54.71
N VAL A 169 23.00 3.20 53.43
CA VAL A 169 23.09 2.20 52.38
C VAL A 169 24.54 2.03 51.93
N TRP A 170 25.03 0.81 51.97
CA TRP A 170 26.36 0.49 51.44
C TRP A 170 26.25 -0.15 50.05
N VAL A 171 27.14 0.22 49.14
CA VAL A 171 27.15 -0.41 47.80
C VAL A 171 28.52 -0.97 47.42
N ASP A 172 28.52 -1.98 46.57
CA ASP A 172 29.75 -2.69 46.22
C ASP A 172 30.54 -2.03 45.09
N TYR A 173 30.22 -0.79 44.77
CA TYR A 173 30.90 -0.06 43.70
C TYR A 173 31.59 1.19 44.25
N PRO A 174 32.87 1.04 44.64
CA PRO A 174 33.64 2.09 45.32
C PRO A 174 33.64 3.42 44.58
N ASN A 175 33.81 3.36 43.26
CA ASN A 175 33.91 4.58 42.48
C ASN A 175 32.58 5.34 42.37
N ILE A 176 31.52 4.82 42.98
CA ILE A 176 30.23 5.48 42.89
C ILE A 176 30.29 6.92 43.39
N VAL A 177 31.05 7.13 44.46
CA VAL A 177 31.16 8.46 45.08
C VAL A 177 31.78 9.49 44.14
N ARG A 178 32.28 9.04 42.99
CA ARG A 178 32.91 9.94 42.03
C ARG A 178 32.09 10.14 40.75
N VAL A 179 31.18 9.22 40.45
CA VAL A 179 30.41 9.30 39.21
C VAL A 179 29.03 9.94 39.40
N VAL A 180 28.61 10.12 40.64
CA VAL A 180 27.31 10.74 40.91
C VAL A 180 27.49 12.12 41.54
N PRO A 181 27.30 13.16 40.72
CA PRO A 181 27.42 14.56 41.15
C PRO A 181 26.26 14.99 42.03
N VAL A 182 26.44 16.07 42.80
CA VAL A 182 25.36 16.59 43.62
C VAL A 182 24.15 16.87 42.74
N GLY A 183 22.99 16.39 43.17
CA GLY A 183 21.77 16.52 42.36
C GLY A 183 21.46 15.24 41.58
N GLY A 184 22.49 14.44 41.32
CA GLY A 184 22.30 13.18 40.61
C GLY A 184 21.36 12.24 41.33
N ARG A 185 20.78 11.30 40.59
CA ARG A 185 19.86 10.35 41.19
C ARG A 185 20.44 8.93 41.24
N ILE A 186 20.05 8.20 42.29
CA ILE A 186 20.48 6.83 42.49
C ILE A 186 19.24 5.95 42.69
N TYR A 187 19.07 4.97 41.81
CA TYR A 187 17.92 4.09 41.87
C TYR A 187 18.28 2.79 42.54
N ILE A 188 17.36 2.26 43.36
CA ILE A 188 17.59 0.98 44.03
C ILE A 188 16.38 0.06 43.90
N ASP A 189 16.64 -1.22 43.63
CA ASP A 189 15.57 -2.22 43.51
C ASP A 189 14.59 -1.95 42.36
N ASP A 190 14.97 -2.35 41.15
CA ASP A 190 14.17 -2.10 39.95
C ASP A 190 13.72 -0.65 39.86
N GLY A 191 14.60 0.26 40.26
CA GLY A 191 14.33 1.67 40.15
C GLY A 191 13.16 2.14 41.00
N LEU A 192 12.72 1.29 41.92
CA LEU A 192 11.59 1.64 42.79
C LEU A 192 11.99 2.68 43.83
N ILE A 193 13.06 2.40 44.57
CA ILE A 193 13.57 3.37 45.53
C ILE A 193 14.43 4.40 44.80
N SER A 194 14.27 5.67 45.17
CA SER A 194 14.97 6.76 44.51
C SER A 194 15.69 7.66 45.52
N LEU A 195 16.93 8.01 45.21
CA LEU A 195 17.70 8.93 46.05
C LEU A 195 18.30 10.03 45.20
N VAL A 196 18.29 11.25 45.71
CA VAL A 196 18.92 12.36 45.03
C VAL A 196 20.09 12.86 45.89
N VAL A 197 21.25 13.00 45.28
CA VAL A 197 22.44 13.40 46.04
C VAL A 197 22.35 14.86 46.45
N GLN A 198 22.46 15.10 47.75
CA GLN A 198 22.41 16.45 48.29
C GLN A 198 23.81 16.98 48.55
N LYS A 199 24.63 16.18 49.23
CA LYS A 199 25.98 16.59 49.58
C LYS A 199 26.97 15.44 49.42
N ILE A 200 28.07 15.73 48.73
CA ILE A 200 29.15 14.76 48.60
C ILE A 200 30.24 15.02 49.64
N GLY A 201 30.69 13.97 50.32
CA GLY A 201 31.71 14.12 51.34
C GLY A 201 32.59 12.89 51.51
N PRO A 202 33.53 12.95 52.46
CA PRO A 202 34.48 11.87 52.75
C PRO A 202 33.78 10.58 53.19
N GLU A 203 32.61 10.74 53.79
CA GLU A 203 31.85 9.59 54.29
C GLU A 203 31.06 8.94 53.17
N GLY A 204 30.78 9.71 52.12
CA GLY A 204 30.02 9.22 50.98
C GLY A 204 29.02 10.26 50.49
N LEU A 205 28.10 9.83 49.62
CA LEU A 205 27.07 10.74 49.12
C LEU A 205 25.98 10.85 50.16
N VAL A 206 25.68 12.07 50.58
CA VAL A 206 24.54 12.32 51.44
C VAL A 206 23.35 12.61 50.53
N THR A 207 22.27 11.86 50.67
CA THR A 207 21.14 11.98 49.77
C THR A 207 19.83 12.08 50.52
N GLN A 208 18.80 12.56 49.82
CA GLN A 208 17.45 12.52 50.36
C GLN A 208 16.58 11.52 49.59
N VAL A 209 15.89 10.68 50.34
CA VAL A 209 14.99 9.69 49.76
C VAL A 209 13.86 10.36 48.99
N GLU A 210 13.95 10.30 47.67
CA GLU A 210 12.91 10.82 46.79
C GLU A 210 11.70 9.90 46.87
N ASN A 211 11.90 8.63 46.50
CA ASN A 211 10.87 7.61 46.70
C ASN A 211 11.39 6.53 47.65
N GLY A 212 10.67 6.30 48.74
CA GLY A 212 11.10 5.34 49.73
C GLY A 212 10.49 3.98 49.51
N GLY A 213 10.73 3.07 50.44
CA GLY A 213 10.14 1.74 50.35
C GLY A 213 10.91 0.73 51.15
N VAL A 214 10.50 -0.52 51.05
CA VAL A 214 11.17 -1.60 51.76
C VAL A 214 12.44 -2.03 51.05
N LEU A 215 13.57 -1.54 51.55
CA LEU A 215 14.86 -1.99 51.07
C LEU A 215 15.21 -3.29 51.76
N GLY A 216 15.61 -4.29 50.96
CA GLY A 216 16.05 -5.56 51.49
C GLY A 216 17.56 -5.61 51.45
N SER A 217 18.11 -6.80 51.22
CA SER A 217 19.55 -6.99 51.14
C SER A 217 20.03 -7.21 49.72
N ARG A 218 21.16 -6.58 49.37
CA ARG A 218 21.79 -6.78 48.08
C ARG A 218 20.85 -6.50 46.92
N LYS A 219 20.33 -5.27 46.86
CA LYS A 219 19.44 -4.84 45.79
C LYS A 219 20.21 -4.16 44.66
N GLY A 220 19.63 -4.15 43.45
CA GLY A 220 20.28 -3.58 42.30
C GLY A 220 20.32 -2.05 42.34
N VAL A 221 21.43 -1.48 41.88
CA VAL A 221 21.56 -0.03 41.82
C VAL A 221 21.77 0.44 40.39
N ASN A 222 21.02 1.46 39.99
CA ASN A 222 21.22 2.07 38.69
C ASN A 222 21.66 3.51 38.82
N LEU A 223 22.62 3.91 38.00
CA LEU A 223 23.10 5.28 37.98
C LEU A 223 22.91 5.86 36.58
N PRO A 224 21.66 6.18 36.22
CA PRO A 224 21.25 6.58 34.87
C PRO A 224 22.20 7.58 34.19
N GLY A 225 22.33 8.77 34.74
CA GLY A 225 23.16 9.79 34.11
C GLY A 225 24.65 9.48 34.17
N ALA A 226 25.04 8.67 35.14
CA ALA A 226 26.45 8.48 35.48
C ALA A 226 27.36 7.94 34.38
N GLN A 227 28.65 8.20 34.55
CA GLN A 227 29.70 7.66 33.70
C GLN A 227 30.37 6.48 34.42
N VAL A 228 29.68 5.35 34.47
CA VAL A 228 30.17 4.18 35.19
C VAL A 228 31.39 3.55 34.51
N ASP A 229 32.39 3.18 35.32
CA ASP A 229 33.68 2.74 34.81
C ASP A 229 33.93 1.23 34.95
N LEU A 230 32.85 0.46 35.10
CA LEU A 230 32.98 -0.99 35.25
C LEU A 230 33.46 -1.66 33.96
N PRO A 231 34.30 -2.71 34.10
CA PRO A 231 34.99 -3.41 33.02
C PRO A 231 34.13 -3.67 31.77
N GLY A 232 32.91 -4.18 31.95
CA GLY A 232 32.08 -4.53 30.81
C GLY A 232 32.00 -6.04 30.66
N LEU A 233 33.17 -6.68 30.60
CA LEU A 233 33.26 -8.11 30.83
C LEU A 233 34.16 -8.33 32.02
N SER A 234 33.54 -8.58 33.17
CA SER A 234 34.24 -8.78 34.44
C SER A 234 34.95 -10.12 34.52
N GLU A 235 35.90 -10.22 35.45
CA GLU A 235 36.62 -11.46 35.69
C GLU A 235 35.65 -12.58 36.04
N GLN A 236 34.62 -12.25 36.80
CA GLN A 236 33.57 -13.21 37.12
C GLN A 236 32.85 -13.69 35.87
N ASP A 237 32.42 -12.75 35.03
CA ASP A 237 31.75 -13.08 33.78
C ASP A 237 32.56 -14.10 33.00
N VAL A 238 33.85 -13.84 32.87
CA VAL A 238 34.74 -14.73 32.13
C VAL A 238 34.69 -16.15 32.69
N ARG A 239 34.75 -16.26 34.02
CA ARG A 239 34.68 -17.59 34.65
C ARG A 239 33.32 -18.25 34.40
N ASP A 240 32.26 -17.44 34.43
CA ASP A 240 30.92 -17.95 34.19
C ASP A 240 30.81 -18.47 32.75
N LEU A 241 31.33 -17.70 31.80
CA LEU A 241 31.29 -18.07 30.39
C LEU A 241 32.05 -19.37 30.12
N ARG A 242 33.23 -19.50 30.74
CA ARG A 242 34.02 -20.72 30.58
C ARG A 242 33.28 -21.89 31.20
N PHE A 243 32.63 -21.64 32.33
CA PHE A 243 31.75 -22.64 32.93
C PHE A 243 30.69 -23.06 31.90
N GLY A 244 30.10 -22.08 31.21
CA GLY A 244 29.08 -22.38 30.22
C GLY A 244 29.60 -23.27 29.11
N VAL A 245 30.80 -22.96 28.64
CA VAL A 245 31.43 -23.75 27.58
C VAL A 245 31.63 -25.17 28.10
N GLU A 246 32.08 -25.26 29.34
CA GLU A 246 32.38 -26.56 29.94
C GLU A 246 31.13 -27.43 30.07
N HIS A 247 29.99 -26.80 30.29
CA HIS A 247 28.74 -27.55 30.46
C HIS A 247 27.86 -27.56 29.22
N GLY A 248 28.40 -27.11 28.09
CA GLY A 248 27.72 -27.17 26.82
C GLY A 248 26.44 -26.35 26.69
N VAL A 249 26.42 -25.14 27.24
CA VAL A 249 25.25 -24.27 27.00
C VAL A 249 25.13 -23.93 25.51
N ASP A 250 23.90 -23.71 25.04
CA ASP A 250 23.65 -23.45 23.63
C ASP A 250 23.70 -21.96 23.26
N ILE A 251 23.33 -21.12 24.22
CA ILE A 251 23.23 -19.68 24.01
C ILE A 251 23.79 -18.89 25.19
N VAL A 252 24.37 -17.74 24.89
CA VAL A 252 24.77 -16.78 25.90
C VAL A 252 24.00 -15.47 25.70
N PHE A 253 23.31 -15.00 26.74
CA PHE A 253 22.75 -13.65 26.76
C PHE A 253 23.77 -12.72 27.40
N ALA A 254 24.42 -11.89 26.59
CA ALA A 254 25.48 -11.04 27.11
C ALA A 254 24.93 -9.71 27.68
N SER A 255 25.20 -9.44 28.96
CA SER A 255 24.64 -8.27 29.64
C SER A 255 25.32 -6.96 29.22
N PHE A 256 24.54 -5.88 29.25
CA PHE A 256 25.04 -4.53 28.96
C PHE A 256 26.02 -4.43 27.80
N VAL A 257 25.63 -4.94 26.63
CA VAL A 257 26.45 -4.74 25.44
C VAL A 257 26.25 -3.32 24.94
N ARG A 258 27.36 -2.60 24.72
CA ARG A 258 27.31 -1.19 24.36
C ARG A 258 27.96 -0.92 23.02
N LYS A 259 28.72 -1.89 22.52
CA LYS A 259 29.47 -1.70 21.29
C LYS A 259 29.99 -3.03 20.77
N ALA A 260 30.40 -3.04 19.51
CA ALA A 260 30.89 -4.25 18.86
C ALA A 260 31.96 -4.94 19.68
N SER A 261 32.89 -4.18 20.25
CA SER A 261 34.01 -4.75 20.99
C SER A 261 33.59 -5.46 22.27
N ASP A 262 32.41 -5.14 22.79
CA ASP A 262 31.86 -5.85 23.94
C ASP A 262 31.51 -7.29 23.56
N VAL A 263 30.99 -7.47 22.34
CA VAL A 263 30.65 -8.80 21.85
C VAL A 263 31.91 -9.62 21.53
N ALA A 264 32.94 -8.95 21.02
CA ALA A 264 34.23 -9.59 20.76
C ALA A 264 34.82 -10.15 22.04
N ALA A 265 34.72 -9.38 23.12
CA ALA A 265 35.19 -9.84 24.42
C ALA A 265 34.51 -11.15 24.78
N VAL A 266 33.20 -11.19 24.62
CA VAL A 266 32.44 -12.39 24.93
C VAL A 266 32.91 -13.56 24.08
N ARG A 267 33.03 -13.33 22.78
CA ARG A 267 33.46 -14.37 21.85
C ARG A 267 34.83 -14.90 22.30
N ALA A 268 35.72 -13.99 22.64
CA ALA A 268 37.06 -14.34 23.12
C ALA A 268 37.02 -15.17 24.39
N ALA A 269 36.22 -14.74 25.36
CA ALA A 269 36.12 -15.47 26.63
C ALA A 269 35.59 -16.89 26.44
N LEU A 270 34.82 -17.11 25.37
CA LEU A 270 34.25 -18.41 25.08
C LEU A 270 35.31 -19.34 24.48
N GLY A 271 36.21 -18.75 23.71
CA GLY A 271 37.38 -19.45 23.22
C GLY A 271 37.11 -20.40 22.08
N PRO A 272 38.14 -21.16 21.69
CA PRO A 272 38.06 -22.09 20.57
C PRO A 272 36.90 -23.07 20.75
N GLU A 273 36.74 -23.60 21.96
CA GLU A 273 35.75 -24.63 22.23
C GLU A 273 34.31 -24.11 22.23
N GLY A 274 34.14 -22.79 22.34
CA GLY A 274 32.81 -22.25 22.43
C GLY A 274 32.38 -21.52 21.17
N HIS A 275 33.01 -21.86 20.05
CA HIS A 275 32.74 -21.14 18.81
C HIS A 275 31.33 -21.41 18.27
N GLY A 276 30.71 -22.50 18.69
CA GLY A 276 29.38 -22.85 18.21
C GLY A 276 28.25 -22.25 19.03
N ILE A 277 28.60 -21.56 20.11
CA ILE A 277 27.61 -20.96 21.00
C ILE A 277 27.08 -19.65 20.42
N LYS A 278 25.77 -19.49 20.38
CA LYS A 278 25.15 -18.25 19.88
C LYS A 278 25.23 -17.12 20.90
N ILE A 279 25.61 -15.93 20.43
CA ILE A 279 25.69 -14.76 21.28
C ILE A 279 24.53 -13.81 21.02
N ILE A 280 23.68 -13.66 22.02
CA ILE A 280 22.56 -12.73 21.97
C ILE A 280 22.92 -11.50 22.83
N SER A 281 23.09 -10.34 22.19
CA SER A 281 23.50 -9.15 22.93
C SER A 281 22.32 -8.49 23.61
N LYS A 282 22.42 -8.27 24.91
CA LYS A 282 21.39 -7.57 25.66
C LYS A 282 21.59 -6.06 25.55
N ILE A 283 20.61 -5.38 24.97
CA ILE A 283 20.61 -3.92 24.92
C ILE A 283 19.85 -3.37 26.14
N GLU A 284 20.56 -2.61 26.97
CA GLU A 284 20.04 -2.28 28.30
C GLU A 284 20.32 -0.85 28.68
N ASN A 285 20.94 -0.08 27.80
CA ASN A 285 21.20 1.32 28.10
C ASN A 285 21.26 2.18 26.85
N HIS A 286 21.40 3.48 27.03
CA HIS A 286 21.38 4.44 25.92
C HIS A 286 22.42 4.14 24.84
N GLU A 287 23.66 3.87 25.25
CA GLU A 287 24.73 3.65 24.27
C GLU A 287 24.44 2.42 23.40
N GLY A 288 23.89 1.38 24.01
CA GLY A 288 23.58 0.16 23.29
C GLY A 288 22.50 0.41 22.26
N VAL A 289 21.51 1.22 22.63
CA VAL A 289 20.47 1.56 21.67
C VAL A 289 21.05 2.35 20.50
N LYS A 290 21.94 3.28 20.79
CA LYS A 290 22.49 4.16 19.76
C LYS A 290 23.54 3.47 18.90
N ARG A 291 24.23 2.48 19.45
CA ARG A 291 25.18 1.71 18.64
C ARG A 291 24.61 0.35 18.25
N PHE A 292 23.29 0.27 18.23
CA PHE A 292 22.59 -0.96 17.87
C PHE A 292 23.10 -1.61 16.58
N ASP A 293 23.22 -0.80 15.53
CA ASP A 293 23.61 -1.36 14.23
C ASP A 293 24.94 -2.11 14.28
N GLU A 294 25.96 -1.50 14.87
CA GLU A 294 27.26 -2.15 14.95
C GLU A 294 27.22 -3.39 15.84
N ILE A 295 26.34 -3.37 16.84
CA ILE A 295 26.18 -4.51 17.73
C ILE A 295 25.46 -5.67 17.02
N LEU A 296 24.36 -5.37 16.36
CA LEU A 296 23.59 -6.41 15.68
C LEU A 296 24.46 -7.09 14.63
N GLU A 297 25.34 -6.31 14.02
CA GLU A 297 26.19 -6.81 12.95
C GLU A 297 27.10 -7.94 13.39
N VAL A 298 27.60 -7.88 14.62
CA VAL A 298 28.49 -8.93 15.11
C VAL A 298 27.82 -9.91 16.08
N SER A 299 26.53 -9.73 16.34
CA SER A 299 25.81 -10.63 17.24
C SER A 299 24.98 -11.64 16.45
N ASP A 300 24.60 -12.74 17.09
CA ASP A 300 23.68 -13.68 16.48
C ASP A 300 22.24 -13.22 16.64
N GLY A 301 22.02 -12.35 17.63
CA GLY A 301 20.68 -11.86 17.90
C GLY A 301 20.69 -10.84 19.00
N ILE A 302 19.49 -10.38 19.37
CA ILE A 302 19.35 -9.28 20.30
C ILE A 302 18.32 -9.61 21.38
N MET A 303 18.58 -9.18 22.61
CA MET A 303 17.53 -9.14 23.61
C MET A 303 17.18 -7.70 23.94
N VAL A 304 15.91 -7.34 23.84
CA VAL A 304 15.47 -6.05 24.39
C VAL A 304 15.28 -6.21 25.89
N ALA A 305 16.28 -5.79 26.67
CA ALA A 305 16.29 -6.08 28.10
C ALA A 305 15.62 -4.94 28.84
N ARG A 306 14.30 -5.02 28.93
CA ARG A 306 13.50 -3.86 29.29
C ARG A 306 13.66 -3.42 30.74
N GLY A 307 14.07 -4.36 31.60
CA GLY A 307 14.21 -4.06 33.02
C GLY A 307 15.17 -2.92 33.22
N ASP A 308 16.43 -3.16 32.86
CA ASP A 308 17.47 -2.14 33.01
C ASP A 308 17.25 -1.00 32.04
N LEU A 309 16.75 -1.31 30.85
CA LEU A 309 16.58 -0.27 29.85
C LEU A 309 15.58 0.79 30.33
N GLY A 310 14.49 0.35 30.97
CA GLY A 310 13.47 1.27 31.42
C GLY A 310 13.88 2.04 32.66
N ILE A 311 15.11 1.84 33.14
CA ILE A 311 15.68 2.70 34.18
C ILE A 311 16.78 3.57 33.60
N GLU A 312 17.61 2.98 32.73
CA GLU A 312 18.74 3.69 32.12
C GLU A 312 18.30 4.80 31.16
N ILE A 313 17.15 4.60 30.50
CA ILE A 313 16.53 5.66 29.71
C ILE A 313 15.13 5.84 30.29
N PRO A 314 14.44 6.94 29.91
CA PRO A 314 13.12 7.15 30.52
C PRO A 314 12.14 6.02 30.22
N ALA A 315 11.34 5.62 31.21
CA ALA A 315 10.46 4.47 31.05
C ALA A 315 9.55 4.62 29.83
N GLU A 316 9.16 5.86 29.53
CA GLU A 316 8.22 6.14 28.44
C GLU A 316 8.82 6.04 27.02
N LYS A 317 10.13 5.87 26.93
CA LYS A 317 10.79 5.70 25.63
C LYS A 317 11.11 4.23 25.29
N VAL A 318 10.91 3.32 26.23
CA VAL A 318 11.30 1.93 25.99
C VAL A 318 10.58 1.31 24.79
N PHE A 319 9.29 1.56 24.65
CA PHE A 319 8.55 0.97 23.52
C PHE A 319 9.16 1.40 22.18
N LEU A 320 9.72 2.59 22.12
CA LEU A 320 10.31 3.06 20.86
C LEU A 320 11.56 2.25 20.57
N ALA A 321 12.37 2.02 21.59
CA ALA A 321 13.56 1.20 21.45
C ALA A 321 13.17 -0.21 21.07
N GLN A 322 12.17 -0.76 21.75
CA GLN A 322 11.76 -2.14 21.47
C GLN A 322 11.27 -2.30 20.03
N LYS A 323 10.39 -1.41 19.60
CA LYS A 323 9.83 -1.48 18.26
C LYS A 323 10.89 -1.30 17.20
N MET A 324 11.83 -0.38 17.44
CA MET A 324 12.93 -0.15 16.52
C MET A 324 13.85 -1.38 16.47
N MET A 325 14.17 -1.96 17.63
CA MET A 325 15.11 -3.07 17.60
C MET A 325 14.52 -4.31 16.97
N ILE A 326 13.27 -4.61 17.25
CA ILE A 326 12.59 -5.75 16.64
C ILE A 326 12.51 -5.58 15.13
N GLY A 327 12.17 -4.39 14.69
CA GLY A 327 12.13 -4.06 13.27
C GLY A 327 13.46 -4.29 12.59
N ARG A 328 14.55 -3.77 13.17
CA ARG A 328 15.85 -3.94 12.52
C ARG A 328 16.33 -5.40 12.55
N CYS A 329 16.04 -6.12 13.64
CA CYS A 329 16.34 -7.55 13.64
C CYS A 329 15.52 -8.31 12.58
N ASN A 330 14.24 -7.95 12.45
CA ASN A 330 13.40 -8.61 11.46
C ASN A 330 13.97 -8.41 10.05
N LEU A 331 14.38 -7.18 9.75
CA LEU A 331 15.00 -6.84 8.49
C LEU A 331 16.27 -7.66 8.25
N ALA A 332 17.08 -7.78 9.31
CA ALA A 332 18.36 -8.45 9.23
C ALA A 332 18.24 -9.97 9.25
N GLY A 333 17.07 -10.47 9.59
CA GLY A 333 16.88 -11.91 9.71
C GLY A 333 17.58 -12.53 10.90
N LYS A 334 17.68 -11.79 12.00
CA LYS A 334 18.30 -12.30 13.21
C LYS A 334 17.31 -12.25 14.38
N PRO A 335 17.35 -13.29 15.24
CA PRO A 335 16.45 -13.47 16.39
C PRO A 335 16.45 -12.28 17.34
N VAL A 336 15.26 -11.87 17.78
CA VAL A 336 15.18 -10.81 18.77
C VAL A 336 14.26 -11.28 19.89
N VAL A 337 14.67 -11.02 21.13
CA VAL A 337 13.91 -11.44 22.29
C VAL A 337 13.35 -10.22 23.00
N CYS A 338 12.09 -10.32 23.39
CA CYS A 338 11.46 -9.36 24.27
C CYS A 338 11.42 -9.88 25.67
N ALA A 339 11.93 -9.09 26.60
CA ALA A 339 12.11 -9.54 27.94
C ALA A 339 11.62 -8.58 29.00
N THR A 340 11.32 -9.14 30.11
CA THR A 340 11.17 -8.48 31.38
C THR A 340 9.78 -7.96 31.69
N GLN A 341 9.24 -8.53 32.73
CA GLN A 341 7.97 -8.11 33.32
C GLN A 341 6.73 -8.31 32.42
N MET A 342 6.79 -9.28 31.53
CA MET A 342 5.70 -9.46 30.56
C MET A 342 4.40 -9.93 31.22
N LEU A 343 4.53 -10.80 32.22
CA LEU A 343 3.38 -11.30 32.98
C LEU A 343 3.63 -11.16 34.48
N GLU A 344 4.31 -10.08 34.86
CA GLU A 344 4.77 -9.86 36.23
C GLU A 344 3.77 -10.25 37.31
N SER A 345 2.53 -9.78 37.20
CA SER A 345 1.57 -10.00 38.27
C SER A 345 1.35 -11.47 38.56
N MET A 346 1.71 -12.33 37.61
CA MET A 346 1.51 -13.77 37.76
C MET A 346 2.51 -14.40 38.74
N ILE A 347 3.48 -13.64 39.18
CA ILE A 347 4.34 -14.09 40.27
C ILE A 347 3.48 -14.42 41.49
N THR A 348 2.44 -13.61 41.76
CA THR A 348 1.55 -13.93 42.89
C THR A 348 0.10 -14.26 42.52
N LYS A 349 -0.34 -13.90 41.32
CA LYS A 349 -1.71 -14.19 40.93
C LYS A 349 -1.80 -15.21 39.79
N ALA A 350 -2.88 -15.95 39.79
CA ALA A 350 -3.19 -17.01 38.86
C ALA A 350 -3.53 -16.55 37.42
N ARG A 351 -3.95 -15.32 37.27
CA ARG A 351 -4.30 -14.71 35.98
C ARG A 351 -3.55 -13.39 35.86
N PRO A 352 -3.14 -13.03 34.63
CA PRO A 352 -2.40 -11.80 34.37
C PRO A 352 -3.32 -10.59 34.32
N THR A 353 -2.76 -9.38 34.38
CA THR A 353 -3.56 -8.16 34.19
C THR A 353 -3.83 -7.93 32.71
N ARG A 354 -4.69 -6.97 32.39
CA ARG A 354 -5.05 -6.72 30.99
C ARG A 354 -3.87 -6.09 30.23
N ALA A 355 -3.03 -5.34 30.94
CA ALA A 355 -1.84 -4.74 30.33
C ALA A 355 -0.78 -5.78 29.96
N GLU A 356 -0.66 -6.81 30.80
CA GLU A 356 0.33 -7.85 30.57
C GLU A 356 -0.03 -8.72 29.36
N THR A 357 -1.29 -9.12 29.25
CA THR A 357 -1.69 -9.90 28.07
C THR A 357 -1.49 -9.07 26.82
N SER A 358 -1.81 -7.79 26.91
CA SER A 358 -1.63 -6.86 25.80
C SER A 358 -0.16 -6.75 25.39
N ASP A 359 0.73 -6.64 26.37
CA ASP A 359 2.18 -6.57 26.15
C ASP A 359 2.78 -7.81 25.44
N VAL A 360 2.36 -9.01 25.86
CA VAL A 360 2.78 -10.24 25.18
C VAL A 360 2.28 -10.20 23.73
N ALA A 361 1.00 -9.93 23.53
CA ALA A 361 0.46 -9.92 22.17
C ALA A 361 1.18 -8.90 21.28
N ASN A 362 1.42 -7.70 21.80
CA ASN A 362 2.10 -6.66 21.02
C ASN A 362 3.56 -6.96 20.72
N ALA A 363 4.23 -7.66 21.63
CA ALA A 363 5.60 -8.10 21.36
C ALA A 363 5.59 -9.05 20.14
N VAL A 364 4.62 -9.96 20.10
CA VAL A 364 4.52 -10.86 18.95
C VAL A 364 4.20 -10.07 17.68
N LEU A 365 3.22 -9.18 17.76
CA LEU A 365 2.83 -8.35 16.62
C LEU A 365 3.96 -7.43 16.17
N ASP A 366 4.77 -6.96 17.11
CA ASP A 366 5.96 -6.16 16.77
C ASP A 366 6.93 -6.94 15.87
N GLY A 367 7.04 -8.25 16.10
CA GLY A 367 7.93 -9.11 15.32
C GLY A 367 8.90 -9.95 16.14
N ALA A 368 8.72 -10.01 17.46
CA ALA A 368 9.67 -10.72 18.32
C ALA A 368 9.76 -12.20 17.95
N ASP A 369 10.97 -12.77 17.94
CA ASP A 369 11.14 -14.22 17.78
C ASP A 369 10.89 -15.00 19.06
N CYS A 370 11.22 -14.38 20.18
CA CYS A 370 11.10 -15.00 21.50
C CYS A 370 10.49 -14.01 22.48
N ILE A 371 9.76 -14.54 23.45
CA ILE A 371 9.29 -13.75 24.57
C ILE A 371 9.78 -14.48 25.80
N MET A 372 9.92 -13.77 26.90
CA MET A 372 10.62 -14.32 28.04
C MET A 372 9.85 -14.12 29.34
N LEU A 373 10.10 -15.04 30.27
CA LEU A 373 9.56 -15.00 31.61
C LEU A 373 10.75 -15.06 32.57
N SER A 374 10.69 -14.25 33.63
CA SER A 374 11.73 -14.23 34.66
C SER A 374 11.15 -14.63 35.99
N GLY A 375 10.85 -13.64 36.83
CA GLY A 375 10.31 -13.90 38.16
C GLY A 375 9.14 -14.86 38.07
N GLU A 376 8.36 -14.71 37.00
CA GLU A 376 7.15 -15.51 36.81
C GLU A 376 7.42 -17.00 36.86
N THR A 377 8.55 -17.45 36.30
CA THR A 377 8.90 -18.87 36.37
C THR A 377 10.03 -19.13 37.35
N ALA A 378 10.86 -18.13 37.63
CA ALA A 378 12.00 -18.33 38.51
C ALA A 378 11.58 -18.47 39.99
N LYS A 379 10.68 -17.61 40.44
CA LYS A 379 10.37 -17.54 41.87
C LYS A 379 8.87 -17.50 42.21
N GLY A 380 8.01 -17.29 41.23
CA GLY A 380 6.59 -17.12 41.51
C GLY A 380 5.81 -18.38 41.83
N ASN A 381 4.53 -18.20 42.14
CA ASN A 381 3.67 -19.30 42.53
C ASN A 381 2.96 -20.00 41.36
N PHE A 382 3.07 -19.46 40.16
CA PHE A 382 2.36 -20.05 39.02
C PHE A 382 3.24 -20.20 37.77
N PRO A 383 4.42 -20.82 37.91
CA PRO A 383 5.38 -20.94 36.80
C PRO A 383 4.81 -21.66 35.58
N VAL A 384 4.09 -22.76 35.78
CA VAL A 384 3.52 -23.49 34.63
C VAL A 384 2.38 -22.70 34.00
N GLU A 385 1.55 -22.09 34.83
CA GLU A 385 0.47 -21.25 34.33
C GLU A 385 0.99 -20.07 33.53
N ALA A 386 2.13 -19.52 33.93
CA ALA A 386 2.69 -18.40 33.20
C ALA A 386 3.18 -18.83 31.81
N VAL A 387 3.78 -20.03 31.73
CA VAL A 387 4.19 -20.54 30.42
C VAL A 387 2.97 -20.79 29.54
N LYS A 388 1.94 -21.42 30.12
CA LYS A 388 0.71 -21.67 29.39
C LYS A 388 0.05 -20.37 28.90
N MET A 389 0.03 -19.33 29.74
CA MET A 389 -0.55 -18.06 29.33
C MET A 389 0.21 -17.42 28.15
N GLN A 390 1.53 -17.39 28.22
CA GLN A 390 2.30 -16.89 27.07
C GLN A 390 2.04 -17.69 25.79
N HIS A 391 1.85 -19.00 25.94
CA HIS A 391 1.59 -19.85 24.79
C HIS A 391 0.25 -19.48 24.17
N ALA A 392 -0.77 -19.35 25.01
CA ALA A 392 -2.11 -19.02 24.54
C ALA A 392 -2.15 -17.66 23.85
N ILE A 393 -1.48 -16.68 24.44
CA ILE A 393 -1.48 -15.35 23.84
C ILE A 393 -0.74 -15.33 22.50
N ALA A 394 0.45 -15.93 22.48
CA ALA A 394 1.30 -15.90 21.29
C ALA A 394 0.55 -16.54 20.13
N ARG A 395 -0.19 -17.59 20.43
CA ARG A 395 -0.90 -18.30 19.37
C ARG A 395 -1.97 -17.41 18.74
N GLU A 396 -2.76 -16.72 19.58
CA GLU A 396 -3.75 -15.77 19.07
C GLU A 396 -3.08 -14.64 18.28
N ALA A 397 -1.95 -14.16 18.79
CA ALA A 397 -1.29 -13.00 18.20
C ALA A 397 -0.71 -13.32 16.84
N GLU A 398 -0.11 -14.51 16.74
CA GLU A 398 0.53 -14.92 15.48
C GLU A 398 -0.48 -15.04 14.35
N ALA A 399 -1.69 -15.50 14.66
CA ALA A 399 -2.74 -15.58 13.66
C ALA A 399 -3.21 -14.18 13.22
N ALA A 400 -3.05 -13.18 14.10
CA ALA A 400 -3.46 -11.80 13.81
C ALA A 400 -2.42 -10.97 13.05
N VAL A 401 -1.28 -11.57 12.74
CA VAL A 401 -0.25 -10.89 11.97
C VAL A 401 -0.76 -10.66 10.54
N TYR A 402 -0.61 -9.44 10.03
CA TYR A 402 -1.04 -9.09 8.67
C TYR A 402 0.07 -9.48 7.70
N HIS A 403 0.15 -10.76 7.37
CA HIS A 403 1.23 -11.25 6.50
C HIS A 403 1.33 -10.51 5.17
N ARG A 404 0.19 -10.15 4.61
CA ARG A 404 0.17 -9.48 3.31
C ARG A 404 1.13 -8.29 3.30
N GLN A 405 1.05 -7.46 4.34
CA GLN A 405 1.92 -6.28 4.41
C GLN A 405 3.34 -6.64 4.83
N LEU A 406 3.44 -7.51 5.84
CA LEU A 406 4.75 -7.87 6.38
C LEU A 406 5.62 -8.58 5.34
N PHE A 407 5.06 -9.58 4.68
CA PHE A 407 5.83 -10.30 3.67
C PHE A 407 6.30 -9.33 2.60
N GLU A 408 5.38 -8.55 2.04
CA GLU A 408 5.72 -7.60 0.98
C GLU A 408 6.79 -6.59 1.42
N GLU A 409 6.68 -6.07 2.64
CA GLU A 409 7.69 -5.13 3.12
C GLU A 409 9.07 -5.79 3.36
N LEU A 410 9.08 -7.01 3.89
CA LEU A 410 10.34 -7.71 4.12
C LEU A 410 10.98 -8.05 2.78
N ARG A 411 10.15 -8.57 1.88
CA ARG A 411 10.57 -8.93 0.53
C ARG A 411 11.26 -7.75 -0.15
N ARG A 412 10.60 -6.60 -0.16
CA ARG A 412 11.11 -5.42 -0.85
C ARG A 412 12.31 -4.75 -0.18
N ALA A 413 12.56 -5.10 1.08
CA ALA A 413 13.67 -4.51 1.81
C ALA A 413 14.89 -5.40 1.69
N ALA A 414 14.67 -6.71 1.78
CA ALA A 414 15.77 -7.66 1.65
C ALA A 414 16.43 -7.45 0.27
N PRO A 415 17.75 -7.64 0.22
CA PRO A 415 18.48 -7.33 -1.01
C PRO A 415 18.54 -8.52 -1.98
N LEU A 416 18.61 -8.20 -3.27
CA LEU A 416 18.80 -9.22 -4.27
C LEU A 416 19.89 -10.14 -3.77
N SER A 417 19.76 -11.42 -4.08
CA SER A 417 20.71 -12.39 -3.58
C SER A 417 21.03 -13.43 -4.64
N ARG A 418 22.30 -13.76 -4.77
CA ARG A 418 22.71 -14.87 -5.61
C ARG A 418 23.04 -16.11 -4.76
N ASP A 419 22.67 -16.08 -3.48
CA ASP A 419 22.85 -17.26 -2.62
C ASP A 419 21.66 -18.19 -2.80
N PRO A 420 21.91 -19.40 -3.30
CA PRO A 420 20.83 -20.33 -3.63
C PRO A 420 19.95 -20.69 -2.45
N THR A 421 20.50 -20.67 -1.24
CA THR A 421 19.70 -20.92 -0.04
C THR A 421 18.71 -19.76 0.16
N GLU A 422 19.19 -18.54 0.01
CA GLU A 422 18.31 -17.36 0.10
C GLU A 422 17.23 -17.35 -1.00
N VAL A 423 17.63 -17.67 -2.23
CA VAL A 423 16.68 -17.73 -3.34
C VAL A 423 15.61 -18.81 -3.12
N THR A 424 16.04 -20.00 -2.69
CA THR A 424 15.12 -21.11 -2.46
C THR A 424 14.14 -20.76 -1.33
N ALA A 425 14.64 -20.09 -0.29
CA ALA A 425 13.80 -19.76 0.86
C ALA A 425 12.63 -18.85 0.47
N ILE A 426 12.90 -17.81 -0.32
CA ILE A 426 11.78 -16.91 -0.64
C ILE A 426 10.79 -17.59 -1.60
N GLY A 427 11.32 -18.39 -2.51
CA GLY A 427 10.48 -19.21 -3.38
C GLY A 427 9.59 -20.15 -2.59
N ALA A 428 10.18 -20.82 -1.60
CA ALA A 428 9.44 -21.72 -0.72
C ALA A 428 8.35 -21.01 0.09
N VAL A 429 8.67 -19.84 0.65
CA VAL A 429 7.68 -19.13 1.44
C VAL A 429 6.57 -18.57 0.55
N GLU A 430 6.95 -18.07 -0.62
CA GLU A 430 5.96 -17.62 -1.59
C GLU A 430 5.04 -18.76 -1.98
N ALA A 431 5.62 -19.92 -2.27
CA ALA A 431 4.84 -21.10 -2.65
C ALA A 431 3.88 -21.50 -1.54
N ALA A 432 4.38 -21.51 -0.30
CA ALA A 432 3.57 -21.80 0.87
C ALA A 432 2.33 -20.91 0.98
N PHE A 433 2.51 -19.61 0.77
CA PHE A 433 1.39 -18.67 0.83
C PHE A 433 0.34 -18.93 -0.25
N LYS A 434 0.80 -19.47 -1.38
CA LYS A 434 -0.07 -19.69 -2.56
C LYS A 434 -1.07 -20.81 -2.30
N CYS A 435 -0.65 -21.84 -1.55
CA CYS A 435 -1.47 -23.03 -1.39
C CYS A 435 -1.95 -23.29 0.04
N MET A 436 -1.65 -22.36 0.96
CA MET A 436 -1.95 -22.55 2.38
C MET A 436 -1.26 -23.80 2.89
N ALA A 437 0.02 -23.93 2.60
CA ALA A 437 0.80 -25.10 2.98
C ALA A 437 0.73 -25.29 4.48
N ALA A 438 0.57 -26.54 4.92
CA ALA A 438 0.58 -26.85 6.33
C ALA A 438 1.98 -26.66 6.92
N ALA A 439 3.00 -26.94 6.13
CA ALA A 439 4.36 -26.83 6.63
C ALA A 439 5.35 -26.64 5.51
N ILE A 440 6.51 -26.11 5.85
CA ILE A 440 7.69 -26.18 5.03
C ILE A 440 8.69 -27.07 5.77
N ILE A 441 9.01 -28.21 5.17
CA ILE A 441 9.96 -29.14 5.76
C ILE A 441 11.32 -28.89 5.16
N VAL A 442 12.31 -28.66 6.01
CA VAL A 442 13.63 -28.30 5.53
C VAL A 442 14.69 -29.15 6.21
N LEU A 443 15.64 -29.64 5.43
CA LEU A 443 16.81 -30.31 5.98
C LEU A 443 17.87 -29.27 6.25
N THR A 444 18.51 -29.36 7.40
CA THR A 444 19.50 -28.35 7.77
C THR A 444 20.56 -28.91 8.70
N THR A 445 21.81 -28.52 8.47
CA THR A 445 22.91 -29.00 9.29
C THR A 445 23.18 -28.03 10.44
N THR A 446 23.15 -26.74 10.14
CA THR A 446 23.50 -25.68 11.09
C THR A 446 22.30 -24.88 11.58
N GLY A 447 21.15 -25.07 10.95
CA GLY A 447 19.99 -24.25 11.26
C GLY A 447 19.72 -23.17 10.21
N ARG A 448 20.76 -22.75 9.52
CA ARG A 448 20.70 -21.63 8.58
C ARG A 448 19.56 -21.69 7.55
N SER A 449 19.32 -22.86 6.94
CA SER A 449 18.30 -22.94 5.90
C SER A 449 16.93 -22.68 6.51
N ALA A 450 16.77 -23.13 7.76
CA ALA A 450 15.54 -22.89 8.51
C ALA A 450 15.43 -21.42 8.87
N GLN A 451 16.57 -20.81 9.21
CA GLN A 451 16.58 -19.42 9.62
C GLN A 451 16.14 -18.50 8.48
N LEU A 452 16.66 -18.75 7.28
CA LEU A 452 16.35 -17.91 6.12
C LEU A 452 14.90 -18.08 5.68
N LEU A 453 14.29 -19.19 6.04
CA LEU A 453 12.86 -19.38 5.81
C LEU A 453 12.06 -18.56 6.83
N SER A 454 12.40 -18.71 8.11
CA SER A 454 11.70 -18.04 9.20
CA SER A 454 11.68 -18.04 9.19
C SER A 454 11.66 -16.52 9.04
N ARG A 455 12.67 -15.95 8.41
CA ARG A 455 12.79 -14.50 8.34
C ARG A 455 11.67 -13.85 7.54
N TYR A 456 11.00 -14.62 6.67
CA TYR A 456 9.89 -14.09 5.88
C TYR A 456 8.59 -14.31 6.62
N ARG A 457 8.69 -14.86 7.82
CA ARG A 457 7.50 -15.11 8.62
C ARG A 457 6.38 -15.82 7.85
N PRO A 458 6.63 -17.05 7.40
CA PRO A 458 5.51 -17.71 6.73
C PRO A 458 4.44 -18.07 7.75
N ARG A 459 3.20 -18.24 7.29
CA ARG A 459 2.18 -18.83 8.14
C ARG A 459 2.44 -20.31 8.36
N ALA A 460 2.98 -20.98 7.34
CA ALA A 460 3.29 -22.41 7.42
C ALA A 460 4.39 -22.65 8.47
N ALA A 461 4.24 -23.72 9.25
CA ALA A 461 5.29 -24.12 10.19
C ALA A 461 6.55 -24.51 9.43
N VAL A 462 7.70 -24.08 9.92
CA VAL A 462 8.96 -24.54 9.38
C VAL A 462 9.45 -25.75 10.21
N ILE A 463 9.31 -26.94 9.65
CA ILE A 463 9.74 -28.16 10.33
C ILE A 463 11.16 -28.45 9.91
N ALA A 464 12.12 -28.25 10.82
CA ALA A 464 13.52 -28.38 10.48
C ALA A 464 14.07 -29.73 10.97
N VAL A 465 14.54 -30.54 10.03
CA VAL A 465 15.07 -31.85 10.37
C VAL A 465 16.59 -31.79 10.35
N THR A 466 17.21 -32.17 11.46
CA THR A 466 18.65 -32.03 11.57
C THR A 466 19.24 -33.20 12.34
N ARG A 467 20.50 -33.48 12.08
CA ARG A 467 21.25 -34.43 12.91
C ARG A 467 22.00 -33.74 14.04
N SER A 468 22.09 -32.41 14.01
CA SER A 468 22.83 -31.71 15.04
C SER A 468 21.96 -31.37 16.27
N ALA A 469 22.22 -32.06 17.38
CA ALA A 469 21.43 -31.87 18.59
C ALA A 469 21.52 -30.42 19.04
N GLN A 470 22.68 -29.81 18.88
CA GLN A 470 22.84 -28.43 19.29
C GLN A 470 22.13 -27.48 18.33
N ALA A 471 22.23 -27.72 17.02
CA ALA A 471 21.48 -26.88 16.08
C ALA A 471 19.99 -26.99 16.35
N ALA A 472 19.55 -28.19 16.71
CA ALA A 472 18.14 -28.40 17.05
C ALA A 472 17.69 -27.53 18.23
N ARG A 473 18.56 -27.39 19.23
CA ARG A 473 18.24 -26.51 20.36
C ARG A 473 18.32 -25.03 19.97
N GLN A 474 19.39 -24.65 19.28
CA GLN A 474 19.62 -23.24 18.96
C GLN A 474 18.57 -22.65 18.03
N VAL A 475 18.02 -23.48 17.15
CA VAL A 475 17.06 -22.96 16.19
C VAL A 475 15.76 -22.53 16.88
N HIS A 476 15.59 -22.86 18.15
CA HIS A 476 14.44 -22.35 18.91
C HIS A 476 14.44 -20.83 19.03
N LEU A 477 15.55 -20.20 18.67
CA LEU A 477 15.64 -18.75 18.70
C LEU A 477 14.82 -18.11 17.58
N CYS A 478 14.50 -18.90 16.55
CA CYS A 478 13.82 -18.39 15.35
C CYS A 478 12.32 -18.66 15.35
N ARG A 479 11.51 -17.61 15.22
CA ARG A 479 10.07 -17.83 15.21
C ARG A 479 9.68 -18.85 14.14
N GLY A 480 8.86 -19.81 14.53
CA GLY A 480 8.13 -20.58 13.54
C GLY A 480 8.96 -21.75 13.06
N VAL A 481 10.06 -22.04 13.75
CA VAL A 481 10.89 -23.21 13.42
C VAL A 481 10.69 -24.28 14.47
N PHE A 482 10.35 -25.47 13.99
CA PHE A 482 10.13 -26.61 14.86
C PHE A 482 11.18 -27.67 14.59
N PRO A 483 12.18 -27.75 15.48
CA PRO A 483 13.31 -28.65 15.23
C PRO A 483 12.96 -30.10 15.54
N LEU A 484 13.35 -30.99 14.64
CA LEU A 484 13.27 -32.44 14.85
C LEU A 484 14.68 -32.98 14.81
N LEU A 485 15.07 -33.68 15.87
CA LEU A 485 16.40 -34.29 15.94
C LEU A 485 16.39 -35.67 15.30
N TYR A 486 17.14 -35.82 14.21
CA TYR A 486 17.18 -37.10 13.50
C TYR A 486 18.32 -37.97 14.01
N ARG A 487 18.00 -39.18 14.45
CA ARG A 487 18.97 -40.03 15.16
C ARG A 487 19.58 -41.21 14.36
N GLU A 488 19.02 -41.55 13.21
CA GLU A 488 19.46 -42.74 12.47
C GLU A 488 20.76 -42.56 11.70
N PRO A 489 21.59 -43.61 11.65
CA PRO A 489 22.81 -43.55 10.84
C PRO A 489 22.47 -43.36 9.38
N PRO A 490 23.40 -42.78 8.60
CA PRO A 490 23.17 -42.50 7.17
C PRO A 490 22.84 -43.76 6.36
N GLU A 491 22.06 -43.60 5.30
CA GLU A 491 21.88 -44.68 4.33
C GLU A 491 23.13 -44.75 3.47
N ALA A 492 23.40 -45.91 2.89
CA ALA A 492 24.50 -46.04 1.95
C ALA A 492 24.33 -45.06 0.79
N ILE A 493 23.10 -44.91 0.33
CA ILE A 493 22.81 -44.00 -0.78
C ILE A 493 22.27 -42.66 -0.27
N TRP A 494 23.01 -41.59 -0.54
CA TRP A 494 22.68 -40.25 -0.02
C TRP A 494 21.27 -39.79 -0.36
N ALA A 495 20.84 -39.95 -1.61
CA ALA A 495 19.49 -39.54 -1.98
C ALA A 495 18.48 -40.29 -1.14
N ASP A 496 18.84 -41.52 -0.75
CA ASP A 496 17.98 -42.31 0.11
C ASP A 496 17.95 -41.74 1.52
N ASP A 497 19.08 -41.18 1.93
CA ASP A 497 19.20 -40.64 3.29
C ASP A 497 18.37 -39.36 3.40
N VAL A 498 18.44 -38.54 2.35
CA VAL A 498 17.62 -37.35 2.25
C VAL A 498 16.14 -37.72 2.37
N ASP A 499 15.66 -38.57 1.46
CA ASP A 499 14.26 -38.99 1.47
C ASP A 499 13.80 -39.52 2.81
N ARG A 500 14.63 -40.29 3.50
CA ARG A 500 14.24 -40.85 4.78
C ARG A 500 14.01 -39.75 5.85
N ARG A 501 14.86 -38.73 5.84
CA ARG A 501 14.70 -37.60 6.76
C ARG A 501 13.45 -36.79 6.43
N VAL A 502 13.20 -36.57 5.15
CA VAL A 502 11.98 -35.90 4.73
C VAL A 502 10.76 -36.65 5.25
N GLN A 503 10.80 -37.98 5.17
CA GLN A 503 9.71 -38.82 5.70
C GLN A 503 9.63 -38.75 7.23
N PHE A 504 10.78 -38.65 7.89
CA PHE A 504 10.83 -38.48 9.34
C PHE A 504 10.09 -37.18 9.73
N GLY A 505 10.28 -36.15 8.92
CA GLY A 505 9.65 -34.86 9.15
C GLY A 505 8.16 -34.95 8.96
N ILE A 506 7.74 -35.71 7.94
CA ILE A 506 6.32 -35.86 7.69
C ILE A 506 5.65 -36.65 8.81
N GLU A 507 6.19 -37.81 9.14
CA GLU A 507 5.62 -38.62 10.22
C GLU A 507 5.64 -37.93 11.59
N SER A 508 6.71 -37.19 11.87
CA SER A 508 6.75 -36.37 13.08
C SER A 508 5.61 -35.36 13.07
N GLY A 509 5.45 -34.67 11.95
CA GLY A 509 4.42 -33.65 11.82
C GLY A 509 3.00 -34.20 11.89
N LYS A 510 2.79 -35.40 11.34
CA LYS A 510 1.50 -36.04 11.48
C LYS A 510 1.26 -36.36 12.96
N LEU A 511 2.25 -36.97 13.59
CA LEU A 511 2.11 -37.33 15.01
C LEU A 511 1.78 -36.12 15.87
N ARG A 512 2.43 -34.99 15.60
CA ARG A 512 2.30 -33.82 16.47
C ARG A 512 1.12 -32.93 16.13
N GLY A 513 0.40 -33.29 15.08
CA GLY A 513 -0.79 -32.55 14.70
C GLY A 513 -0.52 -31.38 13.76
N PHE A 514 0.72 -31.28 13.28
CA PHE A 514 1.07 -30.30 12.25
C PHE A 514 0.45 -30.64 10.90
N LEU A 515 0.42 -31.94 10.56
CA LEU A 515 0.07 -32.37 9.21
C LEU A 515 -1.02 -33.43 9.20
N ARG A 516 -1.88 -33.36 8.18
CA ARG A 516 -2.94 -34.34 8.00
C ARG A 516 -2.84 -34.88 6.58
N VAL A 517 -3.29 -36.12 6.38
CA VAL A 517 -3.43 -36.63 5.02
C VAL A 517 -4.22 -35.58 4.22
N GLY A 518 -3.73 -35.26 3.03
CA GLY A 518 -4.39 -34.27 2.20
C GLY A 518 -3.71 -32.91 2.20
N ASP A 519 -2.93 -32.63 3.23
CA ASP A 519 -2.23 -31.35 3.32
C ASP A 519 -1.19 -31.20 2.22
N LEU A 520 -0.89 -29.97 1.83
CA LEU A 520 0.27 -29.71 0.99
C LEU A 520 1.41 -29.22 1.86
N VAL A 521 2.61 -29.73 1.60
CA VAL A 521 3.80 -29.20 2.25
C VAL A 521 4.79 -28.77 1.19
N ILE A 522 5.67 -27.85 1.58
CA ILE A 522 6.77 -27.48 0.71
C ILE A 522 7.99 -28.15 1.30
N VAL A 523 8.83 -28.75 0.47
CA VAL A 523 10.00 -29.46 0.98
C VAL A 523 11.28 -28.83 0.43
N VAL A 524 12.20 -28.50 1.33
CA VAL A 524 13.40 -27.78 0.95
C VAL A 524 14.65 -28.61 1.27
N THR A 525 15.38 -28.97 0.22
CA THR A 525 16.60 -29.76 0.36
C THR A 525 17.73 -29.14 -0.47
N GLY A 526 18.85 -29.88 -0.58
CA GLY A 526 20.02 -29.40 -1.27
C GLY A 526 20.53 -30.44 -2.24
N TRP A 527 21.53 -30.08 -3.04
CA TRP A 527 22.00 -30.94 -4.13
C TRP A 527 23.22 -31.82 -3.81
N ARG A 528 23.84 -31.58 -2.67
CA ARG A 528 24.98 -32.39 -2.20
C ARG A 528 25.03 -32.32 -0.68
N PRO A 529 25.66 -33.29 -0.02
CA PRO A 529 25.73 -33.22 1.45
C PRO A 529 26.61 -32.08 1.95
N GLY A 530 26.50 -31.76 3.25
CA GLY A 530 27.27 -30.66 3.81
C GLY A 530 26.43 -29.38 3.82
N SER A 531 26.78 -28.48 4.72
CA SER A 531 26.04 -27.23 4.90
CA SER A 531 26.03 -27.23 4.89
C SER A 531 26.28 -26.26 3.75
N GLY A 532 25.23 -25.53 3.35
CA GLY A 532 25.36 -24.48 2.37
C GLY A 532 24.96 -24.77 0.92
N TYR A 533 24.32 -25.90 0.66
CA TYR A 533 23.99 -26.31 -0.70
C TYR A 533 22.49 -26.46 -0.95
N THR A 534 21.69 -25.96 -0.02
CA THR A 534 20.25 -25.87 -0.23
C THR A 534 19.98 -25.16 -1.57
N ASN A 535 19.12 -25.73 -2.39
CA ASN A 535 18.83 -25.19 -3.71
C ASN A 535 17.59 -25.80 -4.35
N ILE A 536 16.81 -26.56 -3.59
CA ILE A 536 15.63 -27.23 -4.13
C ILE A 536 14.37 -27.09 -3.29
N MET A 537 13.26 -26.76 -3.94
CA MET A 537 11.96 -26.84 -3.28
CA MET A 537 11.93 -26.71 -3.34
C MET A 537 10.97 -27.65 -4.09
N ARG A 538 10.20 -28.46 -3.38
CA ARG A 538 9.27 -29.38 -4.02
C ARG A 538 7.93 -29.28 -3.34
N VAL A 539 6.86 -29.44 -4.11
CA VAL A 539 5.52 -29.32 -3.59
C VAL A 539 4.93 -30.73 -3.45
N LEU A 540 4.59 -31.12 -2.23
CA LEU A 540 4.19 -32.51 -1.96
C LEU A 540 2.81 -32.56 -1.31
N SER A 541 1.99 -33.52 -1.71
CA SER A 541 0.75 -33.78 -0.99
C SER A 541 1.01 -34.84 0.05
N ILE A 542 0.44 -34.66 1.25
CA ILE A 542 0.60 -35.63 2.32
C ILE A 542 -0.40 -36.76 2.12
N SER A 543 0.10 -37.99 2.09
CA SER A 543 -0.74 -39.15 1.85
C SER A 543 -0.76 -40.07 3.07
N GLU B 19 25.66 -8.91 -7.24
CA GLU B 19 25.75 -7.57 -7.83
C GLU B 19 27.16 -7.30 -8.36
N LEU B 20 27.43 -7.79 -9.57
CA LEU B 20 28.75 -7.62 -10.18
C LEU B 20 28.74 -6.70 -11.39
N GLY B 21 29.06 -5.43 -11.16
CA GLY B 21 29.16 -4.45 -12.21
C GLY B 21 28.13 -3.33 -12.06
N THR B 22 28.61 -2.09 -11.95
CA THR B 22 27.71 -0.95 -11.93
C THR B 22 27.11 -0.78 -13.31
N ALA B 23 27.77 -1.34 -14.31
CA ALA B 23 27.30 -1.27 -15.69
C ALA B 23 26.07 -2.14 -15.87
N PHE B 24 26.06 -3.29 -15.21
CA PHE B 24 24.93 -4.20 -15.30
C PHE B 24 23.62 -3.54 -14.87
N PHE B 25 23.68 -2.73 -13.82
CA PHE B 25 22.46 -2.14 -13.29
C PHE B 25 22.03 -0.86 -14.00
N GLN B 26 22.78 -0.46 -15.03
CA GLN B 26 22.36 0.69 -15.84
C GLN B 26 21.49 0.22 -17.01
N GLN B 27 21.62 -1.05 -17.36
CA GLN B 27 20.93 -1.63 -18.52
C GLN B 27 19.49 -2.04 -18.19
N GLN B 28 18.77 -2.48 -19.22
CA GLN B 28 17.37 -2.92 -19.13
C GLN B 28 16.44 -2.13 -18.19
N GLN B 29 16.60 -0.81 -18.17
CA GLN B 29 15.75 0.07 -17.37
C GLN B 29 15.72 -0.34 -15.90
N LEU B 30 16.80 -0.93 -15.42
CA LEU B 30 16.87 -1.37 -14.03
C LEU B 30 16.74 -0.23 -13.02
N PRO B 31 17.38 0.91 -13.30
CA PRO B 31 17.19 2.05 -12.40
C PRO B 31 15.71 2.40 -12.25
N ALA B 32 14.93 2.33 -13.33
CA ALA B 32 13.50 2.60 -13.21
C ALA B 32 12.78 1.43 -12.54
N ALA B 33 13.37 0.25 -12.64
CA ALA B 33 12.73 -0.93 -12.10
C ALA B 33 12.64 -0.86 -10.59
N MET B 34 13.60 -0.15 -10.00
CA MET B 34 13.74 -0.11 -8.54
C MET B 34 12.89 1.01 -7.93
N ALA B 35 12.33 1.86 -8.78
CA ALA B 35 11.55 3.00 -8.30
C ALA B 35 10.44 2.58 -7.36
N ASP B 36 10.12 3.44 -6.41
CA ASP B 36 9.16 3.16 -5.36
C ASP B 36 7.71 3.45 -5.74
N THR B 37 7.51 4.25 -6.79
CA THR B 37 6.16 4.48 -7.30
C THR B 37 6.17 4.38 -8.83
N PHE B 38 4.99 4.22 -9.40
CA PHE B 38 4.88 4.16 -10.84
C PHE B 38 5.31 5.47 -11.51
N LEU B 39 4.89 6.59 -10.94
CA LEU B 39 5.29 7.90 -11.46
C LEU B 39 6.83 8.03 -11.48
N GLU B 40 7.48 7.65 -10.39
CA GLU B 40 8.93 7.74 -10.29
C GLU B 40 9.62 6.80 -11.28
N HIS B 41 9.05 5.61 -11.44
CA HIS B 41 9.48 4.67 -12.49
C HIS B 41 9.46 5.34 -13.87
N LEU B 42 8.36 6.00 -14.20
CA LEU B 42 8.30 6.71 -15.49
C LEU B 42 9.42 7.76 -15.59
N CYS B 43 9.56 8.58 -14.55
CA CYS B 43 10.60 9.61 -14.52
C CYS B 43 12.02 9.05 -14.68
N LEU B 44 12.25 7.82 -14.26
CA LEU B 44 13.57 7.21 -14.40
C LEU B 44 13.84 6.47 -15.73
N LEU B 45 12.82 6.33 -16.56
CA LEU B 45 13.03 5.66 -17.85
C LEU B 45 14.15 6.36 -18.61
N ASP B 46 15.01 5.58 -19.27
CA ASP B 46 16.26 6.10 -19.84
C ASP B 46 16.50 5.60 -21.25
N ILE B 47 16.61 6.51 -22.22
CA ILE B 47 16.85 6.10 -23.61
C ILE B 47 18.23 5.49 -23.84
N ASP B 48 19.15 5.75 -22.92
CA ASP B 48 20.50 5.21 -23.00
C ASP B 48 20.61 3.83 -22.35
N SER B 49 19.54 3.37 -21.70
CA SER B 49 19.57 2.08 -21.02
C SER B 49 19.15 0.99 -22.00
N GLU B 50 20.12 0.21 -22.48
CA GLU B 50 19.86 -0.76 -23.55
C GLU B 50 19.18 -2.01 -23.05
N PRO B 51 18.24 -2.52 -23.86
CA PRO B 51 17.57 -3.79 -23.54
C PRO B 51 18.61 -4.91 -23.54
N VAL B 52 18.43 -5.88 -22.66
CA VAL B 52 19.34 -7.02 -22.58
C VAL B 52 18.58 -8.30 -22.89
N ALA B 53 17.43 -8.45 -22.26
CA ALA B 53 16.61 -9.64 -22.39
C ALA B 53 16.16 -9.86 -23.83
N ALA B 54 15.96 -11.13 -24.19
CA ALA B 54 15.38 -11.49 -25.49
C ALA B 54 13.97 -10.92 -25.61
N ARG B 55 13.60 -10.49 -26.81
CA ARG B 55 12.26 -9.97 -27.05
C ARG B 55 11.25 -11.05 -26.71
N SER B 56 10.26 -10.72 -25.89
CA SER B 56 9.35 -11.71 -25.33
C SER B 56 7.91 -11.65 -25.85
N THR B 57 7.50 -10.50 -26.37
CA THR B 57 6.17 -10.41 -26.93
C THR B 57 6.15 -11.10 -28.30
N SER B 58 5.15 -11.93 -28.56
CA SER B 58 5.07 -12.70 -29.80
C SER B 58 4.60 -11.83 -30.98
N ILE B 59 5.19 -12.07 -32.16
CA ILE B 59 4.81 -11.33 -33.37
C ILE B 59 4.03 -12.19 -34.35
N ILE B 60 2.79 -11.79 -34.62
CA ILE B 60 1.96 -12.45 -35.62
C ILE B 60 2.00 -11.69 -36.96
N ALA B 61 2.39 -12.38 -38.03
CA ALA B 61 2.37 -11.81 -39.37
C ALA B 61 1.32 -12.49 -40.23
N THR B 62 0.55 -11.69 -40.97
CA THR B 62 -0.47 -12.20 -41.87
C THR B 62 0.14 -12.56 -43.23
N ILE B 63 -0.17 -13.76 -43.71
CA ILE B 63 0.31 -14.24 -45.03
C ILE B 63 -0.46 -13.58 -46.17
N GLY B 64 0.26 -13.09 -47.17
CA GLY B 64 -0.38 -12.48 -48.33
C GLY B 64 0.60 -12.46 -49.49
N PRO B 65 0.23 -11.80 -50.60
CA PRO B 65 1.14 -11.77 -51.75
C PRO B 65 2.53 -11.26 -51.36
N ALA B 66 2.61 -10.40 -50.36
CA ALA B 66 3.91 -9.83 -49.98
C ALA B 66 4.74 -10.79 -49.12
N SER B 67 4.11 -11.81 -48.55
CA SER B 67 4.81 -12.62 -47.55
C SER B 67 4.58 -14.12 -47.75
N ARG B 68 4.34 -14.53 -48.98
CA ARG B 68 3.93 -15.91 -49.20
C ARG B 68 5.05 -16.84 -49.67
N SER B 69 5.96 -16.31 -50.47
CA SER B 69 7.04 -17.12 -51.04
C SER B 69 7.93 -17.67 -49.95
N VAL B 70 8.52 -18.83 -50.20
CA VAL B 70 9.44 -19.43 -49.24
C VAL B 70 10.63 -18.51 -48.91
N GLU B 71 11.18 -17.84 -49.93
CA GLU B 71 12.29 -16.91 -49.68
C GLU B 71 11.92 -15.75 -48.74
N ARG B 72 10.76 -15.14 -48.94
CA ARG B 72 10.34 -14.03 -48.08
C ARG B 72 10.09 -14.53 -46.64
N LEU B 73 9.40 -15.66 -46.51
CA LEU B 73 9.08 -16.23 -45.19
C LEU B 73 10.33 -16.55 -44.36
N LYS B 74 11.39 -16.97 -45.04
CA LYS B 74 12.66 -17.20 -44.36
C LYS B 74 13.18 -15.91 -43.73
N GLU B 75 13.11 -14.81 -44.48
CA GLU B 75 13.57 -13.53 -43.97
C GLU B 75 12.67 -13.07 -42.83
N MET B 76 11.40 -13.42 -42.92
CA MET B 76 10.43 -13.05 -41.90
C MET B 76 10.72 -13.80 -40.60
N ILE B 77 10.99 -15.09 -40.73
CA ILE B 77 11.33 -15.89 -39.59
C ILE B 77 12.57 -15.31 -38.93
N LYS B 78 13.56 -14.92 -39.74
CA LYS B 78 14.79 -14.39 -39.15
C LYS B 78 14.53 -13.05 -38.48
N ALA B 79 13.61 -12.26 -39.04
CA ALA B 79 13.25 -10.97 -38.49
C ALA B 79 12.45 -11.09 -37.17
N GLY B 80 11.88 -12.26 -36.93
CA GLY B 80 11.23 -12.51 -35.65
C GLY B 80 9.79 -12.97 -35.67
N MET B 81 9.24 -13.30 -36.84
CA MET B 81 7.84 -13.73 -36.89
C MET B 81 7.69 -15.02 -36.10
N ASN B 82 6.69 -15.09 -35.22
CA ASN B 82 6.47 -16.28 -34.41
C ASN B 82 5.24 -17.07 -34.83
N ILE B 83 4.27 -16.37 -35.40
CA ILE B 83 2.99 -16.98 -35.75
C ILE B 83 2.60 -16.45 -37.14
N ALA B 84 2.30 -17.36 -38.05
CA ALA B 84 1.86 -16.98 -39.39
C ALA B 84 0.33 -17.03 -39.41
N ARG B 85 -0.30 -15.92 -39.79
CA ARG B 85 -1.76 -15.86 -39.79
C ARG B 85 -2.32 -16.05 -41.21
N LEU B 86 -3.31 -16.93 -41.33
CA LEU B 86 -3.94 -17.19 -42.62
C LEU B 86 -5.33 -16.60 -42.58
N ASN B 87 -5.56 -15.60 -43.43
CA ASN B 87 -6.80 -14.86 -43.40
C ASN B 87 -7.83 -15.47 -44.34
N PHE B 88 -8.78 -16.21 -43.78
CA PHE B 88 -9.73 -16.92 -44.65
C PHE B 88 -10.86 -16.06 -45.18
N SER B 89 -10.75 -14.74 -44.98
CA SER B 89 -11.69 -13.81 -45.62
C SER B 89 -11.42 -13.75 -47.13
N HIS B 90 -10.21 -14.14 -47.53
CA HIS B 90 -9.84 -14.18 -48.95
C HIS B 90 -9.05 -15.45 -49.26
N GLY B 91 -9.05 -15.83 -50.54
CA GLY B 91 -8.26 -16.98 -50.99
C GLY B 91 -9.01 -18.29 -50.90
N SER B 92 -8.66 -19.21 -51.80
CA SER B 92 -9.26 -20.54 -51.83
C SER B 92 -8.53 -21.48 -50.87
N HIS B 93 -9.12 -22.64 -50.61
CA HIS B 93 -8.43 -23.67 -49.86
C HIS B 93 -7.08 -24.03 -50.48
N GLU B 94 -7.03 -24.10 -51.81
CA GLU B 94 -5.79 -24.43 -52.49
C GLU B 94 -4.76 -23.34 -52.21
N TYR B 95 -5.21 -22.09 -52.23
CA TYR B 95 -4.35 -20.95 -51.93
C TYR B 95 -3.77 -21.08 -50.51
N HIS B 96 -4.62 -21.40 -49.54
CA HIS B 96 -4.15 -21.51 -48.15
C HIS B 96 -3.30 -22.75 -47.88
N ALA B 97 -3.55 -23.84 -48.63
CA ALA B 97 -2.74 -25.04 -48.47
C ALA B 97 -1.31 -24.75 -48.93
N GLU B 98 -1.19 -23.96 -49.99
CA GLU B 98 0.12 -23.52 -50.49
C GLU B 98 0.82 -22.60 -49.48
N SER B 99 0.08 -21.67 -48.87
CA SER B 99 0.63 -20.83 -47.81
C SER B 99 1.17 -21.69 -46.66
N ILE B 100 0.38 -22.66 -46.22
CA ILE B 100 0.81 -23.56 -45.15
C ILE B 100 2.06 -24.35 -45.52
N ALA B 101 2.08 -24.93 -46.72
CA ALA B 101 3.24 -25.67 -47.16
C ALA B 101 4.47 -24.77 -47.21
N ASN B 102 4.26 -23.53 -47.65
CA ASN B 102 5.36 -22.55 -47.76
C ASN B 102 5.93 -22.19 -46.39
N VAL B 103 5.03 -21.82 -45.48
CA VAL B 103 5.46 -21.63 -44.08
C VAL B 103 6.28 -22.83 -43.57
N ARG B 104 5.73 -24.04 -43.71
CA ARG B 104 6.45 -25.23 -43.25
C ARG B 104 7.81 -25.46 -43.93
N GLU B 105 7.90 -25.22 -45.24
CA GLU B 105 9.19 -25.37 -45.91
C GLU B 105 10.20 -24.37 -45.34
N ALA B 106 9.75 -23.12 -45.19
CA ALA B 106 10.57 -22.06 -44.64
C ALA B 106 11.01 -22.40 -43.21
N VAL B 107 10.07 -22.85 -42.40
CA VAL B 107 10.39 -23.18 -41.01
C VAL B 107 11.37 -24.36 -40.91
N GLU B 108 11.16 -25.36 -41.74
CA GLU B 108 12.03 -26.54 -41.68
C GLU B 108 13.38 -26.33 -42.37
N SER B 109 13.50 -25.27 -43.16
CA SER B 109 14.80 -24.91 -43.71
C SER B 109 15.83 -24.70 -42.59
N PHE B 110 15.36 -24.45 -41.37
CA PHE B 110 16.27 -24.19 -40.24
C PHE B 110 16.41 -25.37 -39.29
N ALA B 111 15.68 -26.44 -39.55
CA ALA B 111 15.63 -27.58 -38.62
C ALA B 111 16.96 -28.31 -38.47
N GLY B 112 17.90 -27.98 -39.35
CA GLY B 112 19.21 -28.62 -39.33
C GLY B 112 20.02 -28.26 -38.11
N SER B 113 19.59 -27.20 -37.41
CA SER B 113 20.26 -26.77 -36.20
C SER B 113 19.28 -26.82 -35.03
N PRO B 114 19.10 -28.01 -34.44
CA PRO B 114 18.16 -28.24 -33.33
C PRO B 114 18.32 -27.22 -32.20
N LEU B 115 19.55 -26.74 -31.99
CA LEU B 115 19.81 -25.80 -30.90
C LEU B 115 19.27 -24.40 -31.15
N SER B 116 19.24 -23.96 -32.41
CA SER B 116 18.82 -22.59 -32.72
C SER B 116 17.60 -22.50 -33.62
N TYR B 117 16.84 -23.58 -33.70
CA TYR B 117 15.68 -23.68 -34.59
C TYR B 117 14.44 -23.03 -33.97
N ARG B 118 13.66 -22.34 -34.80
CA ARG B 118 12.50 -21.60 -34.32
C ARG B 118 11.16 -22.16 -34.79
N PRO B 119 10.44 -22.81 -33.88
CA PRO B 119 9.08 -23.28 -34.22
C PRO B 119 8.19 -22.08 -34.55
N VAL B 120 7.43 -22.19 -35.65
CA VAL B 120 6.50 -21.15 -36.03
C VAL B 120 5.10 -21.72 -36.08
N ALA B 121 4.19 -21.06 -35.37
CA ALA B 121 2.80 -21.51 -35.30
C ALA B 121 2.00 -21.03 -36.51
N ILE B 122 1.00 -21.82 -36.91
CA ILE B 122 0.12 -21.43 -37.99
C ILE B 122 -1.28 -21.28 -37.46
N ALA B 123 -1.86 -20.11 -37.72
CA ALA B 123 -3.18 -19.76 -37.20
C ALA B 123 -4.17 -19.51 -38.33
N LEU B 124 -5.36 -20.09 -38.20
CA LEU B 124 -6.41 -19.90 -39.19
C LEU B 124 -7.39 -18.86 -38.67
N ASP B 125 -7.54 -17.76 -39.41
CA ASP B 125 -8.41 -16.67 -39.00
C ASP B 125 -9.67 -16.75 -39.85
N THR B 126 -10.80 -17.04 -39.22
CA THR B 126 -12.01 -17.35 -39.99
C THR B 126 -12.59 -16.11 -40.65
N LYS B 127 -13.35 -16.33 -41.71
CA LYS B 127 -14.02 -15.26 -42.42
C LYS B 127 -15.12 -14.63 -41.58
N GLY B 128 -15.87 -15.46 -40.86
CA GLY B 128 -16.96 -14.98 -40.04
C GLY B 128 -18.11 -14.40 -40.83
N PRO B 129 -19.09 -13.80 -40.12
CA PRO B 129 -20.31 -13.23 -40.69
C PRO B 129 -20.07 -11.91 -41.41
N GLU B 130 -19.28 -11.96 -42.48
CA GLU B 130 -18.96 -10.74 -43.22
C GLU B 130 -20.06 -10.37 -44.22
N ILE B 131 -20.36 -9.08 -44.29
CA ILE B 131 -21.26 -8.54 -45.31
C ILE B 131 -20.41 -7.73 -46.27
N ARG B 132 -20.53 -8.01 -47.56
CA ARG B 132 -19.83 -7.24 -48.59
C ARG B 132 -20.81 -6.66 -49.59
N THR B 133 -20.44 -5.57 -50.23
CA THR B 133 -21.30 -4.93 -51.23
C THR B 133 -21.27 -5.70 -52.56
N GLU B 141 -14.00 -2.51 -61.81
CA GLU B 141 -13.47 -1.61 -60.78
C GLU B 141 -13.73 -0.15 -61.13
N SER B 142 -14.99 0.20 -61.37
CA SER B 142 -15.37 1.55 -61.75
C SER B 142 -15.11 2.56 -60.64
N GLU B 143 -15.44 2.18 -59.40
CA GLU B 143 -15.24 3.06 -58.24
C GLU B 143 -16.02 4.37 -58.34
N VAL B 144 -17.30 4.32 -57.97
CA VAL B 144 -18.17 5.50 -58.03
C VAL B 144 -18.03 6.34 -56.76
N GLU B 145 -18.79 7.43 -56.68
CA GLU B 145 -18.71 8.33 -55.53
C GLU B 145 -20.08 8.56 -54.87
N LEU B 146 -20.12 8.42 -53.54
CA LEU B 146 -21.35 8.65 -52.78
C LEU B 146 -21.36 10.04 -52.17
N VAL B 147 -22.20 10.92 -52.70
CA VAL B 147 -22.25 12.32 -52.28
C VAL B 147 -23.13 12.56 -51.05
N LYS B 148 -22.56 13.17 -50.02
CA LYS B 148 -23.28 13.43 -48.77
C LYS B 148 -24.64 14.09 -49.00
N GLY B 149 -25.57 13.85 -48.07
CA GLY B 149 -26.89 14.43 -48.15
C GLY B 149 -27.83 13.71 -49.09
N SER B 150 -27.32 13.28 -50.24
CA SER B 150 -28.13 12.65 -51.28
C SER B 150 -28.88 11.42 -50.79
N VAL B 152 -29.37 7.26 -51.67
CA VAL B 152 -28.78 5.98 -52.06
C VAL B 152 -29.72 4.81 -51.76
N LEU B 153 -29.74 3.82 -52.65
CA LEU B 153 -30.62 2.67 -52.51
C LEU B 153 -29.88 1.42 -52.04
N VAL B 154 -30.12 1.02 -50.79
CA VAL B 154 -29.58 -0.22 -50.27
C VAL B 154 -30.51 -1.37 -50.66
N THR B 155 -30.13 -2.11 -51.70
CA THR B 155 -30.99 -3.13 -52.26
C THR B 155 -30.31 -4.50 -52.33
N VAL B 156 -31.08 -5.54 -52.05
CA VAL B 156 -30.55 -6.91 -52.10
C VAL B 156 -31.02 -7.62 -53.36
N ASP B 157 -31.66 -6.88 -54.26
CA ASP B 157 -32.08 -7.42 -55.54
C ASP B 157 -30.89 -8.05 -56.27
N PRO B 158 -30.90 -9.40 -56.39
CA PRO B 158 -29.75 -10.18 -56.88
C PRO B 158 -29.38 -9.93 -58.34
N ALA B 159 -29.86 -8.83 -58.91
CA ALA B 159 -29.57 -8.51 -60.31
C ALA B 159 -28.63 -7.31 -60.44
N PHE B 160 -27.90 -7.00 -59.35
CA PHE B 160 -27.05 -5.82 -59.34
C PHE B 160 -25.55 -6.12 -59.25
N ARG B 161 -24.85 -5.84 -60.34
CA ARG B 161 -23.39 -5.92 -60.39
C ARG B 161 -22.83 -4.69 -61.07
N GLY B 164 -24.27 -1.82 -59.52
CA GLY B 164 -24.13 -0.89 -58.42
C GLY B 164 -23.52 0.43 -58.88
N ASN B 165 -24.20 1.53 -58.55
CA ASN B 165 -23.75 2.86 -58.98
C ASN B 165 -23.91 3.92 -57.89
N ALA B 166 -23.71 5.18 -58.27
CA ALA B 166 -23.71 6.30 -57.33
C ALA B 166 -24.96 6.40 -56.46
N ASN B 167 -25.97 5.61 -56.77
CA ASN B 167 -27.21 5.62 -56.00
C ASN B 167 -27.69 4.19 -55.73
N THR B 168 -26.90 3.23 -56.17
CA THR B 168 -27.26 1.82 -56.04
C THR B 168 -26.19 1.04 -55.30
N VAL B 169 -26.56 0.51 -54.13
CA VAL B 169 -25.66 -0.34 -53.36
C VAL B 169 -26.31 -1.69 -53.08
N TRP B 170 -25.68 -2.76 -53.58
CA TRP B 170 -26.19 -4.10 -53.38
C TRP B 170 -25.30 -4.88 -52.40
N VAL B 171 -25.93 -5.55 -51.45
CA VAL B 171 -25.19 -6.31 -50.43
C VAL B 171 -25.55 -7.79 -50.41
N ASP B 172 -24.59 -8.62 -50.05
CA ASP B 172 -24.79 -10.06 -50.01
C ASP B 172 -25.42 -10.54 -48.70
N TYR B 173 -26.18 -9.67 -48.05
CA TYR B 173 -26.86 -10.03 -46.81
C TYR B 173 -28.36 -9.79 -46.92
N PRO B 174 -29.05 -10.69 -47.61
CA PRO B 174 -30.48 -10.56 -47.92
C PRO B 174 -31.31 -10.04 -46.75
N ASN B 175 -31.02 -10.53 -45.56
CA ASN B 175 -31.80 -10.18 -44.38
C ASN B 175 -31.57 -8.75 -43.88
N ILE B 176 -30.73 -8.00 -44.58
CA ILE B 176 -30.38 -6.63 -44.16
C ILE B 176 -31.62 -5.74 -44.04
N VAL B 177 -32.55 -5.91 -44.97
CA VAL B 177 -33.77 -5.11 -45.02
C VAL B 177 -34.57 -5.25 -43.73
N ARG B 178 -34.69 -6.48 -43.25
CA ARG B 178 -35.50 -6.77 -42.06
C ARG B 178 -34.81 -6.31 -40.79
N VAL B 179 -33.48 -6.34 -40.79
CA VAL B 179 -32.71 -6.12 -39.57
C VAL B 179 -32.41 -4.63 -39.31
N VAL B 180 -32.38 -3.83 -40.37
CA VAL B 180 -32.05 -2.41 -40.23
C VAL B 180 -33.21 -1.49 -40.57
N PRO B 181 -33.53 -0.60 -39.64
CA PRO B 181 -34.60 0.39 -39.82
C PRO B 181 -34.68 1.29 -38.60
N GLY B 184 -30.95 4.19 -37.46
CA GLY B 184 -30.27 3.06 -38.05
C GLY B 184 -29.23 3.47 -39.06
N ARG B 185 -27.97 3.19 -38.76
CA ARG B 185 -26.86 3.58 -39.62
C ARG B 185 -26.18 2.37 -40.29
N ILE B 186 -25.79 2.54 -41.54
CA ILE B 186 -25.13 1.48 -42.30
C ILE B 186 -23.74 1.92 -42.75
N TYR B 187 -22.71 1.25 -42.24
CA TYR B 187 -21.33 1.61 -42.56
C TYR B 187 -20.77 0.79 -43.71
N ILE B 188 -19.98 1.43 -44.57
CA ILE B 188 -19.31 0.72 -45.66
C ILE B 188 -17.85 1.13 -45.76
N ASP B 189 -17.00 0.18 -46.14
CA ASP B 189 -15.59 0.45 -46.40
C ASP B 189 -14.85 0.92 -45.16
N ASP B 190 -14.47 -0.02 -44.30
CA ASP B 190 -13.81 0.30 -43.03
C ASP B 190 -14.50 1.48 -42.34
N GLY B 191 -15.83 1.52 -42.41
CA GLY B 191 -16.59 2.56 -41.77
C GLY B 191 -16.30 3.97 -42.26
N LEU B 192 -15.67 4.09 -43.43
CA LEU B 192 -15.40 5.41 -44.02
C LEU B 192 -16.65 6.07 -44.60
N ILE B 193 -17.57 5.25 -45.10
CA ILE B 193 -18.82 5.77 -45.65
C ILE B 193 -20.00 5.36 -44.77
N SER B 194 -20.94 6.27 -44.56
CA SER B 194 -22.14 5.93 -43.78
C SER B 194 -23.46 6.36 -44.44
N LEU B 195 -24.55 5.71 -44.03
CA LEU B 195 -25.89 6.01 -44.52
C LEU B 195 -26.87 5.88 -43.35
N VAL B 196 -28.00 6.59 -43.43
CA VAL B 196 -29.00 6.53 -42.38
C VAL B 196 -30.38 6.16 -42.91
N VAL B 206 -33.83 2.29 -48.56
CA VAL B 206 -33.48 3.60 -49.12
C VAL B 206 -33.03 4.56 -48.03
N THR B 207 -31.87 5.18 -48.24
CA THR B 207 -31.26 6.03 -47.21
C THR B 207 -30.58 7.27 -47.78
N GLN B 208 -30.30 8.22 -46.90
CA GLN B 208 -29.54 9.41 -47.26
C GLN B 208 -28.11 9.29 -46.74
N VAL B 209 -27.16 9.79 -47.50
CA VAL B 209 -25.74 9.71 -47.13
C VAL B 209 -25.40 10.63 -45.95
N GLU B 210 -24.81 10.05 -44.91
CA GLU B 210 -24.38 10.82 -43.74
C GLU B 210 -22.89 11.16 -43.86
N ASN B 211 -22.10 10.19 -44.32
CA ASN B 211 -20.69 10.40 -44.62
C ASN B 211 -20.36 9.83 -46.00
N GLY B 212 -20.20 10.71 -46.98
CA GLY B 212 -19.96 10.28 -48.35
C GLY B 212 -18.52 9.93 -48.64
N GLY B 213 -18.27 9.33 -49.80
CA GLY B 213 -16.93 8.98 -50.23
C GLY B 213 -16.90 8.10 -51.46
N VAL B 214 -15.71 7.88 -52.01
CA VAL B 214 -15.54 6.98 -53.12
C VAL B 214 -15.78 5.54 -52.66
N LEU B 215 -16.62 4.81 -53.39
CA LEU B 215 -16.94 3.42 -53.06
C LEU B 215 -16.45 2.46 -54.13
N GLY B 216 -15.62 1.50 -53.73
CA GLY B 216 -15.06 0.53 -54.63
C GLY B 216 -15.90 -0.72 -54.79
N SER B 217 -15.24 -1.84 -55.10
CA SER B 217 -15.95 -3.08 -55.38
C SER B 217 -15.88 -4.07 -54.22
N ARG B 218 -17.04 -4.59 -53.83
CA ARG B 218 -17.12 -5.56 -52.74
C ARG B 218 -16.48 -5.03 -51.45
N LYS B 219 -17.12 -4.03 -50.85
CA LYS B 219 -16.60 -3.41 -49.63
C LYS B 219 -17.28 -3.92 -48.36
N GLY B 220 -16.51 -3.98 -47.27
CA GLY B 220 -17.03 -4.40 -45.97
C GLY B 220 -18.19 -3.54 -45.50
N VAL B 221 -19.21 -4.18 -44.96
CA VAL B 221 -20.39 -3.49 -44.44
C VAL B 221 -20.56 -3.76 -42.94
N ASN B 222 -20.78 -2.71 -42.16
CA ASN B 222 -21.00 -2.87 -40.71
C ASN B 222 -22.37 -2.35 -40.25
N LEU B 223 -23.02 -3.10 -39.37
CA LEU B 223 -24.33 -2.74 -38.86
C LEU B 223 -24.33 -2.69 -37.33
N PRO B 224 -23.83 -1.58 -36.75
CA PRO B 224 -23.80 -1.40 -35.30
C PRO B 224 -25.19 -1.36 -34.68
N GLY B 225 -25.40 -2.17 -33.63
CA GLY B 225 -26.69 -2.26 -32.98
C GLY B 225 -27.66 -3.18 -33.71
N ALA B 226 -27.32 -4.47 -33.74
CA ALA B 226 -28.15 -5.50 -34.38
C ALA B 226 -28.80 -5.03 -35.68
N PRO B 231 -25.89 -14.81 -37.54
CA PRO B 231 -25.89 -16.00 -38.39
C PRO B 231 -25.00 -17.10 -37.82
N GLY B 232 -24.28 -16.80 -36.74
CA GLY B 232 -23.42 -17.76 -36.08
C GLY B 232 -22.22 -18.18 -36.92
N LEU B 233 -22.01 -19.48 -37.02
CA LEU B 233 -20.90 -20.04 -37.78
C LEU B 233 -21.36 -20.45 -39.18
N SER B 234 -20.69 -19.92 -40.20
CA SER B 234 -21.02 -20.21 -41.60
C SER B 234 -20.88 -21.68 -41.97
N GLU B 235 -21.69 -22.14 -42.92
CA GLU B 235 -21.41 -23.41 -43.58
C GLU B 235 -20.01 -23.32 -44.17
N GLN B 236 -19.66 -22.13 -44.67
CA GLN B 236 -18.32 -21.88 -45.16
C GLN B 236 -17.30 -21.96 -44.03
N ASP B 237 -17.58 -21.27 -42.92
CA ASP B 237 -16.66 -21.31 -41.78
C ASP B 237 -16.41 -22.74 -41.36
N VAL B 238 -17.44 -23.57 -41.40
CA VAL B 238 -17.33 -24.96 -40.97
C VAL B 238 -16.36 -25.74 -41.87
N ARG B 239 -16.40 -25.48 -43.17
CA ARG B 239 -15.51 -26.13 -44.12
C ARG B 239 -14.07 -25.64 -43.94
N ASP B 240 -13.93 -24.35 -43.67
CA ASP B 240 -12.62 -23.77 -43.43
C ASP B 240 -11.96 -24.39 -42.20
N LEU B 241 -12.78 -24.64 -41.17
CA LEU B 241 -12.28 -25.25 -39.95
C LEU B 241 -11.91 -26.73 -40.15
N ARG B 242 -12.78 -27.46 -40.84
CA ARG B 242 -12.45 -28.84 -41.16
C ARG B 242 -11.12 -28.87 -41.94
N PHE B 243 -10.98 -27.95 -42.88
CA PHE B 243 -9.74 -27.78 -43.64
C PHE B 243 -8.55 -27.54 -42.70
N GLY B 244 -8.76 -26.68 -41.71
CA GLY B 244 -7.70 -26.37 -40.77
C GLY B 244 -7.23 -27.59 -40.03
N VAL B 245 -8.16 -28.37 -39.50
CA VAL B 245 -7.79 -29.56 -38.76
C VAL B 245 -7.02 -30.51 -39.68
N GLU B 246 -7.56 -30.72 -40.88
CA GLU B 246 -6.95 -31.65 -41.83
C GLU B 246 -5.54 -31.22 -42.23
N HIS B 247 -5.26 -29.92 -42.13
CA HIS B 247 -3.92 -29.41 -42.41
C HIS B 247 -3.10 -29.08 -41.16
N GLY B 248 -3.56 -29.55 -39.99
CA GLY B 248 -2.77 -29.44 -38.77
C GLY B 248 -2.46 -28.02 -38.28
N VAL B 249 -3.37 -27.07 -38.51
CA VAL B 249 -3.12 -25.72 -38.00
C VAL B 249 -3.10 -25.78 -36.47
N ASP B 250 -2.40 -24.82 -35.84
CA ASP B 250 -2.19 -24.88 -34.39
C ASP B 250 -3.22 -24.08 -33.62
N ILE B 251 -3.72 -23.01 -34.26
CA ILE B 251 -4.57 -22.02 -33.57
C ILE B 251 -5.69 -21.62 -34.49
N VAL B 252 -6.85 -21.33 -33.92
CA VAL B 252 -7.93 -20.72 -34.64
C VAL B 252 -8.26 -19.35 -34.04
N PHE B 253 -8.24 -18.31 -34.86
CA PHE B 253 -8.76 -17.00 -34.48
C PHE B 253 -10.20 -16.95 -34.99
N ALA B 254 -11.15 -17.03 -34.06
CA ALA B 254 -12.57 -17.10 -34.41
C ALA B 254 -13.19 -15.71 -34.48
N SER B 255 -13.77 -15.37 -35.64
CA SER B 255 -14.26 -14.01 -35.88
C SER B 255 -15.60 -13.73 -35.22
N PHE B 256 -15.79 -12.49 -34.80
CA PHE B 256 -17.08 -12.07 -34.25
C PHE B 256 -17.68 -12.99 -33.18
N VAL B 257 -16.89 -13.36 -32.18
CA VAL B 257 -17.42 -14.16 -31.08
C VAL B 257 -18.27 -13.26 -30.18
N ARG B 258 -19.53 -13.64 -30.00
CA ARG B 258 -20.48 -12.81 -29.23
C ARG B 258 -20.87 -13.38 -27.87
N LYS B 259 -20.65 -14.68 -27.68
CA LYS B 259 -21.08 -15.33 -26.46
C LYS B 259 -20.45 -16.70 -26.41
N ALA B 260 -20.55 -17.37 -25.26
CA ALA B 260 -19.89 -18.65 -25.08
C ALA B 260 -20.31 -19.70 -26.11
N SER B 261 -21.58 -19.70 -26.50
CA SER B 261 -22.06 -20.70 -27.45
C SER B 261 -21.36 -20.58 -28.82
N ASP B 262 -20.94 -19.38 -29.20
CA ASP B 262 -20.22 -19.21 -30.45
C ASP B 262 -18.90 -19.96 -30.41
N VAL B 263 -18.29 -20.01 -29.22
CA VAL B 263 -17.03 -20.72 -29.07
C VAL B 263 -17.23 -22.22 -29.03
N ALA B 264 -18.32 -22.66 -28.41
CA ALA B 264 -18.61 -24.09 -28.40
C ALA B 264 -18.86 -24.57 -29.83
N ALA B 265 -19.41 -23.68 -30.66
CA ALA B 265 -19.68 -23.98 -32.06
C ALA B 265 -18.40 -24.20 -32.86
N VAL B 266 -17.40 -23.35 -32.62
CA VAL B 266 -16.10 -23.54 -33.24
C VAL B 266 -15.50 -24.88 -32.78
N ARG B 267 -15.60 -25.15 -31.49
CA ARG B 267 -15.05 -26.37 -30.92
C ARG B 267 -15.66 -27.60 -31.56
N ALA B 268 -16.98 -27.59 -31.73
CA ALA B 268 -17.67 -28.71 -32.37
C ALA B 268 -17.21 -28.88 -33.82
N ALA B 269 -17.12 -27.77 -34.55
CA ALA B 269 -16.70 -27.80 -35.94
C ALA B 269 -15.30 -28.38 -36.11
N LEU B 270 -14.45 -28.18 -35.11
CA LEU B 270 -13.11 -28.74 -35.16
C LEU B 270 -13.18 -30.24 -34.92
N GLY B 271 -14.12 -30.66 -34.08
CA GLY B 271 -14.37 -32.07 -33.88
C GLY B 271 -13.31 -32.79 -33.08
N PRO B 272 -13.30 -34.12 -33.13
CA PRO B 272 -12.46 -34.94 -32.25
C PRO B 272 -10.98 -34.83 -32.63
N GLU B 273 -10.71 -34.73 -33.93
CA GLU B 273 -9.34 -34.61 -34.39
C GLU B 273 -8.77 -33.21 -34.09
N GLY B 274 -9.63 -32.27 -33.77
CA GLY B 274 -9.20 -30.90 -33.53
C GLY B 274 -9.21 -30.46 -32.07
N HIS B 275 -9.15 -31.41 -31.14
CA HIS B 275 -9.26 -31.09 -29.72
C HIS B 275 -8.06 -30.31 -29.19
N GLY B 276 -6.90 -30.50 -29.79
CA GLY B 276 -5.68 -29.86 -29.31
C GLY B 276 -5.39 -28.49 -29.91
N ILE B 277 -6.28 -28.02 -30.78
CA ILE B 277 -6.11 -26.73 -31.42
C ILE B 277 -6.58 -25.62 -30.46
N LYS B 278 -5.78 -24.57 -30.30
CA LYS B 278 -6.17 -23.45 -29.41
C LYS B 278 -7.18 -22.53 -30.06
N ILE B 279 -8.20 -22.12 -29.30
CA ILE B 279 -9.19 -21.21 -29.83
C ILE B 279 -9.04 -19.81 -29.21
N ILE B 280 -8.77 -18.84 -30.06
CA ILE B 280 -8.63 -17.46 -29.67
C ILE B 280 -9.86 -16.73 -30.17
N SER B 281 -10.67 -16.22 -29.25
CA SER B 281 -11.90 -15.54 -29.65
C SER B 281 -11.64 -14.09 -29.99
N LYS B 282 -12.09 -13.70 -31.18
CA LYS B 282 -11.97 -12.32 -31.64
C LYS B 282 -13.12 -11.48 -31.13
N ILE B 283 -12.79 -10.45 -30.36
CA ILE B 283 -13.82 -9.54 -29.87
C ILE B 283 -13.89 -8.33 -30.77
N GLU B 284 -15.01 -8.19 -31.49
CA GLU B 284 -15.08 -7.21 -32.58
C GLU B 284 -16.35 -6.39 -32.55
N ASN B 285 -17.19 -6.59 -31.55
CA ASN B 285 -18.41 -5.78 -31.48
C ASN B 285 -18.92 -5.57 -30.06
N HIS B 286 -19.98 -4.78 -29.95
CA HIS B 286 -20.46 -4.37 -28.64
C HIS B 286 -20.81 -5.57 -27.75
N GLU B 287 -21.48 -6.57 -28.32
CA GLU B 287 -21.95 -7.69 -27.54
C GLU B 287 -20.80 -8.57 -27.04
N GLY B 288 -19.77 -8.71 -27.86
CA GLY B 288 -18.59 -9.45 -27.45
C GLY B 288 -17.93 -8.77 -26.26
N VAL B 289 -17.90 -7.45 -26.26
CA VAL B 289 -17.24 -6.74 -25.17
C VAL B 289 -18.04 -6.88 -23.87
N LYS B 290 -19.36 -6.75 -23.96
CA LYS B 290 -20.21 -6.86 -22.79
C LYS B 290 -20.26 -8.27 -22.23
N ARG B 291 -20.12 -9.28 -23.11
CA ARG B 291 -20.13 -10.66 -22.64
C ARG B 291 -18.72 -11.24 -22.58
N PHE B 292 -17.73 -10.35 -22.47
CA PHE B 292 -16.34 -10.77 -22.42
C PHE B 292 -16.07 -11.90 -21.44
N ASP B 293 -16.55 -11.78 -20.21
CA ASP B 293 -16.23 -12.76 -19.17
C ASP B 293 -16.64 -14.18 -19.52
N GLU B 294 -17.85 -14.35 -20.03
CA GLU B 294 -18.34 -15.66 -20.38
C GLU B 294 -17.60 -16.21 -21.62
N ILE B 295 -17.13 -15.32 -22.49
CA ILE B 295 -16.34 -15.73 -23.66
C ILE B 295 -14.94 -16.16 -23.24
N LEU B 296 -14.30 -15.36 -22.38
CA LEU B 296 -12.95 -15.70 -21.92
C LEU B 296 -12.92 -17.03 -21.17
N GLU B 297 -13.94 -17.27 -20.34
CA GLU B 297 -14.03 -18.52 -19.59
C GLU B 297 -13.82 -19.75 -20.49
N VAL B 298 -14.45 -19.75 -21.65
CA VAL B 298 -14.45 -20.95 -22.51
C VAL B 298 -13.47 -20.90 -23.68
N SER B 299 -12.67 -19.83 -23.75
CA SER B 299 -11.68 -19.67 -24.81
C SER B 299 -10.28 -19.93 -24.27
N ASP B 300 -9.36 -20.26 -25.16
CA ASP B 300 -7.96 -20.36 -24.78
C ASP B 300 -7.31 -18.98 -24.69
N GLY B 301 -7.90 -18.01 -25.37
CA GLY B 301 -7.29 -16.69 -25.47
C GLY B 301 -8.19 -15.73 -26.20
N ILE B 302 -7.70 -14.51 -26.39
CA ILE B 302 -8.53 -13.43 -26.91
C ILE B 302 -7.75 -12.60 -27.90
N MET B 303 -8.43 -12.12 -28.93
CA MET B 303 -7.88 -11.08 -29.79
C MET B 303 -8.75 -9.84 -29.74
N VAL B 304 -8.10 -8.73 -29.43
CA VAL B 304 -8.75 -7.44 -29.57
C VAL B 304 -8.68 -7.06 -31.05
N ALA B 305 -9.78 -7.30 -31.76
CA ALA B 305 -9.80 -7.09 -33.21
C ALA B 305 -10.21 -5.66 -33.49
N ARG B 306 -9.26 -4.75 -33.41
CA ARG B 306 -9.55 -3.34 -33.38
C ARG B 306 -10.17 -2.78 -34.65
N GLY B 307 -9.94 -3.44 -35.79
CA GLY B 307 -10.51 -2.98 -37.04
C GLY B 307 -12.03 -2.89 -36.95
N ASP B 308 -12.68 -4.05 -36.87
CA ASP B 308 -14.13 -4.08 -36.71
C ASP B 308 -14.62 -3.40 -35.42
N LEU B 309 -13.91 -3.63 -34.32
CA LEU B 309 -14.31 -3.04 -33.05
C LEU B 309 -14.41 -1.51 -33.18
N GLY B 310 -13.50 -0.94 -33.95
CA GLY B 310 -13.46 0.51 -34.12
C GLY B 310 -14.54 1.04 -35.03
N ILE B 311 -15.32 0.14 -35.64
CA ILE B 311 -16.46 0.57 -36.44
C ILE B 311 -17.76 0.25 -35.71
N GLU B 312 -17.77 -0.90 -35.02
CA GLU B 312 -18.94 -1.35 -34.27
C GLU B 312 -19.24 -0.48 -33.03
N ILE B 313 -18.18 0.02 -32.39
CA ILE B 313 -18.34 0.98 -31.33
C ILE B 313 -17.55 2.23 -31.67
N PRO B 314 -17.87 3.36 -31.02
CA PRO B 314 -17.20 4.63 -31.36
C PRO B 314 -15.69 4.45 -31.33
N ALA B 315 -15.01 5.03 -32.31
CA ALA B 315 -13.57 4.83 -32.47
C ALA B 315 -12.80 5.26 -31.23
N GLU B 316 -13.31 6.26 -30.53
CA GLU B 316 -12.61 6.84 -29.40
C GLU B 316 -12.74 6.00 -28.12
N LYS B 317 -13.52 4.91 -28.18
CA LYS B 317 -13.73 4.02 -27.02
C LYS B 317 -12.90 2.72 -27.10
N VAL B 318 -12.27 2.48 -28.25
CA VAL B 318 -11.58 1.21 -28.45
C VAL B 318 -10.46 0.96 -27.46
N PHE B 319 -9.70 2.01 -27.13
CA PHE B 319 -8.63 1.89 -26.15
C PHE B 319 -9.15 1.42 -24.80
N LEU B 320 -10.38 1.81 -24.45
CA LEU B 320 -10.99 1.33 -23.21
C LEU B 320 -11.21 -0.18 -23.28
N ALA B 321 -11.79 -0.63 -24.38
CA ALA B 321 -11.98 -2.06 -24.63
C ALA B 321 -10.66 -2.81 -24.61
N GLN B 322 -9.66 -2.26 -25.29
CA GLN B 322 -8.36 -2.91 -25.35
C GLN B 322 -7.75 -3.08 -23.96
N LYS B 323 -7.61 -1.98 -23.23
CA LYS B 323 -6.91 -2.05 -21.95
C LYS B 323 -7.64 -2.97 -20.98
N MET B 324 -8.98 -2.92 -21.03
CA MET B 324 -9.83 -3.77 -20.21
C MET B 324 -9.62 -5.25 -20.51
N MET B 325 -9.66 -5.60 -21.79
CA MET B 325 -9.56 -7.00 -22.18
C MET B 325 -8.18 -7.55 -21.88
N ILE B 326 -7.15 -6.76 -22.12
CA ILE B 326 -5.79 -7.18 -21.80
C ILE B 326 -5.66 -7.38 -20.27
N GLY B 327 -6.19 -6.45 -19.49
CA GLY B 327 -6.13 -6.60 -18.05
C GLY B 327 -6.79 -7.89 -17.58
N ARG B 328 -8.01 -8.16 -18.04
CA ARG B 328 -8.72 -9.37 -17.61
C ARG B 328 -8.04 -10.68 -18.08
N CYS B 329 -7.45 -10.66 -19.27
CA CYS B 329 -6.69 -11.81 -19.74
C CYS B 329 -5.43 -12.02 -18.91
N ASN B 330 -4.70 -10.94 -18.64
CA ASN B 330 -3.52 -11.01 -17.79
C ASN B 330 -3.93 -11.62 -16.44
N LEU B 331 -5.09 -11.18 -15.94
CA LEU B 331 -5.59 -11.62 -14.64
C LEU B 331 -5.90 -13.12 -14.69
N ALA B 332 -6.57 -13.55 -15.76
CA ALA B 332 -6.94 -14.96 -15.95
C ALA B 332 -5.78 -15.85 -16.40
N GLY B 333 -4.64 -15.25 -16.74
CA GLY B 333 -3.49 -15.99 -17.18
C GLY B 333 -3.71 -16.62 -18.55
N LYS B 334 -4.47 -15.95 -19.41
CA LYS B 334 -4.70 -16.42 -20.78
C LYS B 334 -4.18 -15.42 -21.80
N PRO B 335 -3.61 -15.92 -22.91
CA PRO B 335 -3.01 -15.04 -23.92
C PRO B 335 -3.99 -14.04 -24.49
N VAL B 336 -3.50 -12.84 -24.75
CA VAL B 336 -4.32 -11.86 -25.45
C VAL B 336 -3.57 -11.22 -26.61
N VAL B 337 -4.27 -11.02 -27.72
CA VAL B 337 -3.65 -10.46 -28.92
C VAL B 337 -4.14 -9.06 -29.24
N CYS B 338 -3.22 -8.15 -29.47
CA CYS B 338 -3.56 -6.85 -30.00
C CYS B 338 -3.39 -6.83 -31.49
N ALA B 339 -4.41 -6.38 -32.18
CA ALA B 339 -4.45 -6.47 -33.62
C ALA B 339 -4.89 -5.20 -34.36
N THR B 340 -4.40 -5.05 -35.57
CA THR B 340 -4.96 -4.21 -36.60
C THR B 340 -4.40 -2.79 -36.64
N GLN B 341 -3.78 -2.45 -37.74
CA GLN B 341 -3.28 -1.12 -38.01
C GLN B 341 -2.15 -0.61 -37.10
N MET B 342 -1.37 -1.48 -36.48
CA MET B 342 -0.42 -1.07 -35.48
C MET B 342 0.72 -0.33 -36.19
N LEU B 343 1.02 -0.72 -37.42
CA LEU B 343 2.10 -0.06 -38.16
C LEU B 343 1.63 0.26 -39.59
N GLU B 344 0.39 0.69 -39.69
CA GLU B 344 -0.32 0.82 -40.94
C GLU B 344 0.43 1.54 -42.06
N SER B 345 1.08 2.66 -41.74
CA SER B 345 1.74 3.45 -42.78
C SER B 345 2.89 2.68 -43.44
N MET B 346 3.39 1.63 -42.80
CA MET B 346 4.52 0.89 -43.37
C MET B 346 4.13 0.04 -44.56
N ILE B 347 2.84 -0.01 -44.86
CA ILE B 347 2.39 -0.66 -46.07
C ILE B 347 3.03 0.04 -47.27
N THR B 348 3.19 1.36 -47.18
CA THR B 348 3.82 2.08 -48.29
C THR B 348 5.12 2.81 -47.91
N LYS B 349 5.36 2.96 -46.61
CA LYS B 349 6.54 3.69 -46.13
C LYS B 349 7.48 2.75 -45.40
N ALA B 350 8.76 3.06 -45.53
CA ALA B 350 9.84 2.33 -44.92
C ALA B 350 9.91 2.47 -43.40
N ARG B 351 9.32 3.52 -42.86
CA ARG B 351 9.35 3.85 -41.43
C ARG B 351 7.96 4.21 -40.96
N PRO B 352 7.60 3.82 -39.72
CA PRO B 352 6.24 4.03 -39.22
C PRO B 352 6.10 5.46 -38.71
N THR B 353 4.87 5.91 -38.47
CA THR B 353 4.65 7.22 -37.87
C THR B 353 5.00 7.19 -36.38
N ARG B 354 4.95 8.33 -35.71
CA ARG B 354 5.21 8.35 -34.27
C ARG B 354 4.08 7.69 -33.48
N ALA B 355 2.85 7.76 -34.00
CA ALA B 355 1.71 7.20 -33.29
C ALA B 355 1.72 5.69 -33.35
N GLU B 356 2.21 5.16 -34.48
CA GLU B 356 2.28 3.72 -34.66
C GLU B 356 3.31 3.09 -33.72
N THR B 357 4.47 3.71 -33.59
CA THR B 357 5.45 3.15 -32.66
C THR B 357 4.89 3.21 -31.26
N SER B 358 4.22 4.32 -30.94
CA SER B 358 3.64 4.46 -29.60
C SER B 358 2.59 3.38 -29.36
N ASP B 359 1.76 3.12 -30.36
CA ASP B 359 0.72 2.10 -30.26
C ASP B 359 1.35 0.73 -29.95
N VAL B 360 2.39 0.36 -30.70
CA VAL B 360 3.05 -0.92 -30.44
C VAL B 360 3.58 -0.99 -28.98
N ALA B 361 4.30 0.03 -28.55
CA ALA B 361 4.91 0.05 -27.21
C ALA B 361 3.83 0.02 -26.13
N ASN B 362 2.78 0.81 -26.30
CA ASN B 362 1.71 0.80 -25.32
C ASN B 362 0.94 -0.51 -25.23
N ALA B 363 0.85 -1.24 -26.35
CA ALA B 363 0.19 -2.54 -26.36
C ALA B 363 1.00 -3.54 -25.53
N VAL B 364 2.32 -3.45 -25.61
CA VAL B 364 3.19 -4.27 -24.79
C VAL B 364 3.06 -3.86 -23.31
N LEU B 365 3.19 -2.55 -23.06
CA LEU B 365 3.02 -2.00 -21.72
C LEU B 365 1.66 -2.34 -21.12
N ASP B 366 0.61 -2.37 -21.94
CA ASP B 366 -0.73 -2.76 -21.47
C ASP B 366 -0.75 -4.19 -20.94
N GLY B 367 0.03 -5.07 -21.58
CA GLY B 367 0.09 -6.47 -21.17
C GLY B 367 -0.19 -7.48 -22.28
N ALA B 368 -0.22 -7.04 -23.54
CA ALA B 368 -0.46 -7.96 -24.66
C ALA B 368 0.58 -9.06 -24.70
N ASP B 369 0.14 -10.31 -24.83
CA ASP B 369 1.05 -11.42 -25.09
C ASP B 369 1.55 -11.44 -26.53
N CYS B 370 0.70 -11.01 -27.46
CA CYS B 370 1.05 -10.96 -28.88
C CYS B 370 0.63 -9.66 -29.55
N ILE B 371 1.40 -9.26 -30.55
CA ILE B 371 1.07 -8.12 -31.39
C ILE B 371 1.04 -8.61 -32.84
N MET B 372 0.26 -7.94 -33.68
CA MET B 372 -0.03 -8.50 -34.99
C MET B 372 0.18 -7.48 -36.10
N LEU B 373 0.53 -8.00 -37.27
CA LEU B 373 0.64 -7.22 -38.46
C LEU B 373 -0.30 -7.84 -39.51
N SER B 374 -1.01 -6.99 -40.24
CA SER B 374 -1.95 -7.46 -41.23
CA SER B 374 -1.96 -7.45 -41.23
C SER B 374 -1.50 -7.00 -42.61
N GLY B 375 -2.13 -5.95 -43.12
CA GLY B 375 -1.77 -5.43 -44.43
C GLY B 375 -0.28 -5.20 -44.54
N GLU B 376 0.34 -4.81 -43.41
CA GLU B 376 1.76 -4.53 -43.38
C GLU B 376 2.63 -5.70 -43.84
N THR B 377 2.16 -6.93 -43.66
CA THR B 377 2.90 -8.08 -44.17
C THR B 377 2.15 -8.80 -45.28
N ALA B 378 0.84 -8.67 -45.33
CA ALA B 378 0.07 -9.43 -46.30
C ALA B 378 0.26 -8.82 -47.68
N LYS B 379 0.30 -7.49 -47.75
CA LYS B 379 0.30 -6.83 -49.05
C LYS B 379 1.23 -5.62 -49.23
N GLY B 380 1.84 -5.14 -48.16
CA GLY B 380 2.66 -3.94 -48.24
C GLY B 380 4.05 -4.13 -48.85
N ASN B 381 4.76 -3.02 -49.02
CA ASN B 381 6.07 -3.04 -49.65
C ASN B 381 7.22 -3.32 -48.70
N PHE B 382 6.94 -3.33 -47.40
CA PHE B 382 8.01 -3.54 -46.43
C PHE B 382 7.64 -4.54 -45.35
N PRO B 383 7.26 -5.77 -45.77
CA PRO B 383 6.82 -6.76 -44.78
C PRO B 383 7.90 -7.16 -43.78
N VAL B 384 9.12 -7.35 -44.25
CA VAL B 384 10.19 -7.74 -43.34
C VAL B 384 10.55 -6.59 -42.38
N GLU B 385 10.63 -5.38 -42.92
CA GLU B 385 10.91 -4.20 -42.10
C GLU B 385 9.83 -3.97 -41.06
N ALA B 386 8.60 -4.35 -41.36
CA ALA B 386 7.50 -4.23 -40.40
C ALA B 386 7.74 -5.16 -39.22
N VAL B 387 8.17 -6.38 -39.53
CA VAL B 387 8.44 -7.35 -38.49
C VAL B 387 9.59 -6.90 -37.61
N LYS B 388 10.65 -6.40 -38.23
CA LYS B 388 11.82 -5.94 -37.49
C LYS B 388 11.49 -4.77 -36.57
N MET B 389 10.55 -3.93 -37.01
CA MET B 389 10.19 -2.75 -36.24
C MET B 389 9.38 -3.13 -35.01
N GLN B 390 8.44 -4.04 -35.17
CA GLN B 390 7.71 -4.54 -34.00
C GLN B 390 8.65 -5.21 -33.02
N HIS B 391 9.59 -5.99 -33.54
CA HIS B 391 10.61 -6.60 -32.68
C HIS B 391 11.40 -5.53 -31.90
N ALA B 392 11.84 -4.49 -32.58
CA ALA B 392 12.67 -3.50 -31.91
C ALA B 392 11.86 -2.78 -30.83
N ILE B 393 10.62 -2.43 -31.14
CA ILE B 393 9.80 -1.70 -30.19
C ILE B 393 9.44 -2.57 -29.00
N ALA B 394 8.93 -3.77 -29.28
CA ALA B 394 8.54 -4.70 -28.24
C ALA B 394 9.69 -4.87 -27.27
N ARG B 395 10.89 -5.01 -27.81
CA ARG B 395 12.03 -5.25 -26.93
C ARG B 395 12.21 -4.08 -25.94
N GLU B 396 12.09 -2.85 -26.44
CA GLU B 396 12.26 -1.68 -25.59
C GLU B 396 11.16 -1.59 -24.56
N ALA B 397 9.94 -1.89 -24.97
CA ALA B 397 8.79 -1.77 -24.08
C ALA B 397 8.81 -2.81 -22.96
N GLU B 398 9.21 -4.03 -23.31
CA GLU B 398 9.32 -5.09 -22.32
C GLU B 398 10.28 -4.68 -21.21
N ALA B 399 11.37 -4.00 -21.55
CA ALA B 399 12.32 -3.55 -20.52
C ALA B 399 11.73 -2.47 -19.62
N ALA B 400 10.77 -1.73 -20.15
CA ALA B 400 10.15 -0.63 -19.41
C ALA B 400 8.96 -1.05 -18.57
N VAL B 401 8.62 -2.34 -18.59
CA VAL B 401 7.54 -2.83 -17.73
C VAL B 401 7.93 -2.65 -16.26
N TYR B 402 7.00 -2.14 -15.44
CA TYR B 402 7.23 -1.94 -14.02
C TYR B 402 6.86 -3.22 -13.26
N HIS B 403 7.74 -4.21 -13.32
CA HIS B 403 7.48 -5.52 -12.73
C HIS B 403 7.09 -5.42 -11.24
N ARG B 404 7.78 -4.56 -10.51
CA ARG B 404 7.51 -4.44 -9.07
C ARG B 404 6.01 -4.37 -8.79
N GLN B 405 5.31 -3.49 -9.49
CA GLN B 405 3.88 -3.35 -9.28
C GLN B 405 3.09 -4.46 -9.97
N LEU B 406 3.52 -4.81 -11.17
CA LEU B 406 2.79 -5.80 -11.97
C LEU B 406 2.76 -7.16 -11.26
N PHE B 407 3.92 -7.60 -10.77
CA PHE B 407 4.01 -8.89 -10.09
C PHE B 407 3.21 -8.88 -8.78
N GLU B 408 3.37 -7.82 -8.00
CA GLU B 408 2.59 -7.66 -6.78
C GLU B 408 1.09 -7.73 -7.06
N GLU B 409 0.63 -6.97 -8.06
CA GLU B 409 -0.79 -6.95 -8.40
C GLU B 409 -1.34 -8.27 -8.96
N LEU B 410 -0.57 -8.92 -9.83
CA LEU B 410 -1.01 -10.22 -10.39
C LEU B 410 -1.05 -11.25 -9.28
N ARG B 411 -0.07 -11.18 -8.39
CA ARG B 411 0.01 -12.13 -7.29
C ARG B 411 -1.16 -11.96 -6.33
N ARG B 412 -1.44 -10.72 -5.93
CA ARG B 412 -2.60 -10.45 -5.08
C ARG B 412 -3.88 -10.96 -5.73
N ALA B 413 -4.24 -10.34 -6.86
CA ALA B 413 -5.50 -10.62 -7.52
C ALA B 413 -5.71 -12.09 -7.84
N ALA B 414 -4.62 -12.83 -7.96
CA ALA B 414 -4.69 -14.26 -8.26
C ALA B 414 -5.18 -15.08 -7.07
N PRO B 415 -5.91 -16.17 -7.35
CA PRO B 415 -6.55 -16.97 -6.32
C PRO B 415 -5.59 -18.00 -5.75
N LEU B 416 -5.82 -18.37 -4.50
CA LEU B 416 -5.10 -19.50 -3.92
C LEU B 416 -5.23 -20.69 -4.86
N SER B 417 -4.21 -21.53 -4.87
CA SER B 417 -4.26 -22.76 -5.65
C SER B 417 -3.62 -23.90 -4.87
N ARG B 418 -4.22 -25.07 -4.95
CA ARG B 418 -3.58 -26.28 -4.46
C ARG B 418 -3.05 -27.15 -5.62
N ASP B 419 -2.99 -26.57 -6.81
CA ASP B 419 -2.36 -27.25 -7.96
C ASP B 419 -0.86 -27.09 -7.87
N PRO B 420 -0.13 -28.21 -7.75
CA PRO B 420 1.32 -28.10 -7.61
C PRO B 420 2.04 -27.35 -8.74
N THR B 421 1.50 -27.39 -9.96
CA THR B 421 2.14 -26.70 -11.09
C THR B 421 2.02 -25.20 -10.91
N GLU B 422 0.87 -24.77 -10.39
CA GLU B 422 0.62 -23.35 -10.15
C GLU B 422 1.44 -22.86 -8.96
N VAL B 423 1.61 -23.73 -7.96
CA VAL B 423 2.36 -23.36 -6.75
C VAL B 423 3.86 -23.28 -7.07
N THR B 424 4.36 -24.26 -7.82
CA THR B 424 5.76 -24.25 -8.25
C THR B 424 6.06 -23.03 -9.11
N ALA B 425 5.15 -22.70 -10.01
CA ALA B 425 5.39 -21.58 -10.92
C ALA B 425 5.60 -20.24 -10.17
N ILE B 426 4.75 -19.93 -9.20
CA ILE B 426 4.90 -18.63 -8.56
C ILE B 426 6.17 -18.60 -7.72
N GLY B 427 6.54 -19.76 -7.17
CA GLY B 427 7.75 -19.87 -6.36
C GLY B 427 8.96 -19.68 -7.24
N ALA B 428 8.93 -20.29 -8.43
CA ALA B 428 10.00 -20.12 -9.41
C ALA B 428 10.13 -18.69 -9.88
N VAL B 429 9.01 -18.04 -10.18
CA VAL B 429 9.06 -16.65 -10.64
C VAL B 429 9.58 -15.70 -9.53
N GLU B 430 9.10 -15.92 -8.31
CA GLU B 430 9.60 -15.17 -7.15
C GLU B 430 11.11 -15.36 -6.97
N ALA B 431 11.55 -16.61 -7.04
CA ALA B 431 12.98 -16.93 -6.94
C ALA B 431 13.79 -16.28 -8.05
N ALA B 432 13.29 -16.31 -9.28
CA ALA B 432 13.99 -15.66 -10.40
C ALA B 432 14.18 -14.17 -10.14
N PHE B 433 13.13 -13.51 -9.67
CA PHE B 433 13.24 -12.10 -9.28
C PHE B 433 14.29 -11.86 -8.18
N LYS B 434 14.37 -12.77 -7.22
CA LYS B 434 15.29 -12.60 -6.10
C LYS B 434 16.75 -12.53 -6.56
N CYS B 435 17.11 -13.31 -7.59
CA CYS B 435 18.51 -13.46 -7.99
C CYS B 435 18.84 -12.90 -9.37
N MET B 436 17.86 -12.25 -10.00
CA MET B 436 18.02 -11.77 -11.37
C MET B 436 18.41 -12.93 -12.27
N ALA B 437 17.67 -14.03 -12.16
CA ALA B 437 17.98 -15.22 -12.93
C ALA B 437 17.93 -14.88 -14.42
N ALA B 438 18.84 -15.45 -15.19
CA ALA B 438 18.82 -15.22 -16.64
C ALA B 438 17.67 -15.95 -17.30
N ALA B 439 17.30 -17.11 -16.76
CA ALA B 439 16.21 -17.88 -17.35
C ALA B 439 15.49 -18.76 -16.33
N ILE B 440 14.26 -19.13 -16.67
CA ILE B 440 13.59 -20.24 -16.01
C ILE B 440 13.44 -21.35 -17.04
N ILE B 441 14.14 -22.47 -16.83
CA ILE B 441 14.08 -23.59 -17.78
C ILE B 441 13.01 -24.55 -17.30
N VAL B 442 12.01 -24.81 -18.14
CA VAL B 442 10.91 -25.67 -17.72
C VAL B 442 10.67 -26.80 -18.72
N LEU B 443 10.48 -28.02 -18.22
CA LEU B 443 10.09 -29.15 -19.07
C LEU B 443 8.58 -29.20 -19.14
N THR B 444 8.05 -29.36 -20.35
CA THR B 444 6.61 -29.32 -20.52
C THR B 444 6.17 -30.16 -21.72
N THR B 445 5.04 -30.84 -21.55
CA THR B 445 4.50 -31.72 -22.57
C THR B 445 3.50 -30.97 -23.40
N THR B 446 2.64 -30.21 -22.72
CA THR B 446 1.54 -29.50 -23.35
C THR B 446 1.77 -28.00 -23.44
N GLY B 447 2.81 -27.49 -22.77
CA GLY B 447 3.02 -26.03 -22.71
C GLY B 447 2.48 -25.43 -21.41
N ARG B 448 1.59 -26.15 -20.75
CA ARG B 448 0.90 -25.59 -19.58
C ARG B 448 1.80 -25.09 -18.45
N SER B 449 2.84 -25.85 -18.09
CA SER B 449 3.74 -25.43 -17.01
C SER B 449 4.47 -24.13 -17.41
N ALA B 450 4.75 -23.97 -18.71
CA ALA B 450 5.36 -22.74 -19.22
C ALA B 450 4.38 -21.58 -19.19
N GLN B 451 3.13 -21.84 -19.54
CA GLN B 451 2.09 -20.82 -19.49
C GLN B 451 1.88 -20.29 -18.07
N LEU B 452 1.87 -21.20 -17.10
CA LEU B 452 1.69 -20.80 -15.70
C LEU B 452 2.85 -19.95 -15.18
N LEU B 453 4.03 -20.11 -15.78
CA LEU B 453 5.17 -19.26 -15.46
C LEU B 453 4.97 -17.87 -16.09
N SER B 454 4.52 -17.89 -17.33
CA SER B 454 4.33 -16.68 -18.13
C SER B 454 3.32 -15.69 -17.54
N ARG B 455 2.26 -16.21 -16.93
CA ARG B 455 1.19 -15.36 -16.41
C ARG B 455 1.64 -14.40 -15.29
N TYR B 456 2.84 -14.62 -14.75
CA TYR B 456 3.38 -13.74 -13.71
C TYR B 456 4.38 -12.74 -14.28
N ARG B 457 4.61 -12.80 -15.58
CA ARG B 457 5.45 -11.82 -16.26
C ARG B 457 6.86 -11.72 -15.66
N PRO B 458 7.59 -12.85 -15.54
CA PRO B 458 8.98 -12.76 -15.11
C PRO B 458 9.82 -11.91 -16.06
N ARG B 459 10.90 -11.30 -15.56
CA ARG B 459 11.89 -10.68 -16.43
C ARG B 459 12.72 -11.79 -17.07
N ALA B 460 12.95 -12.85 -16.31
CA ALA B 460 13.71 -14.00 -16.80
C ALA B 460 12.98 -14.66 -17.98
N ALA B 461 13.73 -15.03 -19.02
CA ALA B 461 13.15 -15.75 -20.14
C ALA B 461 12.64 -17.13 -19.70
N VAL B 462 11.45 -17.52 -20.15
CA VAL B 462 10.97 -18.86 -19.88
C VAL B 462 11.37 -19.76 -21.05
N ILE B 463 12.38 -20.59 -20.83
CA ILE B 463 12.89 -21.51 -21.84
C ILE B 463 12.20 -22.85 -21.63
N ALA B 464 11.29 -23.19 -22.54
CA ALA B 464 10.45 -24.37 -22.39
C ALA B 464 10.93 -25.51 -23.31
N VAL B 465 11.41 -26.59 -22.71
CA VAL B 465 11.89 -27.75 -23.46
C VAL B 465 10.77 -28.77 -23.57
N THR B 466 10.42 -29.15 -24.81
CA THR B 466 9.32 -30.07 -25.05
C THR B 466 9.61 -31.02 -26.22
N ARG B 467 8.93 -32.15 -26.23
CA ARG B 467 9.06 -33.10 -27.34
C ARG B 467 7.90 -32.90 -28.29
N SER B 468 6.86 -32.20 -27.84
CA SER B 468 5.70 -32.00 -28.71
C SER B 468 5.90 -30.83 -29.67
N ALA B 469 5.99 -31.11 -30.96
CA ALA B 469 6.23 -30.08 -31.94
C ALA B 469 5.12 -29.05 -31.92
N GLN B 470 3.89 -29.52 -31.78
CA GLN B 470 2.74 -28.63 -31.77
C GLN B 470 2.71 -27.75 -30.51
N ALA B 471 3.03 -28.33 -29.36
CA ALA B 471 3.09 -27.53 -28.12
C ALA B 471 4.15 -26.45 -28.27
N ALA B 472 5.26 -26.80 -28.89
CA ALA B 472 6.33 -25.82 -29.13
C ALA B 472 5.82 -24.64 -29.98
N ARG B 473 4.95 -24.91 -30.95
CA ARG B 473 4.42 -23.84 -31.78
C ARG B 473 3.39 -23.06 -30.97
N GLN B 474 2.55 -23.78 -30.25
CA GLN B 474 1.44 -23.15 -29.56
C GLN B 474 1.85 -22.27 -28.36
N VAL B 475 2.99 -22.52 -27.74
CA VAL B 475 3.37 -21.69 -26.61
C VAL B 475 3.77 -20.29 -27.07
N HIS B 476 3.83 -20.07 -28.38
CA HIS B 476 4.18 -18.74 -28.86
C HIS B 476 3.08 -17.73 -28.52
N LEU B 477 1.91 -18.22 -28.14
CA LEU B 477 0.83 -17.35 -27.72
C LEU B 477 1.12 -16.70 -26.36
N CYS B 478 2.08 -17.24 -25.61
CA CYS B 478 2.40 -16.74 -24.27
C CYS B 478 3.62 -15.83 -24.25
N ARG B 479 3.48 -14.63 -23.71
CA ARG B 479 4.62 -13.73 -23.61
C ARG B 479 5.79 -14.38 -22.91
N GLY B 480 6.97 -14.29 -23.51
CA GLY B 480 8.18 -14.64 -22.81
C GLY B 480 8.45 -16.14 -22.69
N VAL B 481 7.74 -16.95 -23.46
CA VAL B 481 8.07 -18.38 -23.54
C VAL B 481 8.84 -18.67 -24.82
N PHE B 482 10.03 -19.25 -24.67
CA PHE B 482 10.89 -19.60 -25.78
C PHE B 482 10.96 -21.11 -25.94
N PRO B 483 10.22 -21.66 -26.92
CA PRO B 483 10.09 -23.11 -27.07
C PRO B 483 11.32 -23.77 -27.69
N LEU B 484 11.82 -24.83 -27.04
CA LEU B 484 12.93 -25.61 -27.59
C LEU B 484 12.42 -27.03 -27.89
N LEU B 485 12.46 -27.42 -29.15
CA LEU B 485 11.95 -28.71 -29.54
C LEU B 485 13.06 -29.75 -29.34
N TYR B 486 12.82 -30.71 -28.45
CA TYR B 486 13.80 -31.72 -28.15
C TYR B 486 13.51 -32.96 -29.00
N ARG B 487 14.51 -33.49 -29.68
CA ARG B 487 14.26 -34.50 -30.72
C ARG B 487 14.81 -35.90 -30.41
N GLU B 488 15.63 -36.03 -29.38
CA GLU B 488 16.24 -37.33 -29.04
C GLU B 488 15.26 -38.32 -28.39
N PRO B 489 15.42 -39.61 -28.72
CA PRO B 489 14.61 -40.65 -28.07
C PRO B 489 14.88 -40.71 -26.57
N PRO B 490 13.89 -41.13 -25.78
CA PRO B 490 13.95 -41.24 -24.32
C PRO B 490 15.10 -42.12 -23.80
N GLU B 491 15.78 -41.68 -22.74
CA GLU B 491 16.75 -42.53 -22.04
C GLU B 491 16.02 -43.70 -21.41
N ALA B 492 16.76 -44.77 -21.18
CA ALA B 492 16.23 -45.92 -20.47
C ALA B 492 15.82 -45.50 -19.05
N ILE B 493 16.65 -44.68 -18.43
CA ILE B 493 16.40 -44.21 -17.07
C ILE B 493 15.77 -42.80 -17.09
N TRP B 494 14.52 -42.70 -16.63
CA TRP B 494 13.75 -41.45 -16.77
C TRP B 494 14.48 -40.26 -16.16
N ALA B 495 15.05 -40.42 -14.97
CA ALA B 495 15.80 -39.33 -14.35
C ALA B 495 16.90 -38.81 -15.27
N ASP B 496 17.58 -39.72 -15.94
CA ASP B 496 18.61 -39.32 -16.91
C ASP B 496 18.01 -38.53 -18.07
N ASP B 497 16.80 -38.93 -18.50
CA ASP B 497 16.17 -38.29 -19.64
C ASP B 497 15.76 -36.85 -19.29
N VAL B 498 15.33 -36.67 -18.05
CA VAL B 498 14.99 -35.36 -17.53
C VAL B 498 16.24 -34.50 -17.53
N ASP B 499 17.31 -34.99 -16.91
CA ASP B 499 18.56 -34.25 -16.86
C ASP B 499 19.05 -33.88 -18.24
N ARG B 500 18.94 -34.82 -19.17
CA ARG B 500 19.42 -34.58 -20.53
C ARG B 500 18.67 -33.41 -21.18
N ARG B 501 17.38 -33.33 -20.93
CA ARG B 501 16.56 -32.25 -21.47
C ARG B 501 16.85 -30.89 -20.83
N VAL B 502 17.14 -30.88 -19.53
CA VAL B 502 17.57 -29.66 -18.86
C VAL B 502 18.88 -29.17 -19.47
N GLN B 503 19.80 -30.11 -19.74
CA GLN B 503 21.07 -29.77 -20.37
C GLN B 503 20.87 -29.19 -21.77
N PHE B 504 19.96 -29.79 -22.53
CA PHE B 504 19.58 -29.27 -23.84
C PHE B 504 19.11 -27.84 -23.68
N GLY B 505 18.30 -27.61 -22.65
CA GLY B 505 17.80 -26.29 -22.31
C GLY B 505 18.96 -25.32 -22.11
N ILE B 506 19.92 -25.72 -21.29
CA ILE B 506 21.08 -24.89 -20.98
C ILE B 506 21.96 -24.63 -22.20
N GLU B 507 22.25 -25.67 -22.97
CA GLU B 507 23.09 -25.51 -24.16
C GLU B 507 22.44 -24.65 -25.24
N SER B 508 21.15 -24.87 -25.49
CA SER B 508 20.45 -24.04 -26.46
C SER B 508 20.44 -22.59 -25.98
N GLY B 509 20.34 -22.44 -24.66
CA GLY B 509 20.26 -21.12 -24.06
C GLY B 509 21.55 -20.35 -24.25
N LYS B 510 22.68 -21.03 -24.09
CA LYS B 510 23.98 -20.38 -24.25
C LYS B 510 24.22 -20.00 -25.71
N LEU B 511 23.85 -20.87 -26.64
CA LEU B 511 24.05 -20.59 -28.06
C LEU B 511 23.21 -19.39 -28.50
N ARG B 512 22.02 -19.25 -27.91
CA ARG B 512 21.09 -18.24 -28.36
C ARG B 512 21.33 -16.91 -27.66
N GLY B 513 22.18 -16.93 -26.65
CA GLY B 513 22.50 -15.72 -25.90
C GLY B 513 21.60 -15.46 -24.71
N PHE B 514 20.75 -16.41 -24.35
CA PHE B 514 19.92 -16.28 -23.15
C PHE B 514 20.77 -16.45 -21.89
N LEU B 515 21.81 -17.27 -21.98
CA LEU B 515 22.54 -17.72 -20.80
C LEU B 515 24.05 -17.59 -20.98
N ARG B 516 24.74 -17.23 -19.90
CA ARG B 516 26.20 -17.26 -19.91
C ARG B 516 26.77 -17.81 -18.61
N VAL B 517 27.97 -18.38 -18.70
CA VAL B 517 28.66 -18.90 -17.53
C VAL B 517 28.58 -17.88 -16.41
N GLY B 518 28.15 -18.33 -15.23
CA GLY B 518 28.04 -17.47 -14.06
C GLY B 518 26.63 -16.99 -13.80
N ASP B 519 25.74 -17.21 -14.77
CA ASP B 519 24.34 -16.86 -14.60
C ASP B 519 23.66 -17.82 -13.67
N LEU B 520 22.57 -17.38 -13.06
CA LEU B 520 21.71 -18.28 -12.30
C LEU B 520 20.47 -18.60 -13.11
N VAL B 521 20.04 -19.86 -13.03
CA VAL B 521 18.80 -20.28 -13.66
C VAL B 521 17.94 -21.02 -12.65
N ILE B 522 16.64 -20.94 -12.84
CA ILE B 522 15.68 -21.70 -12.06
C ILE B 522 15.18 -22.82 -12.98
N VAL B 523 15.30 -24.07 -12.55
CA VAL B 523 14.87 -25.21 -13.37
C VAL B 523 13.58 -25.77 -12.78
N VAL B 524 12.55 -25.91 -13.62
CA VAL B 524 11.24 -26.38 -13.15
C VAL B 524 10.95 -27.73 -13.80
N THR B 525 10.73 -28.75 -12.97
CA THR B 525 10.45 -30.10 -13.46
C THR B 525 9.38 -30.78 -12.62
N GLY B 526 9.14 -32.06 -12.91
CA GLY B 526 8.11 -32.82 -12.22
C GLY B 526 8.63 -34.13 -11.65
N TRP B 527 7.78 -34.84 -10.91
CA TRP B 527 8.21 -36.00 -10.11
C TRP B 527 7.99 -37.32 -10.84
N ARG B 528 7.19 -37.30 -11.89
CA ARG B 528 6.96 -38.49 -12.70
C ARG B 528 6.65 -38.07 -14.13
N PRO B 529 6.84 -39.00 -15.09
CA PRO B 529 6.54 -38.72 -16.51
C PRO B 529 5.06 -38.39 -16.74
N GLY B 530 4.78 -37.71 -17.84
CA GLY B 530 3.41 -37.36 -18.18
C GLY B 530 3.08 -35.94 -17.76
N SER B 531 2.13 -35.33 -18.48
CA SER B 531 1.68 -33.97 -18.17
C SER B 531 0.97 -33.85 -16.82
N GLY B 532 1.15 -32.71 -16.16
CA GLY B 532 0.39 -32.38 -14.96
C GLY B 532 1.05 -32.64 -13.61
N TYR B 533 2.32 -33.03 -13.63
CA TYR B 533 3.02 -33.46 -12.42
C TYR B 533 4.19 -32.54 -12.02
N THR B 534 4.26 -31.36 -12.64
CA THR B 534 5.31 -30.41 -12.31
C THR B 534 5.21 -30.08 -10.82
N ASN B 535 6.33 -30.13 -10.11
CA ASN B 535 6.29 -29.81 -8.67
C ASN B 535 7.65 -29.48 -8.07
N ILE B 536 8.62 -29.17 -8.90
CA ILE B 536 9.97 -28.97 -8.42
C ILE B 536 10.62 -27.77 -9.04
N MET B 537 11.22 -26.94 -8.20
CA MET B 537 12.05 -25.87 -8.71
CA MET B 537 12.01 -25.79 -8.62
C MET B 537 13.42 -25.94 -8.04
N ARG B 538 14.44 -25.68 -8.85
CA ARG B 538 15.83 -25.78 -8.42
C ARG B 538 16.60 -24.56 -8.86
N VAL B 539 17.53 -24.11 -8.03
CA VAL B 539 18.39 -22.98 -8.35
C VAL B 539 19.72 -23.53 -8.80
N LEU B 540 20.12 -23.20 -10.03
CA LEU B 540 21.36 -23.74 -10.60
C LEU B 540 22.30 -22.65 -11.08
N SER B 541 23.59 -22.93 -11.01
CA SER B 541 24.59 -22.03 -11.58
C SER B 541 24.96 -22.55 -12.96
N ILE B 542 25.10 -21.63 -13.91
CA ILE B 542 25.55 -22.01 -15.25
C ILE B 542 27.07 -22.03 -15.27
N SER B 543 27.65 -23.20 -15.53
CA SER B 543 29.09 -23.33 -15.59
C SER B 543 29.63 -23.08 -17.01
N GLN C 18 13.88 20.13 5.65
CA GLN C 18 14.54 20.92 4.62
C GLN C 18 14.68 22.39 4.99
N GLU C 19 13.77 23.20 4.44
CA GLU C 19 13.84 24.65 4.56
CA GLU C 19 13.86 24.66 4.57
C GLU C 19 13.42 25.16 5.94
N LEU C 20 14.13 26.17 6.43
CA LEU C 20 13.85 26.84 7.71
C LEU C 20 13.73 25.89 8.92
N GLY C 21 14.67 24.95 8.99
CA GLY C 21 14.73 24.04 10.13
C GLY C 21 15.61 22.84 9.86
N THR C 22 16.79 22.83 10.45
CA THR C 22 17.67 21.67 10.36
C THR C 22 17.48 20.81 11.61
N ALA C 23 17.39 21.47 12.76
CA ALA C 23 17.14 20.78 14.02
C ALA C 23 15.67 20.37 14.11
N PHE C 24 14.84 21.07 13.34
CA PHE C 24 13.39 20.83 13.38
C PHE C 24 13.00 19.45 12.85
N PHE C 25 13.71 18.95 11.84
CA PHE C 25 13.34 17.70 11.22
C PHE C 25 13.92 16.46 11.88
N GLN C 26 14.69 16.64 12.95
CA GLN C 26 15.18 15.50 13.71
C GLN C 26 14.21 15.17 14.84
N GLN C 27 13.36 16.12 15.19
CA GLN C 27 12.46 15.94 16.33
C GLN C 27 11.12 15.32 15.94
N GLN C 28 10.32 15.01 16.95
CA GLN C 28 8.99 14.39 16.80
C GLN C 28 8.89 13.20 15.84
N GLN C 29 9.90 12.34 15.88
CA GLN C 29 9.94 11.15 15.02
C GLN C 29 9.70 11.46 13.55
N LEU C 30 10.07 12.67 13.12
CA LEU C 30 9.91 13.04 11.71
C LEU C 30 10.73 12.18 10.74
N PRO C 31 11.96 11.81 11.13
CA PRO C 31 12.69 10.89 10.25
C PRO C 31 11.90 9.61 10.00
N ALA C 32 11.18 9.13 11.01
CA ALA C 32 10.39 7.91 10.86
C ALA C 32 9.10 8.20 10.08
N ALA C 33 8.65 9.45 10.19
CA ALA C 33 7.41 9.86 9.54
C ALA C 33 7.54 9.77 8.03
N MET C 34 8.73 10.07 7.52
CA MET C 34 8.96 10.09 6.06
C MET C 34 9.27 8.71 5.48
N ALA C 35 9.34 7.69 6.33
CA ALA C 35 9.64 6.35 5.82
C ALA C 35 8.63 5.88 4.79
N ASP C 36 9.10 5.07 3.83
CA ASP C 36 8.27 4.61 2.74
C ASP C 36 7.44 3.37 3.07
N THR C 37 7.77 2.68 4.16
CA THR C 37 6.99 1.52 4.58
C THR C 37 6.87 1.53 6.09
N PHE C 38 5.86 0.84 6.59
CA PHE C 38 5.66 0.75 8.03
C PHE C 38 6.88 0.11 8.72
N LEU C 39 7.45 -0.91 8.08
CA LEU C 39 8.63 -1.57 8.66
C LEU C 39 9.82 -0.61 8.76
N GLU C 40 10.05 0.17 7.72
CA GLU C 40 11.13 1.14 7.74
C GLU C 40 10.82 2.24 8.77
N HIS C 41 9.56 2.62 8.87
CA HIS C 41 9.11 3.58 9.88
C HIS C 41 9.51 3.10 11.29
N LEU C 42 9.14 1.87 11.64
CA LEU C 42 9.54 1.30 12.93
C LEU C 42 11.05 1.33 13.11
N CYS C 43 11.79 0.95 12.05
CA CYS C 43 13.24 0.93 12.09
C CYS C 43 13.88 2.30 12.32
N LEU C 44 13.17 3.37 11.96
CA LEU C 44 13.66 4.74 12.13
C LEU C 44 13.24 5.43 13.44
N LEU C 45 12.37 4.82 14.23
CA LEU C 45 11.99 5.40 15.53
C LEU C 45 13.24 5.65 16.39
N ASP C 46 13.27 6.80 17.06
CA ASP C 46 14.51 7.25 17.71
C ASP C 46 14.25 7.75 19.13
N ILE C 47 14.92 7.14 20.12
CA ILE C 47 14.71 7.55 21.51
C ILE C 47 15.21 8.97 21.78
N ASP C 48 16.02 9.52 20.88
CA ASP C 48 16.54 10.87 21.07
C ASP C 48 15.71 11.90 20.32
N SER C 49 14.71 11.45 19.57
CA SER C 49 13.83 12.38 18.87
C SER C 49 12.73 12.81 19.84
N GLU C 50 12.82 14.03 20.35
CA GLU C 50 11.90 14.49 21.39
C GLU C 50 10.56 14.94 20.82
N PRO C 51 9.48 14.61 21.53
CA PRO C 51 8.14 15.04 21.14
C PRO C 51 8.04 16.58 21.20
N VAL C 52 7.26 17.17 20.30
CA VAL C 52 7.11 18.63 20.25
C VAL C 52 5.65 18.98 20.44
N ALA C 53 4.78 18.28 19.71
CA ALA C 53 3.35 18.52 19.78
C ALA C 53 2.81 18.32 21.19
N ALA C 54 1.75 19.05 21.53
CA ALA C 54 1.06 18.84 22.78
C ALA C 54 0.45 17.43 22.81
N ARG C 55 0.42 16.81 23.99
CA ARG C 55 -0.16 15.49 24.15
C ARG C 55 -1.62 15.56 23.73
N SER C 56 -2.06 14.61 22.90
CA SER C 56 -3.35 14.72 22.24
C SER C 56 -4.38 13.68 22.68
N THR C 57 -3.92 12.53 23.16
CA THR C 57 -4.86 11.54 23.68
C THR C 57 -5.37 11.99 25.06
N SER C 58 -6.67 11.99 25.28
CA SER C 58 -7.20 12.47 26.56
CA SER C 58 -7.19 12.46 26.57
C SER C 58 -7.01 11.41 27.65
N ILE C 59 -6.90 11.88 28.89
CA ILE C 59 -6.71 11.02 30.04
C ILE C 59 -7.95 11.10 30.94
N ILE C 60 -8.52 9.94 31.21
CA ILE C 60 -9.67 9.80 32.09
C ILE C 60 -9.18 9.28 33.44
N ALA C 61 -9.44 10.03 34.51
CA ALA C 61 -9.11 9.55 35.85
C ALA C 61 -10.38 9.25 36.64
N THR C 62 -10.37 8.13 37.36
CA THR C 62 -11.50 7.74 38.21
C THR C 62 -11.39 8.36 39.62
N ILE C 63 -12.46 9.02 40.05
CA ILE C 63 -12.48 9.69 41.34
C ILE C 63 -12.70 8.67 42.46
N GLY C 64 -11.90 8.80 43.50
CA GLY C 64 -12.05 7.95 44.67
C GLY C 64 -11.34 8.59 45.86
N PRO C 65 -11.27 7.87 46.98
CA PRO C 65 -10.60 8.42 48.17
C PRO C 65 -9.23 9.04 47.88
N ALA C 66 -8.49 8.54 46.90
CA ALA C 66 -7.14 9.05 46.64
C ALA C 66 -7.14 10.33 45.80
N SER C 67 -8.28 10.67 45.22
CA SER C 67 -8.30 11.74 44.24
C SER C 67 -9.59 12.55 44.30
N ARG C 68 -10.13 12.72 45.50
CA ARG C 68 -11.43 13.33 45.63
C ARG C 68 -11.34 14.73 46.24
N SER C 69 -10.30 14.98 47.01
CA SER C 69 -10.12 16.29 47.62
C SER C 69 -9.79 17.36 46.58
N VAL C 70 -10.26 18.58 46.82
CA VAL C 70 -9.98 19.70 45.95
C VAL C 70 -8.49 19.91 45.71
N GLU C 71 -7.67 19.77 46.74
CA GLU C 71 -6.23 19.95 46.54
C GLU C 71 -5.61 18.91 45.61
N ARG C 72 -6.02 17.66 45.78
CA ARG C 72 -5.49 16.58 44.93
C ARG C 72 -5.99 16.72 43.48
N LEU C 73 -7.23 17.14 43.31
CA LEU C 73 -7.77 17.32 41.96
C LEU C 73 -7.05 18.44 41.19
N LYS C 74 -6.61 19.47 41.92
CA LYS C 74 -5.86 20.54 41.29
C LYS C 74 -4.54 20.03 40.72
N GLU C 75 -3.87 19.17 41.46
CA GLU C 75 -2.61 18.57 41.02
C GLU C 75 -2.84 17.66 39.83
N MET C 76 -3.98 16.99 39.81
CA MET C 76 -4.30 16.06 38.72
C MET C 76 -4.65 16.81 37.45
N ILE C 77 -5.37 17.91 37.60
CA ILE C 77 -5.67 18.76 36.46
C ILE C 77 -4.35 19.24 35.89
N LYS C 78 -3.44 19.65 36.76
CA LYS C 78 -2.16 20.17 36.27
C LYS C 78 -1.34 19.06 35.62
N ALA C 79 -1.49 17.82 36.11
CA ALA C 79 -0.75 16.67 35.57
C ALA C 79 -1.28 16.22 34.22
N GLY C 80 -2.49 16.66 33.86
CA GLY C 80 -3.06 16.35 32.56
C GLY C 80 -4.42 15.68 32.52
N MET C 81 -5.08 15.46 33.66
CA MET C 81 -6.41 14.83 33.63
C MET C 81 -7.41 15.66 32.83
N ASN C 82 -8.15 15.02 31.92
CA ASN C 82 -9.10 15.72 31.04
C ASN C 82 -10.55 15.41 31.33
N ILE C 83 -10.76 14.22 31.86
CA ILE C 83 -12.10 13.73 32.17
C ILE C 83 -12.06 13.06 33.53
N ALA C 84 -13.01 13.44 34.38
CA ALA C 84 -13.15 12.84 35.69
C ALA C 84 -14.27 11.79 35.64
N ARG C 85 -13.93 10.54 35.97
CA ARG C 85 -14.91 9.46 35.92
C ARG C 85 -15.51 9.16 37.29
N LEU C 86 -16.84 9.13 37.37
CA LEU C 86 -17.51 8.80 38.62
C LEU C 86 -18.00 7.37 38.54
N ASN C 87 -17.50 6.52 39.43
CA ASN C 87 -17.84 5.10 39.38
C ASN C 87 -19.05 4.79 40.23
N PHE C 88 -20.21 4.70 39.60
CA PHE C 88 -21.44 4.48 40.35
C PHE C 88 -21.67 3.06 40.85
N SER C 89 -20.68 2.19 40.64
CA SER C 89 -20.73 0.87 41.26
C SER C 89 -20.53 0.98 42.77
N HIS C 90 -19.96 2.10 43.22
CA HIS C 90 -19.77 2.37 44.64
C HIS C 90 -20.12 3.81 44.98
N GLY C 91 -20.60 4.03 46.20
CA GLY C 91 -20.90 5.37 46.67
C GLY C 91 -22.36 5.78 46.56
N SER C 92 -22.76 6.67 47.46
CA SER C 92 -24.11 7.18 47.44
C SER C 92 -24.20 8.37 46.49
N HIS C 93 -25.41 8.86 46.23
CA HIS C 93 -25.57 10.07 45.46
C HIS C 93 -24.91 11.25 46.13
N GLU C 94 -25.04 11.33 47.46
CA GLU C 94 -24.43 12.40 48.22
C GLU C 94 -22.92 12.40 48.02
N TYR C 95 -22.33 11.20 48.11
CA TYR C 95 -20.90 11.02 47.87
C TYR C 95 -20.52 11.54 46.46
N HIS C 96 -21.28 11.14 45.45
CA HIS C 96 -20.97 11.58 44.08
C HIS C 96 -21.21 13.07 43.86
N ALA C 97 -22.19 13.62 44.57
CA ALA C 97 -22.47 15.06 44.44
C ALA C 97 -21.25 15.83 44.94
N GLU C 98 -20.70 15.36 46.04
CA GLU C 98 -19.49 15.94 46.61
C GLU C 98 -18.32 15.83 45.65
N SER C 99 -18.14 14.65 45.04
CA SER C 99 -17.11 14.47 44.03
C SER C 99 -17.24 15.52 42.92
N ILE C 100 -18.45 15.67 42.40
CA ILE C 100 -18.70 16.61 41.32
C ILE C 100 -18.43 18.04 41.74
N ALA C 101 -18.88 18.44 42.93
CA ALA C 101 -18.64 19.78 43.44
C ALA C 101 -17.14 20.04 43.56
N ASN C 102 -16.40 19.04 44.02
CA ASN C 102 -14.96 19.17 44.18
C ASN C 102 -14.23 19.32 42.85
N VAL C 103 -14.56 18.47 41.88
CA VAL C 103 -14.01 18.62 40.54
C VAL C 103 -14.31 20.03 40.02
N ARG C 104 -15.55 20.45 40.16
CA ARG C 104 -15.90 21.77 39.63
C ARG C 104 -15.17 22.88 40.35
N GLU C 105 -14.95 22.73 41.65
CA GLU C 105 -14.20 23.73 42.40
C GLU C 105 -12.76 23.79 41.92
N ALA C 106 -12.16 22.61 41.75
CA ALA C 106 -10.78 22.50 41.27
C ALA C 106 -10.66 23.12 39.89
N VAL C 107 -11.61 22.79 39.01
CA VAL C 107 -11.56 23.26 37.62
C VAL C 107 -11.70 24.79 37.55
N GLU C 108 -12.68 25.34 38.27
CA GLU C 108 -12.89 26.78 38.22
C GLU C 108 -11.82 27.58 38.97
N SER C 109 -11.05 26.90 39.81
CA SER C 109 -9.92 27.56 40.47
C SER C 109 -8.89 28.08 39.45
N PHE C 110 -8.99 27.60 38.20
CA PHE C 110 -8.08 28.04 37.15
C PHE C 110 -8.75 29.02 36.18
N ALA C 111 -10.03 29.33 36.43
CA ALA C 111 -10.82 30.12 35.47
C ALA C 111 -10.38 31.59 35.34
N GLY C 112 -9.61 32.06 36.32
CA GLY C 112 -9.14 33.43 36.32
C GLY C 112 -8.31 33.75 35.09
N SER C 113 -7.78 32.70 34.47
CA SER C 113 -6.97 32.85 33.27
C SER C 113 -7.64 32.20 32.07
N PRO C 114 -8.60 32.92 31.46
CA PRO C 114 -9.34 32.43 30.29
C PRO C 114 -8.43 31.83 29.24
N LEU C 115 -7.22 32.36 29.08
CA LEU C 115 -6.31 31.93 28.04
C LEU C 115 -5.57 30.62 28.38
N SER C 116 -5.55 30.27 29.66
CA SER C 116 -4.75 29.17 30.18
C SER C 116 -5.62 28.14 30.91
N TYR C 117 -6.93 28.29 30.78
CA TYR C 117 -7.93 27.50 31.50
C TYR C 117 -8.22 26.17 30.80
N ARG C 118 -8.23 25.09 31.56
CA ARG C 118 -8.51 23.75 31.04
C ARG C 118 -9.88 23.22 31.46
N PRO C 119 -10.82 23.14 30.51
CA PRO C 119 -12.09 22.47 30.74
C PRO C 119 -11.88 21.00 31.14
N VAL C 120 -12.59 20.53 32.16
CA VAL C 120 -12.54 19.13 32.54
C VAL C 120 -13.95 18.53 32.45
N ALA C 121 -14.11 17.45 31.70
CA ALA C 121 -15.40 16.77 31.59
C ALA C 121 -15.66 15.87 32.80
N ILE C 122 -16.94 15.66 33.10
CA ILE C 122 -17.35 14.74 34.13
C ILE C 122 -18.19 13.65 33.50
N ALA C 123 -17.79 12.39 33.74
CA ALA C 123 -18.49 11.23 33.19
C ALA C 123 -19.07 10.36 34.30
N LEU C 124 -20.30 9.94 34.13
CA LEU C 124 -20.95 9.04 35.07
C LEU C 124 -20.87 7.61 34.50
N ASP C 125 -20.19 6.73 35.23
CA ASP C 125 -20.02 5.36 34.80
C ASP C 125 -21.03 4.49 35.54
N THR C 126 -22.01 3.94 34.83
CA THR C 126 -23.11 3.24 35.49
C THR C 126 -22.70 1.96 36.21
N LYS C 127 -23.54 1.55 37.14
CA LYS C 127 -23.29 0.31 37.89
C LYS C 127 -23.53 -0.89 36.99
N GLY C 128 -24.64 -0.88 36.28
CA GLY C 128 -24.99 -1.98 35.40
C GLY C 128 -25.41 -3.23 36.13
N PRO C 129 -25.51 -4.36 35.39
CA PRO C 129 -26.04 -5.63 35.89
C PRO C 129 -25.02 -6.38 36.73
N GLU C 130 -24.62 -5.79 37.85
CA GLU C 130 -23.61 -6.42 38.68
C GLU C 130 -24.19 -7.55 39.55
N ILE C 131 -23.46 -8.66 39.61
CA ILE C 131 -23.77 -9.75 40.52
C ILE C 131 -22.66 -9.84 41.56
N ARG C 132 -23.02 -9.84 42.84
CA ARG C 132 -22.03 -9.93 43.93
C ARG C 132 -22.33 -11.07 44.89
N THR C 133 -21.31 -11.48 45.63
CA THR C 133 -21.43 -12.56 46.60
C THR C 133 -21.89 -12.04 47.97
N GLU C 143 -12.26 -13.43 55.44
CA GLU C 143 -11.70 -13.99 54.22
C GLU C 143 -11.44 -15.49 54.35
N VAL C 144 -12.23 -16.29 53.64
CA VAL C 144 -12.09 -17.74 53.68
C VAL C 144 -11.57 -18.27 52.34
N GLU C 145 -10.85 -19.38 52.37
CA GLU C 145 -10.21 -19.90 51.17
C GLU C 145 -11.03 -21.04 50.56
N LEU C 146 -11.29 -20.96 49.26
CA LEU C 146 -11.97 -22.03 48.54
C LEU C 146 -10.98 -23.05 47.99
N VAL C 147 -10.95 -24.22 48.61
CA VAL C 147 -10.05 -25.29 48.18
C VAL C 147 -10.45 -25.83 46.81
N LYS C 148 -9.47 -26.04 45.94
CA LYS C 148 -9.74 -26.63 44.64
C LYS C 148 -10.24 -28.06 44.79
N GLY C 149 -11.06 -28.51 43.84
CA GLY C 149 -11.57 -29.86 43.86
C GLY C 149 -12.74 -30.04 44.82
N SER C 150 -12.78 -29.25 45.88
CA SER C 150 -13.85 -29.32 46.88
C SER C 150 -15.20 -28.89 46.29
N GLN C 151 -16.22 -28.85 47.14
CA GLN C 151 -17.55 -28.47 46.70
C GLN C 151 -18.08 -27.27 47.46
N VAL C 152 -18.43 -26.23 46.71
CA VAL C 152 -19.01 -25.01 47.28
C VAL C 152 -20.49 -24.92 46.92
N LEU C 153 -21.29 -24.39 47.83
CA LEU C 153 -22.73 -24.29 47.62
C LEU C 153 -23.17 -22.86 47.28
N VAL C 154 -23.61 -22.66 46.04
CA VAL C 154 -24.14 -21.38 45.61
C VAL C 154 -25.65 -21.33 45.89
N THR C 155 -26.06 -20.40 46.74
CA THR C 155 -27.47 -20.32 47.14
C THR C 155 -27.99 -18.89 47.17
N VAL C 156 -29.22 -18.71 46.73
CA VAL C 156 -29.90 -17.42 46.79
C VAL C 156 -30.82 -17.37 48.01
N ASP C 157 -30.55 -18.26 48.96
CA ASP C 157 -31.34 -18.37 50.19
C ASP C 157 -30.69 -17.59 51.32
N PRO C 158 -31.36 -16.52 51.78
CA PRO C 158 -30.88 -15.65 52.86
C PRO C 158 -30.58 -16.44 54.13
N TRP C 170 -23.39 -17.61 48.41
CA TRP C 170 -24.57 -16.77 48.29
C TRP C 170 -24.36 -15.58 47.36
N VAL C 171 -25.30 -15.36 46.45
CA VAL C 171 -25.20 -14.26 45.49
C VAL C 171 -26.48 -13.43 45.43
N ASP C 172 -26.33 -12.14 45.15
CA ASP C 172 -27.45 -11.21 45.15
C ASP C 172 -28.29 -11.28 43.87
N TYR C 173 -28.35 -12.45 43.26
CA TYR C 173 -29.05 -12.61 41.99
C TYR C 173 -29.77 -13.96 41.91
N PRO C 174 -31.05 -13.97 42.29
CA PRO C 174 -31.89 -15.16 42.40
C PRO C 174 -31.83 -16.06 41.17
N ASN C 175 -32.18 -15.53 40.01
CA ASN C 175 -32.28 -16.33 38.79
C ASN C 175 -30.99 -17.01 38.36
N ILE C 176 -29.92 -16.81 39.12
CA ILE C 176 -28.65 -17.46 38.83
C ILE C 176 -28.88 -18.96 38.79
N VAL C 177 -29.85 -19.43 39.57
CA VAL C 177 -30.12 -20.86 39.67
C VAL C 177 -30.95 -21.36 38.49
N ARG C 178 -31.00 -20.54 37.44
CA ARG C 178 -31.82 -20.84 36.26
C ARG C 178 -31.05 -20.66 34.96
N VAL C 179 -30.03 -19.83 35.01
CA VAL C 179 -29.34 -19.45 33.80
C VAL C 179 -28.05 -20.17 33.68
N VAL C 180 -27.82 -21.16 34.52
CA VAL C 180 -26.55 -21.91 34.46
C VAL C 180 -26.84 -23.40 34.39
N PRO C 181 -26.36 -24.06 33.33
CA PRO C 181 -26.77 -25.43 33.02
C PRO C 181 -25.64 -26.17 33.62
N VAL C 182 -25.74 -27.46 33.87
CA VAL C 182 -24.56 -28.20 34.23
C VAL C 182 -23.32 -28.07 33.33
N GLY C 183 -22.23 -28.04 34.05
CA GLY C 183 -20.87 -27.98 33.59
C GLY C 183 -20.63 -26.60 33.03
N GLY C 184 -21.42 -25.66 33.50
CA GLY C 184 -21.30 -24.27 33.14
C GLY C 184 -20.47 -23.67 34.22
N ARG C 185 -19.95 -22.47 33.98
CA ARG C 185 -18.87 -21.94 34.78
C ARG C 185 -19.29 -20.70 35.54
N ILE C 186 -18.82 -20.59 36.79
CA ILE C 186 -19.05 -19.39 37.59
C ILE C 186 -17.72 -18.79 38.01
N TYR C 187 -17.48 -17.54 37.62
CA TYR C 187 -16.28 -16.82 38.04
C TYR C 187 -16.59 -15.90 39.19
N ILE C 188 -15.68 -15.84 40.15
CA ILE C 188 -15.82 -14.91 41.27
C ILE C 188 -14.53 -14.11 41.45
N ASP C 189 -14.67 -12.85 41.84
CA ASP C 189 -13.53 -12.02 42.21
C ASP C 189 -12.57 -11.78 41.04
N ASP C 190 -12.93 -10.81 40.20
CA ASP C 190 -12.23 -10.56 38.93
C ASP C 190 -11.78 -11.84 38.26
N GLY C 191 -12.66 -12.83 38.20
CA GLY C 191 -12.39 -14.06 37.50
C GLY C 191 -11.25 -14.90 38.03
N LEU C 192 -10.78 -14.58 39.24
CA LEU C 192 -9.67 -15.33 39.84
C LEU C 192 -10.10 -16.72 40.32
N ILE C 193 -11.36 -16.83 40.73
CA ILE C 193 -11.90 -18.09 41.22
C ILE C 193 -12.96 -18.62 40.26
N SER C 194 -12.95 -19.92 40.00
CA SER C 194 -13.96 -20.51 39.12
C SER C 194 -14.64 -21.75 39.71
N LEU C 195 -15.82 -22.06 39.18
CA LEU C 195 -16.63 -23.17 39.66
C LEU C 195 -17.43 -23.75 38.49
N VAL C 196 -17.73 -25.04 38.57
CA VAL C 196 -18.64 -25.68 37.61
C VAL C 196 -19.78 -26.38 38.32
N VAL C 197 -20.98 -26.25 37.76
CA VAL C 197 -22.18 -26.80 38.38
C VAL C 197 -22.23 -28.31 38.26
N GLN C 198 -22.44 -28.99 39.39
CA GLN C 198 -22.56 -30.44 39.41
C GLN C 198 -24.02 -30.86 39.65
N LYS C 199 -24.66 -30.22 40.63
CA LYS C 199 -26.03 -30.57 40.98
C LYS C 199 -26.93 -29.33 41.07
N ILE C 200 -28.11 -29.42 40.47
CA ILE C 200 -29.10 -28.36 40.51
C ILE C 200 -30.23 -28.74 41.47
N GLY C 201 -30.18 -28.21 42.69
CA GLY C 201 -31.17 -28.55 43.69
C GLY C 201 -31.87 -27.33 44.29
N PRO C 202 -32.97 -27.58 45.01
CA PRO C 202 -33.75 -26.53 45.69
C PRO C 202 -32.94 -25.83 46.78
N GLU C 203 -31.85 -26.44 47.24
CA GLU C 203 -30.98 -25.80 48.22
C GLU C 203 -30.02 -24.83 47.54
N GLY C 204 -30.00 -24.87 46.21
CA GLY C 204 -29.16 -23.98 45.43
C GLY C 204 -28.43 -24.72 44.32
N LEU C 205 -27.42 -24.08 43.75
CA LEU C 205 -26.54 -24.73 42.79
C LEU C 205 -25.35 -25.35 43.52
N VAL C 206 -25.15 -26.65 43.33
CA VAL C 206 -24.03 -27.35 43.95
C VAL C 206 -22.90 -27.46 42.93
N THR C 207 -21.74 -26.91 43.29
CA THR C 207 -20.61 -26.85 42.36
C THR C 207 -19.29 -27.28 42.99
N GLN C 208 -18.40 -27.78 42.14
CA GLN C 208 -17.03 -28.09 42.53
C GLN C 208 -16.12 -26.94 42.13
N VAL C 209 -14.97 -26.84 42.77
CA VAL C 209 -14.02 -25.75 42.47
C VAL C 209 -13.05 -26.11 41.33
N GLU C 210 -13.25 -25.47 40.18
CA GLU C 210 -12.34 -25.61 39.04
C GLU C 210 -11.03 -24.91 39.37
N ASN C 211 -11.07 -23.59 39.49
CA ASN C 211 -9.94 -22.82 39.97
C ASN C 211 -10.23 -22.33 41.38
N GLY C 212 -9.39 -22.74 42.32
CA GLY C 212 -9.57 -22.34 43.70
C GLY C 212 -8.81 -21.06 44.04
N GLY C 213 -9.16 -20.46 45.17
CA GLY C 213 -8.51 -19.26 45.64
C GLY C 213 -9.13 -18.77 46.93
N VAL C 214 -8.55 -17.71 47.50
CA VAL C 214 -9.09 -17.12 48.71
C VAL C 214 -10.22 -16.14 48.41
N LEU C 215 -11.43 -16.47 48.84
CA LEU C 215 -12.59 -15.60 48.62
C LEU C 215 -12.61 -14.46 49.64
N GLY C 216 -13.68 -13.68 49.58
CA GLY C 216 -13.84 -12.50 50.41
C GLY C 216 -15.31 -12.15 50.36
N SER C 217 -15.66 -10.89 50.63
CA SER C 217 -17.06 -10.50 50.71
C SER C 217 -17.47 -9.44 49.69
N ARG C 218 -18.70 -9.54 49.20
CA ARG C 218 -19.22 -8.63 48.18
C ARG C 218 -18.37 -8.64 46.91
N LYS C 219 -17.97 -9.84 46.48
CA LYS C 219 -17.09 -9.97 45.31
C LYS C 219 -17.84 -10.26 44.01
N GLY C 220 -17.42 -9.58 42.95
CA GLY C 220 -18.04 -9.69 41.63
C GLY C 220 -18.13 -11.09 41.05
N VAL C 221 -19.29 -11.39 40.48
CA VAL C 221 -19.55 -12.69 39.86
C VAL C 221 -19.75 -12.54 38.35
N ASN C 222 -19.06 -13.33 37.56
CA ASN C 222 -19.26 -13.35 36.11
C ASN C 222 -19.79 -14.70 35.64
N LEU C 223 -20.71 -14.67 34.68
CA LEU C 223 -21.31 -15.88 34.14
C LEU C 223 -21.24 -15.86 32.62
N PRO C 224 -20.12 -16.29 32.05
CA PRO C 224 -20.00 -16.36 30.59
C PRO C 224 -20.76 -17.55 30.03
N ALA C 226 -24.86 -17.74 31.38
CA ALA C 226 -24.51 -17.19 30.07
C ALA C 226 -25.65 -16.32 29.55
N GLN C 227 -26.88 -16.76 29.79
CA GLN C 227 -28.06 -16.02 29.33
C GLN C 227 -28.71 -15.24 30.47
N VAL C 228 -27.98 -14.26 31.00
CA VAL C 228 -28.48 -13.44 32.10
C VAL C 228 -29.69 -12.62 31.71
N ASP C 229 -30.73 -12.67 32.52
CA ASP C 229 -31.92 -11.91 32.21
C ASP C 229 -31.87 -10.55 32.84
N LEU C 230 -30.93 -10.35 33.75
CA LEU C 230 -30.74 -9.05 34.38
C LEU C 230 -31.00 -7.91 33.40
N PRO C 231 -31.87 -6.97 33.82
CA PRO C 231 -32.36 -5.90 32.95
C PRO C 231 -31.21 -5.15 32.30
N GLY C 232 -31.35 -4.80 31.02
CA GLY C 232 -30.38 -3.96 30.37
C GLY C 232 -30.07 -2.76 31.25
N LEU C 233 -31.11 -2.23 31.89
CA LEU C 233 -30.99 -1.03 32.72
C LEU C 233 -31.78 -1.15 34.03
N SER C 234 -31.06 -1.38 35.13
CA SER C 234 -31.69 -1.59 36.43
C SER C 234 -32.41 -0.36 37.00
N GLU C 235 -33.23 -0.59 38.02
CA GLU C 235 -33.91 0.51 38.70
C GLU C 235 -32.90 1.51 39.23
N GLN C 236 -31.84 1.01 39.85
CA GLN C 236 -30.78 1.86 40.37
C GLN C 236 -30.17 2.68 39.24
N ASP C 237 -29.82 2.02 38.14
CA ASP C 237 -29.27 2.71 36.98
C ASP C 237 -30.14 3.90 36.56
N VAL C 238 -31.45 3.70 36.52
CA VAL C 238 -32.35 4.78 36.12
C VAL C 238 -32.29 5.98 37.10
N ARG C 239 -32.20 5.70 38.40
CA ARG C 239 -32.08 6.81 39.34
C ARG C 239 -30.74 7.52 39.21
N ASP C 240 -29.69 6.74 38.94
CA ASP C 240 -28.34 7.28 38.81
C ASP C 240 -28.23 8.19 37.59
N LEU C 241 -28.86 7.80 36.49
CA LEU C 241 -28.87 8.62 35.28
C LEU C 241 -29.67 9.90 35.49
N ARG C 242 -30.78 9.80 36.21
CA ARG C 242 -31.55 10.99 36.55
C ARG C 242 -30.70 11.94 37.42
N PHE C 243 -29.99 11.38 38.39
CA PHE C 243 -29.03 12.14 39.18
C PHE C 243 -28.01 12.84 38.28
N GLY C 244 -27.42 12.09 37.36
CA GLY C 244 -26.43 12.66 36.46
C GLY C 244 -26.96 13.86 35.69
N VAL C 245 -28.16 13.73 35.15
CA VAL C 245 -28.79 14.83 34.44
C VAL C 245 -29.03 16.03 35.36
N GLU C 246 -29.59 15.76 36.53
CA GLU C 246 -29.87 16.87 37.46
C GLU C 246 -28.56 17.56 37.87
N HIS C 247 -27.45 16.83 37.80
CA HIS C 247 -26.16 17.43 38.15
C HIS C 247 -25.27 17.85 36.96
N GLY C 248 -25.83 17.82 35.74
CA GLY C 248 -25.12 18.35 34.59
C GLY C 248 -23.88 17.59 34.17
N VAL C 249 -23.91 16.26 34.27
CA VAL C 249 -22.77 15.46 33.82
C VAL C 249 -22.69 15.54 32.29
N ASP C 250 -21.49 15.40 31.76
CA ASP C 250 -21.26 15.62 30.33
C ASP C 250 -21.40 14.33 29.55
N ILE C 251 -21.01 13.24 30.18
CA ILE C 251 -20.90 11.93 29.52
C ILE C 251 -21.48 10.84 30.42
N VAL C 252 -22.09 9.85 29.79
CA VAL C 252 -22.40 8.59 30.46
C VAL C 252 -21.59 7.46 29.83
N PHE C 253 -20.91 6.68 30.68
CA PHE C 253 -20.33 5.40 30.26
C PHE C 253 -21.34 4.33 30.63
N ALA C 254 -22.01 3.77 29.63
CA ALA C 254 -23.04 2.76 29.88
C ALA C 254 -22.49 1.34 29.97
N SER C 255 -22.67 0.71 31.13
CA SER C 255 -22.09 -0.61 31.40
C SER C 255 -22.84 -1.72 30.68
N PHE C 256 -22.09 -2.73 30.22
CA PHE C 256 -22.67 -3.93 29.63
C PHE C 256 -23.67 -3.70 28.50
N VAL C 257 -23.34 -2.80 27.60
CA VAL C 257 -24.18 -2.60 26.42
C VAL C 257 -24.05 -3.82 25.50
N ARG C 258 -25.18 -4.46 25.21
CA ARG C 258 -25.20 -5.69 24.44
C ARG C 258 -25.81 -5.53 23.04
N LYS C 259 -26.57 -4.46 22.84
CA LYS C 259 -27.33 -4.29 21.61
C LYS C 259 -27.91 -2.89 21.55
N ALA C 260 -28.36 -2.49 20.36
CA ALA C 260 -28.81 -1.12 20.14
C ALA C 260 -29.88 -0.69 21.13
N SER C 261 -30.77 -1.61 21.48
CA SER C 261 -31.87 -1.27 22.39
C SER C 261 -31.41 -0.91 23.81
N ASP C 262 -30.26 -1.43 24.26
CA ASP C 262 -29.71 -1.02 25.55
C ASP C 262 -29.31 0.45 25.49
N VAL C 263 -28.77 0.87 24.34
CA VAL C 263 -28.40 2.26 24.18
C VAL C 263 -29.64 3.16 24.15
N ALA C 264 -30.72 2.68 23.53
CA ALA C 264 -31.93 3.49 23.47
C ALA C 264 -32.54 3.67 24.87
N ALA C 265 -32.42 2.64 25.69
CA ALA C 265 -32.95 2.68 27.06
C ALA C 265 -32.21 3.74 27.89
N VAL C 266 -30.90 3.80 27.73
CA VAL C 266 -30.11 4.84 28.40
C VAL C 266 -30.59 6.21 27.95
N ARG C 267 -30.76 6.38 26.63
CA ARG C 267 -31.15 7.69 26.09
C ARG C 267 -32.54 8.11 26.56
N ALA C 268 -33.44 7.14 26.71
CA ALA C 268 -34.77 7.40 27.27
C ALA C 268 -34.66 7.80 28.72
N ALA C 269 -33.84 7.07 29.46
CA ALA C 269 -33.65 7.33 30.88
C ALA C 269 -33.11 8.74 31.11
N LEU C 270 -32.32 9.24 30.16
CA LEU C 270 -31.74 10.56 30.31
C LEU C 270 -32.79 11.65 30.06
N GLY C 271 -33.82 11.30 29.28
CA GLY C 271 -34.93 12.20 29.07
C GLY C 271 -34.58 13.42 28.24
N PRO C 272 -35.51 14.39 28.15
CA PRO C 272 -35.33 15.58 27.32
C PRO C 272 -34.25 16.50 27.88
N GLU C 273 -34.19 16.61 29.20
CA GLU C 273 -33.16 17.43 29.83
C GLU C 273 -31.75 16.92 29.51
N GLY C 274 -31.62 15.63 29.21
CA GLY C 274 -30.31 15.06 28.96
C GLY C 274 -29.99 14.72 27.52
N HIS C 275 -30.66 15.39 26.58
CA HIS C 275 -30.44 15.12 25.16
C HIS C 275 -29.02 15.43 24.70
N GLY C 276 -28.37 16.37 25.36
CA GLY C 276 -27.03 16.80 25.00
C GLY C 276 -25.91 15.97 25.61
N ILE C 277 -26.26 15.02 26.46
CA ILE C 277 -25.27 14.19 27.12
C ILE C 277 -24.78 13.09 26.17
N LYS C 278 -23.46 12.96 26.03
CA LYS C 278 -22.87 11.93 25.17
C LYS C 278 -22.96 10.56 25.82
N ILE C 279 -23.35 9.56 25.05
CA ILE C 279 -23.42 8.19 25.55
C ILE C 279 -22.29 7.37 24.96
N ILE C 280 -21.40 6.90 25.83
CA ILE C 280 -20.33 6.00 25.46
C ILE C 280 -20.67 4.59 25.91
N SER C 281 -20.81 3.67 24.95
CA SER C 281 -21.21 2.30 25.26
C SER C 281 -20.04 1.42 25.65
N LYS C 282 -20.13 0.82 26.83
CA LYS C 282 -19.09 -0.07 27.32
C LYS C 282 -19.31 -1.46 26.77
N ILE C 283 -18.32 -1.95 26.03
CA ILE C 283 -18.38 -3.29 25.46
C ILE C 283 -17.62 -4.22 26.39
N GLU C 284 -18.34 -5.14 27.01
CA GLU C 284 -17.81 -5.87 28.15
C GLU C 284 -18.06 -7.38 28.07
N ASN C 285 -18.76 -7.85 27.05
CA ASN C 285 -18.97 -9.28 26.95
C ASN C 285 -19.07 -9.73 25.50
N HIS C 286 -19.27 -11.03 25.30
CA HIS C 286 -19.21 -11.61 23.97
C HIS C 286 -20.27 -11.02 23.06
N GLU C 287 -21.50 -10.89 23.57
CA GLU C 287 -22.58 -10.36 22.74
C GLU C 287 -22.29 -8.96 22.26
N GLY C 288 -21.75 -8.13 23.15
CA GLY C 288 -21.43 -6.76 22.81
C GLY C 288 -20.42 -6.68 21.68
N VAL C 289 -19.42 -7.58 21.72
CA VAL C 289 -18.41 -7.59 20.68
C VAL C 289 -19.02 -8.01 19.33
N LYS C 290 -19.90 -9.01 19.38
CA LYS C 290 -20.52 -9.54 18.16
C LYS C 290 -21.49 -8.55 17.54
N ARG C 291 -22.27 -7.90 18.39
CA ARG C 291 -23.26 -6.91 17.95
C ARG C 291 -22.70 -5.51 17.96
N PHE C 292 -21.38 -5.41 17.87
CA PHE C 292 -20.69 -4.13 17.91
C PHE C 292 -21.18 -3.08 16.91
N ASP C 293 -21.32 -3.46 15.64
CA ASP C 293 -21.70 -2.45 14.64
C ASP C 293 -23.02 -1.76 14.97
N GLU C 294 -24.02 -2.50 15.42
CA GLU C 294 -25.33 -1.90 15.69
C GLU C 294 -25.26 -1.03 16.93
N ILE C 295 -24.40 -1.41 17.86
CA ILE C 295 -24.19 -0.61 19.07
C ILE C 295 -23.49 0.68 18.71
N LEU C 296 -22.44 0.57 17.90
CA LEU C 296 -21.68 1.76 17.51
C LEU C 296 -22.53 2.76 16.76
N GLU C 297 -23.38 2.26 15.87
CA GLU C 297 -24.19 3.14 15.03
CA GLU C 297 -24.21 3.12 15.04
C GLU C 297 -25.04 4.08 15.87
N VAL C 298 -25.58 3.58 16.98
CA VAL C 298 -26.44 4.41 17.83
C VAL C 298 -25.75 5.03 19.05
N SER C 299 -24.44 4.84 19.18
CA SER C 299 -23.70 5.42 20.31
C SER C 299 -22.89 6.64 19.90
N ASP C 300 -22.50 7.46 20.86
CA ASP C 300 -21.59 8.57 20.55
C ASP C 300 -20.14 8.10 20.51
N GLY C 301 -19.89 6.97 21.15
CA GLY C 301 -18.56 6.40 21.19
C GLY C 301 -18.58 5.10 21.97
N ILE C 302 -17.40 4.54 22.21
CA ILE C 302 -17.29 3.20 22.78
C ILE C 302 -16.19 3.13 23.84
N MET C 303 -16.39 2.30 24.85
CA MET C 303 -15.31 1.96 25.76
C MET C 303 -15.03 0.48 25.71
N VAL C 304 -13.76 0.16 25.47
CA VAL C 304 -13.29 -1.20 25.55
C VAL C 304 -13.05 -1.46 27.03
N ALA C 305 -14.02 -2.11 27.68
CA ALA C 305 -13.99 -2.30 29.13
C ALA C 305 -13.29 -3.61 29.45
N ARG C 306 -11.97 -3.57 29.43
CA ARG C 306 -11.20 -4.80 29.38
C ARG C 306 -11.29 -5.66 30.64
N GLY C 307 -11.75 -5.06 31.73
CA GLY C 307 -11.86 -5.78 33.00
C GLY C 307 -12.85 -6.92 32.90
N ASP C 308 -14.11 -6.58 32.68
CA ASP C 308 -15.15 -7.59 32.50
C ASP C 308 -14.95 -8.37 31.19
N LEU C 309 -14.55 -7.68 30.13
CA LEU C 309 -14.36 -8.36 28.85
C LEU C 309 -13.39 -9.52 29.02
N GLY C 310 -12.36 -9.34 29.84
CA GLY C 310 -11.31 -10.32 30.00
C GLY C 310 -11.70 -11.49 30.89
N ILE C 311 -12.90 -11.42 31.46
CA ILE C 311 -13.43 -12.55 32.18
C ILE C 311 -14.52 -13.21 31.32
N GLU C 312 -15.31 -12.38 30.65
CA GLU C 312 -16.40 -12.86 29.80
C GLU C 312 -15.91 -13.65 28.58
N ILE C 313 -14.82 -13.21 27.97
CA ILE C 313 -14.19 -13.96 26.88
C ILE C 313 -12.78 -14.33 27.35
N PRO C 314 -12.14 -15.29 26.67
CA PRO C 314 -10.82 -15.69 27.17
C PRO C 314 -9.85 -14.52 27.20
N ALA C 315 -9.01 -14.47 28.23
CA ALA C 315 -8.14 -13.32 28.44
C ALA C 315 -7.21 -13.05 27.27
N GLU C 316 -6.78 -14.11 26.60
CA GLU C 316 -5.86 -14.05 25.46
C GLU C 316 -6.48 -13.48 24.17
N LYS C 317 -7.80 -13.29 24.16
CA LYS C 317 -8.50 -12.73 23.00
C LYS C 317 -8.81 -11.23 23.13
N VAL C 318 -8.63 -10.66 24.33
CA VAL C 318 -9.05 -9.28 24.52
C VAL C 318 -8.35 -8.31 23.58
N PHE C 319 -7.07 -8.55 23.30
CA PHE C 319 -6.34 -7.64 22.42
C PHE C 319 -6.97 -7.61 21.02
N LEU C 320 -7.55 -8.74 20.60
CA LEU C 320 -8.21 -8.80 19.28
C LEU C 320 -9.44 -7.90 19.27
N ALA C 321 -10.26 -8.04 20.31
CA ALA C 321 -11.44 -7.19 20.47
C ALA C 321 -11.05 -5.71 20.57
N GLN C 322 -10.03 -5.42 21.37
CA GLN C 322 -9.56 -4.04 21.52
C GLN C 322 -9.16 -3.46 20.17
N LYS C 323 -8.25 -4.14 19.47
CA LYS C 323 -7.75 -3.61 18.21
C LYS C 323 -8.84 -3.45 17.15
N MET C 324 -9.77 -4.40 17.12
CA MET C 324 -10.90 -4.34 16.18
C MET C 324 -11.83 -3.19 16.50
N MET C 325 -12.14 -2.99 17.78
CA MET C 325 -13.12 -1.96 18.12
C MET C 325 -12.54 -0.58 17.92
N ILE C 326 -11.28 -0.41 18.28
CA ILE C 326 -10.62 0.85 18.04
C ILE C 326 -10.57 1.16 16.52
N GLY C 327 -10.18 0.17 15.72
CA GLY C 327 -10.17 0.31 14.27
C GLY C 327 -11.50 0.76 13.72
N ARG C 328 -12.58 0.08 14.11
CA ARG C 328 -13.92 0.42 13.63
C ARG C 328 -14.38 1.80 14.10
N CYS C 329 -14.04 2.18 15.34
CA CYS C 329 -14.34 3.51 15.81
C CYS C 329 -13.58 4.56 15.03
N ASN C 330 -12.29 4.34 14.80
CA ASN C 330 -11.52 5.30 13.99
C ASN C 330 -12.20 5.45 12.62
N LEU C 331 -12.65 4.34 12.07
CA LEU C 331 -13.18 4.37 10.70
C LEU C 331 -14.46 5.19 10.69
N ALA C 332 -15.27 5.05 11.73
CA ALA C 332 -16.53 5.76 11.85
C ALA C 332 -16.38 7.19 12.37
N GLY C 333 -15.18 7.56 12.79
CA GLY C 333 -14.97 8.89 13.33
C GLY C 333 -15.65 9.09 14.68
N LYS C 334 -15.69 8.04 15.51
CA LYS C 334 -16.32 8.15 16.83
C LYS C 334 -15.31 7.80 17.93
N PRO C 335 -15.36 8.52 19.07
CA PRO C 335 -14.40 8.32 20.16
C PRO C 335 -14.39 6.90 20.70
N VAL C 336 -13.19 6.43 21.00
CA VAL C 336 -13.06 5.13 21.65
C VAL C 336 -12.11 5.21 22.83
N VAL C 337 -12.50 4.58 23.91
CA VAL C 337 -11.75 4.65 25.16
C VAL C 337 -11.11 3.30 25.46
N CYS C 338 -9.84 3.28 25.79
CA CYS C 338 -9.21 2.09 26.30
C CYS C 338 -9.14 2.14 27.82
N ALA C 339 -9.52 1.06 28.47
CA ALA C 339 -9.72 1.05 29.90
C ALA C 339 -9.24 -0.19 30.64
N THR C 340 -8.96 0.01 31.90
CA THR C 340 -8.79 -1.04 32.87
C THR C 340 -7.38 -1.64 32.95
N GLN C 341 -6.78 -1.41 34.10
CA GLN C 341 -5.50 -2.03 34.45
C GLN C 341 -4.28 -1.61 33.63
N MET C 342 -4.37 -0.44 33.00
CA MET C 342 -3.28 0.09 32.17
C MET C 342 -1.96 0.34 32.92
N LEU C 343 -2.02 0.86 34.14
CA LEU C 343 -0.82 1.04 34.95
C LEU C 343 -1.02 0.45 36.34
N GLU C 344 -1.68 -0.70 36.38
CA GLU C 344 -2.18 -1.33 37.60
C GLU C 344 -1.23 -1.30 38.80
N SER C 345 0.04 -1.59 38.59
CA SER C 345 0.98 -1.71 39.71
C SER C 345 1.26 -0.37 40.36
N MET C 346 0.92 0.72 39.69
CA MET C 346 1.12 2.05 40.29
C MET C 346 0.13 2.35 41.41
N ILE C 347 -0.80 1.45 41.65
CA ILE C 347 -1.64 1.55 42.82
C ILE C 347 -0.74 1.51 44.06
N THR C 348 0.32 0.69 44.03
CA THR C 348 1.24 0.60 45.18
C THR C 348 2.69 0.97 44.89
N LYS C 349 3.08 1.09 43.62
CA LYS C 349 4.46 1.40 43.28
CA LYS C 349 4.46 1.40 43.25
C LYS C 349 4.54 2.74 42.59
N ALA C 350 5.68 3.40 42.75
CA ALA C 350 5.94 4.70 42.24
C ALA C 350 6.20 4.72 40.72
N ARG C 351 6.59 3.59 40.16
CA ARG C 351 6.89 3.43 38.74
C ARG C 351 6.13 2.20 38.23
N PRO C 352 5.67 2.24 36.96
CA PRO C 352 4.87 1.14 36.42
C PRO C 352 5.76 -0.01 35.91
N THR C 353 5.19 -1.15 35.58
CA THR C 353 5.99 -2.24 34.99
C THR C 353 6.27 -1.98 33.51
N ARG C 354 7.16 -2.77 32.92
CA ARG C 354 7.44 -2.58 31.49
C ARG C 354 6.23 -2.92 30.62
N ALA C 355 5.40 -3.87 31.03
CA ALA C 355 4.21 -4.24 30.26
C ALA C 355 3.17 -3.15 30.30
N GLU C 356 3.07 -2.46 31.44
CA GLU C 356 2.10 -1.38 31.60
C GLU C 356 2.39 -0.21 30.70
N THR C 357 3.67 0.19 30.62
CA THR C 357 4.02 1.31 29.77
C THR C 357 3.76 0.91 28.32
N SER C 358 4.11 -0.33 27.99
CA SER C 358 3.89 -0.86 26.65
C SER C 358 2.40 -0.82 26.29
N ASP C 359 1.56 -1.20 27.25
CA ASP C 359 0.11 -1.25 27.05
C ASP C 359 -0.47 0.16 26.73
N VAL C 360 -0.04 1.16 27.50
CA VAL C 360 -0.47 2.54 27.22
C VAL C 360 -0.01 3.00 25.82
N ALA C 361 1.27 2.75 25.50
CA ALA C 361 1.81 3.22 24.23
C ALA C 361 1.07 2.56 23.10
N ASN C 362 0.80 1.26 23.23
CA ASN C 362 0.12 0.52 22.15
C ASN C 362 -1.36 0.90 22.00
N ALA C 363 -2.01 1.30 23.09
CA ALA C 363 -3.39 1.75 22.99
C ALA C 363 -3.45 3.04 22.18
N VAL C 364 -2.44 3.88 22.34
CA VAL C 364 -2.35 5.10 21.57
C VAL C 364 -2.06 4.78 20.10
N LEU C 365 -1.09 3.90 19.86
CA LEU C 365 -0.76 3.46 18.51
C LEU C 365 -1.93 2.72 17.84
N ASP C 366 -2.73 2.01 18.61
CA ASP C 366 -3.94 1.35 18.09
C ASP C 366 -4.92 2.39 17.53
N GLY C 367 -4.93 3.56 18.14
CA GLY C 367 -5.83 4.64 17.73
C GLY C 367 -6.79 5.11 18.81
N ALA C 368 -6.57 4.72 20.07
CA ALA C 368 -7.49 5.14 21.12
C ALA C 368 -7.55 6.66 21.20
N ASP C 369 -8.76 7.23 21.33
CA ASP C 369 -8.93 8.66 21.62
C ASP C 369 -8.65 9.03 23.08
N CYS C 370 -8.98 8.11 23.98
CA CYS C 370 -8.76 8.30 25.42
C CYS C 370 -8.19 7.05 26.03
N ILE C 371 -7.41 7.25 27.09
CA ILE C 371 -6.92 6.18 27.93
C ILE C 371 -7.37 6.48 29.36
N MET C 372 -7.46 5.44 30.18
CA MET C 372 -8.16 5.58 31.44
C MET C 372 -7.34 5.03 32.58
N LEU C 373 -7.60 5.56 33.78
CA LEU C 373 -7.01 5.08 35.00
C LEU C 373 -8.16 4.82 35.98
N SER C 374 -8.12 3.70 36.68
CA SER C 374 -9.15 3.39 37.65
C SER C 374 -8.59 3.37 39.07
N GLY C 375 -8.27 2.18 39.57
CA GLY C 375 -7.77 2.06 40.93
C GLY C 375 -6.55 2.95 41.12
N GLU C 376 -5.78 3.12 40.05
CA GLU C 376 -4.56 3.91 40.05
C GLU C 376 -4.82 5.34 40.49
N THR C 377 -6.01 5.85 40.22
CA THR C 377 -6.37 7.18 40.75
C THR C 377 -7.45 7.14 41.83
N ALA C 378 -8.32 6.13 41.77
CA ALA C 378 -9.42 6.09 42.71
C ALA C 378 -8.91 5.77 44.12
N LYS C 379 -7.95 4.86 44.21
CA LYS C 379 -7.61 4.34 45.53
C LYS C 379 -6.10 4.20 45.80
N GLY C 380 -5.28 4.38 44.78
CA GLY C 380 -3.86 4.11 44.93
C GLY C 380 -3.04 5.16 45.66
N ASN C 381 -1.76 4.85 45.87
CA ASN C 381 -0.88 5.75 46.60
C ASN C 381 -0.20 6.78 45.71
N PHE C 382 -0.38 6.67 44.40
CA PHE C 382 0.31 7.55 43.46
C PHE C 382 -0.60 8.07 42.35
N PRO C 383 -1.75 8.66 42.73
CA PRO C 383 -2.72 9.06 41.70
C PRO C 383 -2.16 10.11 40.74
N VAL C 384 -1.41 11.09 41.24
CA VAL C 384 -0.87 12.12 40.37
C VAL C 384 0.26 11.59 39.49
N GLU C 385 1.06 10.69 40.06
CA GLU C 385 2.14 10.12 39.29
C GLU C 385 1.59 9.25 38.15
N ALA C 386 0.42 8.64 38.35
CA ALA C 386 -0.21 7.80 37.34
C ALA C 386 -0.66 8.64 36.15
N VAL C 387 -1.21 9.81 36.44
CA VAL C 387 -1.64 10.71 35.37
C VAL C 387 -0.43 11.22 34.62
N LYS C 388 0.63 11.58 35.35
CA LYS C 388 1.82 12.11 34.70
C LYS C 388 2.48 11.08 33.79
N MET C 389 2.45 9.82 34.20
CA MET C 389 3.05 8.73 33.41
C MET C 389 2.25 8.50 32.14
N GLN C 390 0.93 8.42 32.25
CA GLN C 390 0.11 8.34 31.05
C GLN C 390 0.37 9.49 30.08
N HIS C 391 0.48 10.70 30.62
CA HIS C 391 0.78 11.87 29.81
C HIS C 391 2.11 11.71 29.06
N ALA C 392 3.14 11.27 29.76
CA ALA C 392 4.47 11.18 29.17
C ALA C 392 4.48 10.10 28.08
N ILE C 393 3.86 8.97 28.36
CA ILE C 393 3.83 7.86 27.40
C ILE C 393 3.05 8.25 26.16
N ALA C 394 1.84 8.76 26.37
CA ALA C 394 0.97 9.18 25.28
C ALA C 394 1.69 10.17 24.38
N ARG C 395 2.40 11.12 24.97
CA ARG C 395 3.09 12.11 24.17
C ARG C 395 4.12 11.45 23.22
N GLU C 396 4.88 10.49 23.74
CA GLU C 396 5.87 9.76 22.93
C GLU C 396 5.19 8.91 21.88
N ALA C 397 4.13 8.22 22.29
CA ALA C 397 3.41 7.35 21.37
C ALA C 397 2.79 8.14 20.22
N GLU C 398 2.22 9.29 20.55
CA GLU C 398 1.58 10.10 19.52
C GLU C 398 2.56 10.47 18.40
N ALA C 399 3.78 10.82 18.78
CA ALA C 399 4.79 11.23 17.82
C ALA C 399 5.23 10.05 16.94
N ALA C 400 5.08 8.83 17.46
CA ALA C 400 5.45 7.61 16.72
C ALA C 400 4.38 7.14 15.73
N VAL C 401 3.25 7.81 15.71
CA VAL C 401 2.18 7.42 14.80
C VAL C 401 2.66 7.58 13.35
N TYR C 402 2.41 6.59 12.51
CA TYR C 402 2.79 6.65 11.11
C TYR C 402 1.66 7.28 10.31
N HIS C 403 1.56 8.60 10.39
CA HIS C 403 0.47 9.34 9.74
C HIS C 403 0.34 9.05 8.24
N ARG C 404 1.46 8.91 7.54
CA ARG C 404 1.41 8.68 6.09
C ARG C 404 0.44 7.55 5.73
N GLN C 405 0.51 6.44 6.46
CA GLN C 405 -0.37 5.32 6.19
C GLN C 405 -1.75 5.50 6.81
N LEU C 406 -1.78 6.05 8.03
CA LEU C 406 -3.05 6.19 8.74
C LEU C 406 -3.98 7.16 8.01
N PHE C 407 -3.45 8.31 7.61
CA PHE C 407 -4.25 9.31 6.92
C PHE C 407 -4.76 8.75 5.59
N GLU C 408 -3.86 8.13 4.84
CA GLU C 408 -4.23 7.55 3.54
C GLU C 408 -5.34 6.51 3.69
N GLU C 409 -5.21 5.64 4.69
CA GLU C 409 -6.24 4.62 4.95
C GLU C 409 -7.56 5.17 5.46
N LEU C 410 -7.52 6.18 6.34
CA LEU C 410 -8.73 6.80 6.86
C LEU C 410 -9.41 7.59 5.75
N ARG C 411 -8.61 8.31 4.99
CA ARG C 411 -9.11 9.11 3.87
CA ARG C 411 -9.11 9.11 3.87
C ARG C 411 -9.83 8.21 2.88
N ARG C 412 -9.15 7.15 2.44
CA ARG C 412 -9.71 6.21 1.46
C ARG C 412 -10.99 5.51 1.95
N ALA C 413 -10.93 4.95 3.15
CA ALA C 413 -12.04 4.15 3.63
C ALA C 413 -13.26 4.99 3.91
N ALA C 414 -13.05 6.28 4.17
CA ALA C 414 -14.16 7.19 4.47
C ALA C 414 -14.99 7.46 3.23
N PRO C 415 -16.30 7.67 3.42
CA PRO C 415 -17.23 7.77 2.30
C PRO C 415 -17.25 9.18 1.72
N LEU C 416 -17.51 9.29 0.42
CA LEU C 416 -17.78 10.56 -0.18
C LEU C 416 -18.83 11.26 0.65
N SER C 417 -18.77 12.58 0.70
CA SER C 417 -19.76 13.33 1.45
C SER C 417 -20.00 14.66 0.78
N ARG C 418 -21.27 15.05 0.66
CA ARG C 418 -21.59 16.37 0.18
C ARG C 418 -21.87 17.33 1.35
N ASP C 419 -21.50 16.92 2.56
CA ASP C 419 -21.64 17.79 3.72
C ASP C 419 -20.46 18.74 3.82
N PRO C 420 -20.73 20.04 3.76
CA PRO C 420 -19.65 21.03 3.74
C PRO C 420 -18.68 20.95 4.91
N THR C 421 -19.15 20.59 6.11
CA THR C 421 -18.26 20.53 7.26
C THR C 421 -17.27 19.38 7.10
N GLU C 422 -17.74 18.26 6.56
CA GLU C 422 -16.89 17.10 6.31
C GLU C 422 -15.90 17.36 5.18
N VAL C 423 -16.37 18.04 4.14
CA VAL C 423 -15.53 18.40 3.00
C VAL C 423 -14.45 19.36 3.46
N THR C 424 -14.83 20.36 4.25
CA THR C 424 -13.87 21.34 4.75
C THR C 424 -12.82 20.66 5.63
N ALA C 425 -13.27 19.78 6.52
CA ALA C 425 -12.36 19.13 7.47
C ALA C 425 -11.24 18.38 6.73
N ILE C 426 -11.60 17.59 5.74
CA ILE C 426 -10.56 16.76 5.10
C ILE C 426 -9.61 17.67 4.34
N GLY C 427 -10.18 18.71 3.70
CA GLY C 427 -9.38 19.73 3.05
C GLY C 427 -8.42 20.41 3.99
N ALA C 428 -8.88 20.77 5.19
CA ALA C 428 -8.03 21.44 6.18
C ALA C 428 -6.91 20.54 6.69
N VAL C 429 -7.24 19.28 6.96
CA VAL C 429 -6.24 18.32 7.45
C VAL C 429 -5.19 18.06 6.35
N GLU C 430 -5.62 17.96 5.09
CA GLU C 430 -4.68 17.83 3.98
C GLU C 430 -3.72 19.03 3.97
N ALA C 431 -4.30 20.23 4.03
CA ALA C 431 -3.50 21.46 4.04
C ALA C 431 -2.49 21.53 5.19
N ALA C 432 -2.93 21.22 6.41
CA ALA C 432 -2.04 21.21 7.56
C ALA C 432 -0.86 20.25 7.34
N PHE C 433 -1.14 19.06 6.84
CA PHE C 433 -0.07 18.12 6.50
C PHE C 433 0.90 18.72 5.48
N LYS C 434 0.37 19.40 4.47
CA LYS C 434 1.21 19.94 3.39
C LYS C 434 2.25 20.92 3.93
N CYS C 435 1.91 21.68 4.95
CA CYS C 435 2.81 22.73 5.43
C CYS C 435 3.31 22.53 6.86
N MET C 436 3.00 21.37 7.44
CA MET C 436 3.42 21.07 8.79
C MET C 436 2.89 22.17 9.68
N ALA C 437 1.60 22.46 9.57
CA ALA C 437 0.98 23.53 10.33
C ALA C 437 1.08 23.24 11.83
N ALA C 438 1.26 24.28 12.62
CA ALA C 438 1.32 24.12 14.07
C ALA C 438 -0.06 23.79 14.65
N ALA C 439 -1.11 24.32 14.04
CA ALA C 439 -2.44 24.02 14.55
C ALA C 439 -3.52 24.22 13.50
N ILE C 440 -4.68 23.62 13.72
CA ILE C 440 -5.87 23.98 12.97
C ILE C 440 -6.83 24.62 13.97
N ILE C 441 -7.15 25.90 13.78
CA ILE C 441 -8.05 26.62 14.69
C ILE C 441 -9.46 26.56 14.14
N VAL C 442 -10.39 25.99 14.89
CA VAL C 442 -11.76 25.82 14.41
C VAL C 442 -12.77 26.44 15.39
N LEU C 443 -13.73 27.21 14.87
CA LEU C 443 -14.83 27.71 15.69
C LEU C 443 -15.93 26.65 15.67
N THR C 444 -16.42 26.28 16.85
CA THR C 444 -17.45 25.25 16.92
C THR C 444 -18.43 25.53 18.03
N THR C 445 -19.70 25.24 17.77
CA THR C 445 -20.76 25.49 18.73
C THR C 445 -21.04 24.22 19.51
N THR C 446 -21.05 23.10 18.79
CA THR C 446 -21.39 21.80 19.34
C THR C 446 -20.20 20.88 19.51
N GLY C 447 -19.04 21.28 18.98
CA GLY C 447 -17.86 20.43 18.96
C GLY C 447 -17.70 19.67 17.64
N ARG C 448 -18.79 19.58 16.87
CA ARG C 448 -18.81 18.69 15.70
C ARG C 448 -17.75 18.99 14.63
N SER C 449 -17.54 20.27 14.33
CA SER C 449 -16.55 20.64 13.33
C SER C 449 -15.16 20.20 13.79
N ALA C 450 -14.95 20.18 15.10
CA ALA C 450 -13.67 19.75 15.67
C ALA C 450 -13.54 18.23 15.60
N GLN C 451 -14.61 17.51 15.92
CA GLN C 451 -14.58 16.06 15.85
C GLN C 451 -14.25 15.60 14.42
N LEU C 452 -14.81 16.30 13.45
CA LEU C 452 -14.59 15.95 12.04
C LEU C 452 -13.14 16.19 11.58
N LEU C 453 -12.48 17.16 12.19
CA LEU C 453 -11.05 17.34 11.99
C LEU C 453 -10.28 16.18 12.64
N SER C 454 -10.66 15.87 13.87
CA SER C 454 -9.96 14.86 14.67
C SER C 454 -9.95 13.47 14.04
N ARG C 455 -11.00 13.14 13.31
CA ARG C 455 -11.17 11.79 12.82
C ARG C 455 -10.12 11.41 11.77
N TYR C 456 -9.39 12.40 11.26
CA TYR C 456 -8.35 12.14 10.27
C TYR C 456 -6.95 12.11 10.88
N ARG C 457 -6.89 12.23 12.19
CA ARG C 457 -5.61 12.21 12.92
C ARG C 457 -4.57 13.22 12.41
N PRO C 458 -4.91 14.52 12.42
CA PRO C 458 -3.86 15.49 12.06
C PRO C 458 -2.69 15.46 13.04
N ARG C 459 -1.47 15.70 12.59
CA ARG C 459 -0.39 15.97 13.51
C ARG C 459 -0.60 17.35 14.14
N ALA C 460 -1.18 18.27 13.37
CA ALA C 460 -1.46 19.61 13.89
C ALA C 460 -2.51 19.55 15.02
N ALA C 461 -2.28 20.32 16.08
CA ALA C 461 -3.23 20.40 17.19
C ALA C 461 -4.55 21.00 16.69
N VAL C 462 -5.68 20.38 17.04
CA VAL C 462 -6.96 21.00 16.72
C VAL C 462 -7.41 21.91 17.88
N ILE C 463 -7.29 23.23 17.69
CA ILE C 463 -7.66 24.20 18.71
C ILE C 463 -9.08 24.66 18.46
N ALA C 464 -9.99 24.25 19.34
CA ALA C 464 -11.42 24.47 19.12
C ALA C 464 -11.96 25.60 20.01
N VAL C 465 -12.35 26.72 19.39
CA VAL C 465 -12.88 27.88 20.11
C VAL C 465 -14.39 27.79 20.18
N THR C 466 -14.94 27.79 21.41
CA THR C 466 -16.38 27.63 21.58
C THR C 466 -16.92 28.48 22.72
N ARG C 467 -18.19 28.84 22.65
CA ARG C 467 -18.83 29.54 23.75
C ARG C 467 -19.52 28.53 24.66
N SER C 468 -19.75 27.33 24.15
CA SER C 468 -20.44 26.32 24.94
C SER C 468 -19.52 25.65 25.94
N ALA C 469 -19.73 25.91 27.23
CA ALA C 469 -18.93 25.29 28.27
C ALA C 469 -18.98 23.79 28.17
N GLN C 470 -20.16 23.25 27.92
CA GLN C 470 -20.34 21.80 27.89
C GLN C 470 -19.67 21.17 26.66
N ALA C 471 -19.81 21.83 25.52
CA ALA C 471 -19.15 21.33 24.30
C ALA C 471 -17.64 21.33 24.51
N ALA C 472 -17.15 22.35 25.19
CA ALA C 472 -15.73 22.44 25.50
C ALA C 472 -15.29 21.26 26.34
N ARG C 473 -16.16 20.80 27.24
CA ARG C 473 -15.81 19.64 28.07
C ARG C 473 -15.91 18.36 27.27
N GLN C 474 -17.01 18.23 26.52
CA GLN C 474 -17.27 16.99 25.81
C GLN C 474 -16.27 16.71 24.68
N VAL C 475 -15.68 17.74 24.08
CA VAL C 475 -14.77 17.47 22.98
C VAL C 475 -13.50 16.79 23.46
N HIS C 476 -13.36 16.65 24.79
CA HIS C 476 -12.21 15.93 25.33
C HIS C 476 -12.25 14.44 24.99
N LEU C 477 -13.38 13.97 24.49
CA LEU C 477 -13.52 12.59 24.05
C LEU C 477 -12.78 12.35 22.73
N CYS C 478 -12.39 13.43 22.05
CA CYS C 478 -11.73 13.36 20.74
C CYS C 478 -10.23 13.59 20.81
N ARG C 479 -9.43 12.66 20.31
CA ARG C 479 -7.98 12.85 20.34
C ARG C 479 -7.56 14.14 19.65
N GLY C 480 -6.63 14.87 20.26
CA GLY C 480 -6.04 16.02 19.60
C GLY C 480 -6.92 17.27 19.47
N VAL C 481 -8.03 17.32 20.22
CA VAL C 481 -8.82 18.55 20.27
C VAL C 481 -8.53 19.30 21.57
N PHE C 482 -8.20 20.58 21.44
CA PHE C 482 -7.84 21.40 22.58
C PHE C 482 -8.85 22.53 22.72
N PRO C 483 -9.85 22.34 23.62
CA PRO C 483 -10.98 23.29 23.76
C PRO C 483 -10.61 24.58 24.45
N LEU C 484 -10.96 25.71 23.82
CA LEU C 484 -10.79 27.00 24.44
C LEU C 484 -12.17 27.60 24.67
N LEU C 485 -12.51 27.90 25.92
CA LEU C 485 -13.81 28.46 26.23
C LEU C 485 -13.79 29.97 26.02
N TYR C 486 -14.65 30.47 25.15
CA TYR C 486 -14.70 31.89 24.86
C TYR C 486 -15.80 32.54 25.69
N ARG C 487 -15.47 33.60 26.41
CA ARG C 487 -16.38 34.15 27.42
C ARG C 487 -16.90 35.55 27.11
N GLU C 488 -16.43 36.15 26.03
CA GLU C 488 -16.81 37.52 25.70
C GLU C 488 -18.13 37.60 24.96
N PRO C 489 -19.02 38.52 25.37
CA PRO C 489 -20.27 38.72 24.64
C PRO C 489 -20.03 39.05 23.17
N PRO C 490 -20.99 38.69 22.32
CA PRO C 490 -20.94 38.86 20.87
C PRO C 490 -20.67 40.30 20.43
N GLU C 491 -19.87 40.48 19.37
CA GLU C 491 -19.73 41.78 18.73
C GLU C 491 -21.02 42.08 18.00
N ALA C 492 -21.28 43.37 17.76
CA ALA C 492 -22.43 43.79 16.99
C ALA C 492 -22.32 43.27 15.55
N ILE C 493 -21.12 43.34 14.99
CA ILE C 493 -20.88 42.86 13.64
C ILE C 493 -20.33 41.42 13.65
N TRP C 494 -21.13 40.48 13.16
CA TRP C 494 -20.80 39.05 13.24
C TRP C 494 -19.40 38.72 12.72
N ALA C 495 -19.01 39.31 11.60
CA ALA C 495 -17.69 39.04 11.03
C ALA C 495 -16.58 39.45 11.99
N ASP C 496 -16.79 40.54 12.72
CA ASP C 496 -15.83 40.98 13.72
C ASP C 496 -15.75 39.98 14.88
N ASP C 497 -16.89 39.38 15.21
CA ASP C 497 -16.97 38.44 16.33
C ASP C 497 -16.21 37.14 16.02
N VAL C 498 -16.30 36.73 14.76
CA VAL C 498 -15.56 35.57 14.28
C VAL C 498 -14.07 35.88 14.40
N ASP C 499 -13.64 37.01 13.85
CA ASP C 499 -12.23 37.38 13.91
C ASP C 499 -11.69 37.46 15.34
N ARG C 500 -12.49 37.95 16.27
CA ARG C 500 -12.05 38.04 17.66
C ARG C 500 -11.77 36.64 18.20
N ARG C 501 -12.68 35.73 17.90
CA ARG C 501 -12.57 34.36 18.37
C ARG C 501 -11.38 33.63 17.73
N VAL C 502 -11.11 33.91 16.45
CA VAL C 502 -9.92 33.35 15.82
C VAL C 502 -8.67 33.91 16.52
N GLN C 503 -8.67 35.22 16.78
CA GLN C 503 -7.57 35.85 17.51
C GLN C 503 -7.41 35.27 18.91
N PHE C 504 -8.53 35.01 19.57
CA PHE C 504 -8.49 34.36 20.89
C PHE C 504 -7.77 33.02 20.75
N GLY C 505 -8.15 32.25 19.74
CA GLY C 505 -7.50 30.98 19.46
C GLY C 505 -5.99 31.14 19.33
N ILE C 506 -5.57 32.10 18.52
CA ILE C 506 -4.15 32.39 18.33
C ILE C 506 -3.46 32.81 19.62
N GLU C 507 -4.11 33.68 20.41
CA GLU C 507 -3.51 34.16 21.66
C GLU C 507 -3.31 33.07 22.70
N SER C 508 -4.34 32.26 22.93
CA SER C 508 -4.20 31.11 23.83
C SER C 508 -3.14 30.17 23.31
N GLY C 509 -3.12 29.99 21.99
CA GLY C 509 -2.16 29.10 21.36
C GLY C 509 -0.74 29.46 21.69
N LYS C 510 -0.40 30.73 21.49
CA LYS C 510 0.90 31.28 21.86
C LYS C 510 1.20 31.07 23.35
N LEU C 511 0.29 31.54 24.20
CA LEU C 511 0.48 31.40 25.64
C LEU C 511 0.79 29.95 26.03
N ARG C 512 0.17 28.99 25.35
CA ARG C 512 0.28 27.60 25.75
C ARG C 512 1.42 26.87 25.06
N GLY C 513 2.03 27.52 24.09
CA GLY C 513 3.16 26.91 23.39
C GLY C 513 2.76 26.08 22.18
N PHE C 514 1.48 26.15 21.80
CA PHE C 514 1.02 25.52 20.58
C PHE C 514 1.58 26.28 19.40
N LEU C 515 1.56 27.61 19.51
CA LEU C 515 1.90 28.48 18.38
C LEU C 515 3.07 29.40 18.70
N ARG C 516 3.86 29.70 17.67
CA ARG C 516 4.92 30.69 17.80
C ARG C 516 4.97 31.52 16.51
N VAL C 517 5.51 32.73 16.60
CA VAL C 517 5.65 33.59 15.43
C VAL C 517 6.34 32.84 14.31
N GLY C 518 5.80 32.95 13.09
CA GLY C 518 6.37 32.31 11.93
C GLY C 518 5.75 30.96 11.64
N ASP C 519 4.89 30.48 12.54
CA ASP C 519 4.16 29.25 12.29
C ASP C 519 3.05 29.50 11.28
N LEU C 520 2.63 28.44 10.61
CA LEU C 520 1.44 28.48 9.78
C LEU C 520 0.30 27.79 10.52
N VAL C 521 -0.89 28.35 10.43
CA VAL C 521 -2.07 27.68 10.96
C VAL C 521 -3.16 27.60 9.89
N ILE C 522 -4.03 26.61 10.04
CA ILE C 522 -5.23 26.50 9.23
C ILE C 522 -6.41 26.95 10.08
N VAL C 523 -7.22 27.87 9.57
CA VAL C 523 -8.36 28.38 10.33
C VAL C 523 -9.64 27.91 9.66
N VAL C 524 -10.51 27.26 10.41
CA VAL C 524 -11.73 26.71 9.83
C VAL C 524 -12.92 27.44 10.42
N THR C 525 -13.73 28.07 9.58
CA THR C 525 -14.92 28.77 10.04
C THR C 525 -16.15 28.48 9.17
N GLY C 526 -17.24 29.22 9.42
CA GLY C 526 -18.48 29.02 8.70
C GLY C 526 -18.97 30.31 8.03
N TRP C 527 -20.03 30.21 7.24
CA TRP C 527 -20.50 31.36 6.44
C TRP C 527 -21.62 32.15 7.12
N ARG C 528 -22.25 31.56 8.14
CA ARG C 528 -23.26 32.25 8.93
C ARG C 528 -23.22 31.70 10.34
N PRO C 529 -23.88 32.39 11.30
CA PRO C 529 -23.89 31.86 12.66
C PRO C 529 -24.82 30.65 12.82
N GLY C 530 -24.66 29.94 13.93
CA GLY C 530 -25.41 28.73 14.18
C GLY C 530 -24.56 27.55 13.75
N SER C 531 -24.76 26.39 14.37
CA SER C 531 -23.96 25.23 14.06
C SER C 531 -24.38 24.61 12.73
N GLY C 532 -23.43 23.95 12.07
CA GLY C 532 -23.74 23.19 10.86
C GLY C 532 -23.40 23.86 9.54
N TYR C 533 -22.75 25.02 9.61
CA TYR C 533 -22.49 25.83 8.42
C TYR C 533 -21.01 26.05 8.19
N THR C 534 -20.17 25.28 8.87
CA THR C 534 -18.72 25.35 8.63
C THR C 534 -18.46 25.08 7.15
N ASN C 535 -17.62 25.88 6.52
CA ASN C 535 -17.37 25.69 5.09
C ASN C 535 -16.18 26.47 4.53
N ILE C 536 -15.29 26.93 5.40
CA ILE C 536 -14.16 27.74 4.98
C ILE C 536 -12.87 27.36 5.70
N MET C 537 -11.78 27.22 4.94
CA MET C 537 -10.48 27.13 5.56
C MET C 537 -9.52 28.15 4.96
N ARG C 538 -8.65 28.65 5.81
CA ARG C 538 -7.71 29.70 5.42
C ARG C 538 -6.33 29.34 5.92
N VAL C 539 -5.32 29.74 5.16
CA VAL C 539 -3.94 29.51 5.57
C VAL C 539 -3.42 30.83 6.11
N LEU C 540 -3.05 30.86 7.39
CA LEU C 540 -2.57 32.07 8.03
C LEU C 540 -1.16 31.94 8.56
N SER C 541 -0.37 33.00 8.43
CA SER C 541 0.94 33.05 9.06
C SER C 541 0.79 33.73 10.43
N ILE C 542 1.46 33.19 11.44
CA ILE C 542 1.42 33.77 12.78
C ILE C 542 2.38 34.94 12.93
N SER C 543 1.83 36.08 13.31
CA SER C 543 2.62 37.31 13.43
C SER C 543 2.68 37.78 14.88
N GLN D 15 -21.81 4.98 -1.95
CA GLN D 15 -22.49 4.19 -0.93
C GLN D 15 -23.68 4.95 -0.36
N LEU D 16 -23.45 5.67 0.73
CA LEU D 16 -24.48 6.55 1.28
C LEU D 16 -24.87 7.60 0.25
N THR D 17 -23.87 8.11 -0.47
CA THR D 17 -24.08 9.13 -1.49
C THR D 17 -24.77 8.57 -2.74
N GLN D 18 -25.22 7.32 -2.65
CA GLN D 18 -25.98 6.70 -3.72
C GLN D 18 -27.28 7.47 -3.95
N GLU D 19 -27.69 8.24 -2.95
CA GLU D 19 -28.88 9.09 -3.06
C GLU D 19 -28.65 10.23 -4.05
N LEU D 20 -27.44 10.26 -4.62
CA LEU D 20 -27.11 11.20 -5.68
C LEU D 20 -27.41 10.53 -7.02
N GLY D 21 -27.81 9.27 -6.95
CA GLY D 21 -28.17 8.51 -8.14
C GLY D 21 -27.41 7.20 -8.23
N THR D 22 -28.09 6.17 -8.73
CA THR D 22 -27.42 4.92 -9.06
C THR D 22 -26.83 5.09 -10.46
N ALA D 23 -27.53 5.83 -11.31
CA ALA D 23 -27.06 6.12 -12.65
C ALA D 23 -25.79 6.97 -12.60
N PHE D 24 -25.71 7.85 -11.62
CA PHE D 24 -24.56 8.73 -11.49
C PHE D 24 -23.23 7.98 -11.35
N PHE D 25 -23.23 6.91 -10.57
CA PHE D 25 -21.97 6.25 -10.24
C PHE D 25 -21.54 5.21 -11.27
N GLN D 26 -22.31 5.08 -12.34
CA GLN D 26 -21.96 4.18 -13.43
C GLN D 26 -21.27 4.93 -14.56
N GLN D 27 -21.31 6.26 -14.48
CA GLN D 27 -20.71 7.14 -15.47
C GLN D 27 -19.27 7.53 -15.15
N GLN D 28 -18.64 8.23 -16.10
CA GLN D 28 -17.26 8.71 -16.00
C GLN D 28 -16.26 7.73 -15.39
N GLN D 29 -16.42 6.44 -15.72
CA GLN D 29 -15.51 5.39 -15.25
C GLN D 29 -15.35 5.33 -13.73
N LEU D 30 -16.40 5.71 -13.00
CA LEU D 30 -16.33 5.71 -11.54
C LEU D 30 -16.08 4.33 -10.91
N PRO D 31 -16.71 3.27 -11.47
CA PRO D 31 -16.40 1.91 -10.98
C PRO D 31 -14.92 1.60 -11.08
N ALA D 32 -14.29 1.94 -12.20
CA ALA D 32 -12.85 1.76 -12.35
C ALA D 32 -12.07 2.69 -11.41
N ALA D 33 -12.66 3.85 -11.11
CA ALA D 33 -12.01 4.83 -10.23
C ALA D 33 -11.76 4.29 -8.82
N MET D 34 -12.69 3.50 -8.31
CA MET D 34 -12.62 3.06 -6.92
C MET D 34 -11.88 1.73 -6.76
N ALA D 35 -11.35 1.17 -7.85
CA ALA D 35 -10.60 -0.07 -7.75
C ALA D 35 -9.37 0.12 -6.86
N ASP D 36 -8.92 -0.97 -6.26
CA ASP D 36 -7.85 -0.90 -5.27
C ASP D 36 -6.44 -1.11 -5.84
N THR D 37 -6.34 -1.60 -7.07
CA THR D 37 -5.04 -1.72 -7.73
C THR D 37 -5.19 -1.21 -9.17
N PHE D 38 -4.09 -0.88 -9.81
CA PHE D 38 -4.13 -0.37 -11.19
C PHE D 38 -4.69 -1.44 -12.13
N LEU D 39 -4.29 -2.70 -11.90
CA LEU D 39 -4.73 -3.79 -12.77
C LEU D 39 -6.24 -3.93 -12.69
N GLU D 40 -6.77 -3.87 -11.46
CA GLU D 40 -8.22 -3.96 -11.26
CA GLU D 40 -8.21 -3.97 -11.27
C GLU D 40 -8.90 -2.77 -11.91
N HIS D 41 -8.27 -1.60 -11.82
CA HIS D 41 -8.79 -0.40 -12.48
C HIS D 41 -8.95 -0.68 -13.98
N LEU D 42 -7.93 -1.24 -14.61
CA LEU D 42 -8.04 -1.51 -16.06
C LEU D 42 -9.17 -2.48 -16.34
N CYS D 43 -9.31 -3.49 -15.49
CA CYS D 43 -10.29 -4.54 -15.72
C CYS D 43 -11.71 -4.01 -15.64
N LEU D 44 -11.88 -2.85 -14.98
CA LEU D 44 -13.19 -2.25 -14.79
C LEU D 44 -13.54 -1.11 -15.76
N LEU D 45 -12.59 -0.69 -16.59
CA LEU D 45 -12.92 0.28 -17.64
C LEU D 45 -14.09 -0.22 -18.47
N ASP D 46 -15.02 0.66 -18.80
CA ASP D 46 -16.30 0.25 -19.35
C ASP D 46 -16.70 1.15 -20.52
N ILE D 47 -16.83 0.57 -21.72
CA ILE D 47 -17.12 1.36 -22.91
C ILE D 47 -18.50 2.03 -22.86
N ASP D 48 -19.37 1.57 -21.98
CA ASP D 48 -20.71 2.18 -21.86
C ASP D 48 -20.78 3.25 -20.77
N SER D 49 -19.71 3.40 -19.99
CA SER D 49 -19.61 4.47 -19.01
C SER D 49 -19.26 5.78 -19.69
N GLU D 50 -20.23 6.70 -19.77
CA GLU D 50 -20.02 7.92 -20.54
C GLU D 50 -19.32 9.02 -19.75
N PRO D 51 -18.40 9.74 -20.41
CA PRO D 51 -17.70 10.86 -19.79
C PRO D 51 -18.71 11.93 -19.38
N VAL D 52 -18.36 12.70 -18.36
CA VAL D 52 -19.25 13.72 -17.81
C VAL D 52 -18.52 15.05 -17.78
N ALA D 53 -17.28 15.03 -17.28
CA ALA D 53 -16.50 16.24 -17.15
C ALA D 53 -16.23 16.84 -18.52
N ALA D 54 -16.09 18.16 -18.57
CA ALA D 54 -15.66 18.82 -19.78
C ALA D 54 -14.25 18.31 -20.12
N ARG D 55 -13.97 18.13 -21.40
CA ARG D 55 -12.63 17.76 -21.86
C ARG D 55 -11.59 18.73 -21.31
N SER D 56 -10.48 18.21 -20.79
CA SER D 56 -9.56 19.05 -20.02
C SER D 56 -8.19 19.22 -20.65
N THR D 57 -7.78 18.23 -21.44
CA THR D 57 -6.52 18.29 -22.15
C THR D 57 -6.63 19.30 -23.30
N SER D 58 -5.69 20.24 -23.38
CA SER D 58 -5.74 21.30 -24.36
CA SER D 58 -5.79 21.29 -24.38
C SER D 58 -5.38 20.80 -25.77
N ILE D 59 -6.06 21.32 -26.78
CA ILE D 59 -5.76 20.96 -28.17
C ILE D 59 -5.07 22.12 -28.87
N ILE D 60 -3.90 21.84 -29.44
CA ILE D 60 -3.14 22.81 -30.20
C ILE D 60 -3.26 22.46 -31.69
N ALA D 61 -3.75 23.40 -32.50
CA ALA D 61 -3.90 23.21 -33.94
C ALA D 61 -2.97 24.14 -34.70
N THR D 62 -2.18 23.58 -35.60
CA THR D 62 -1.25 24.32 -36.44
C THR D 62 -1.99 25.04 -37.58
N ILE D 63 -1.68 26.32 -37.79
CA ILE D 63 -2.36 27.07 -38.85
C ILE D 63 -1.63 26.87 -40.18
N GLY D 64 -2.42 26.69 -41.23
CA GLY D 64 -1.91 26.53 -42.57
C GLY D 64 -3.01 26.79 -43.59
N PRO D 65 -2.74 26.50 -44.88
CA PRO D 65 -3.72 26.77 -45.93
C PRO D 65 -5.10 26.14 -45.66
N ALA D 66 -5.12 24.99 -45.00
CA ALA D 66 -6.40 24.34 -44.70
C ALA D 66 -7.18 25.02 -43.54
N SER D 67 -6.54 25.93 -42.82
CA SER D 67 -7.19 26.51 -41.64
C SER D 67 -6.97 28.01 -41.43
N ARG D 68 -6.81 28.77 -42.49
CA ARG D 68 -6.63 30.21 -42.39
C ARG D 68 -7.97 30.95 -42.36
N SER D 69 -8.90 30.46 -43.16
CA SER D 69 -10.25 30.97 -43.20
C SER D 69 -10.75 31.40 -41.80
N VAL D 70 -11.26 32.62 -41.68
CA VAL D 70 -11.90 33.03 -40.44
C VAL D 70 -13.07 32.09 -40.14
N GLU D 71 -13.86 31.77 -41.17
CA GLU D 71 -14.97 30.84 -41.00
C GLU D 71 -14.54 29.45 -40.55
N ARG D 72 -13.44 28.95 -41.12
CA ARG D 72 -12.89 27.65 -40.73
C ARG D 72 -12.33 27.70 -39.29
N LEU D 73 -11.58 28.75 -38.97
CA LEU D 73 -11.07 28.91 -37.60
C LEU D 73 -12.19 28.94 -36.58
N LYS D 74 -13.31 29.56 -36.93
CA LYS D 74 -14.47 29.58 -36.04
C LYS D 74 -15.01 28.18 -35.81
N GLU D 75 -15.04 27.38 -36.87
CA GLU D 75 -15.50 25.99 -36.72
C GLU D 75 -14.53 25.21 -35.85
N MET D 76 -13.24 25.49 -35.99
CA MET D 76 -12.22 24.84 -35.19
C MET D 76 -12.28 25.22 -33.70
N ILE D 77 -12.46 26.50 -33.41
CA ILE D 77 -12.66 26.94 -32.04
C ILE D 77 -13.87 26.23 -31.47
N LYS D 78 -14.94 26.15 -32.24
CA LYS D 78 -16.14 25.45 -31.80
C LYS D 78 -15.89 23.95 -31.58
N ALA D 79 -15.05 23.34 -32.41
CA ALA D 79 -14.73 21.92 -32.26
C ALA D 79 -13.79 21.59 -31.09
N GLY D 80 -13.08 22.60 -30.59
CA GLY D 80 -12.29 22.42 -29.39
C GLY D 80 -10.88 23.00 -29.36
N MET D 81 -10.46 23.63 -30.46
CA MET D 81 -9.11 24.20 -30.51
C MET D 81 -8.88 25.27 -29.44
N ASN D 82 -7.78 25.14 -28.70
CA ASN D 82 -7.49 26.08 -27.61
C ASN D 82 -6.28 26.93 -27.88
N ILE D 83 -5.39 26.42 -28.71
CA ILE D 83 -4.13 27.10 -29.01
C ILE D 83 -3.81 26.99 -30.51
N ALA D 84 -3.60 28.14 -31.15
CA ALA D 84 -3.24 28.19 -32.57
C ALA D 84 -1.73 28.23 -32.70
N ARG D 85 -1.16 27.30 -33.46
CA ARG D 85 0.30 27.26 -33.62
C ARG D 85 0.75 27.79 -35.00
N LEU D 86 1.68 28.75 -34.98
CA LEU D 86 2.25 29.32 -36.20
C LEU D 86 3.60 28.67 -36.42
N ASN D 87 3.73 27.94 -37.51
CA ASN D 87 4.98 27.24 -37.79
C ASN D 87 5.90 28.15 -38.58
N PHE D 88 6.85 28.76 -37.90
CA PHE D 88 7.74 29.69 -38.59
C PHE D 88 8.81 29.00 -39.42
N SER D 89 8.70 27.68 -39.57
CA SER D 89 9.56 26.95 -40.49
C SER D 89 9.22 27.31 -41.93
N HIS D 90 7.99 27.74 -42.15
CA HIS D 90 7.58 28.19 -43.47
C HIS D 90 6.76 29.47 -43.38
N GLY D 91 6.77 30.26 -44.45
CA GLY D 91 5.95 31.46 -44.50
C GLY D 91 6.71 32.71 -44.09
N SER D 92 6.42 33.80 -44.77
CA SER D 92 7.02 35.09 -44.46
C SER D 92 6.35 35.69 -43.23
N HIS D 93 6.94 36.77 -42.70
CA HIS D 93 6.33 37.48 -41.59
C HIS D 93 4.90 37.96 -41.90
N GLU D 94 4.70 38.48 -43.11
CA GLU D 94 3.38 38.93 -43.55
C GLU D 94 2.37 37.79 -43.58
N TYR D 95 2.81 36.63 -44.04
CA TYR D 95 2.01 35.42 -43.96
C TYR D 95 1.53 35.16 -42.54
N HIS D 96 2.46 35.15 -41.58
CA HIS D 96 2.09 34.86 -40.20
C HIS D 96 1.24 35.96 -39.55
N ALA D 97 1.52 37.21 -39.89
CA ALA D 97 0.70 38.33 -39.39
C ALA D 97 -0.77 38.14 -39.80
N GLU D 98 -0.98 37.68 -41.03
CA GLU D 98 -2.31 37.38 -41.54
C GLU D 98 -2.97 36.22 -40.81
N SER D 99 -2.18 35.19 -40.51
CA SER D 99 -2.66 34.06 -39.71
C SER D 99 -3.13 34.56 -38.35
N ILE D 100 -2.25 35.30 -37.68
CA ILE D 100 -2.59 35.92 -36.41
C ILE D 100 -3.87 36.75 -36.49
N ALA D 101 -3.98 37.57 -37.54
CA ALA D 101 -5.14 38.42 -37.75
C ALA D 101 -6.44 37.61 -37.81
N ASN D 102 -6.40 36.52 -38.57
CA ASN D 102 -7.59 35.68 -38.76
C ASN D 102 -8.02 34.98 -37.46
N VAL D 103 -7.05 34.46 -36.71
CA VAL D 103 -7.36 33.81 -35.43
C VAL D 103 -8.07 34.82 -34.54
N ARG D 104 -7.46 35.98 -34.36
CA ARG D 104 -8.05 37.02 -33.52
C ARG D 104 -9.46 37.40 -33.94
N GLU D 105 -9.68 37.52 -35.25
CA GLU D 105 -11.02 37.90 -35.72
C GLU D 105 -12.03 36.78 -35.50
N ALA D 106 -11.60 35.54 -35.70
CA ALA D 106 -12.48 34.40 -35.41
C ALA D 106 -12.84 34.40 -33.93
N VAL D 107 -11.85 34.65 -33.09
CA VAL D 107 -12.03 34.55 -31.65
C VAL D 107 -12.98 35.63 -31.16
N GLU D 108 -12.82 36.83 -31.70
CA GLU D 108 -13.62 37.97 -31.24
C GLU D 108 -15.02 37.97 -31.86
N SER D 109 -15.16 37.43 -33.06
CA SER D 109 -16.46 37.47 -33.72
C SER D 109 -17.41 36.36 -33.26
N PHE D 110 -17.48 36.17 -31.94
CA PHE D 110 -18.45 35.26 -31.35
C PHE D 110 -19.49 36.02 -30.51
N SER D 113 -21.98 36.48 -25.91
CA SER D 113 -21.98 36.86 -24.49
C SER D 113 -20.63 36.63 -23.83
N PRO D 114 -20.24 37.54 -22.94
CA PRO D 114 -19.00 37.34 -22.17
C PRO D 114 -19.00 36.02 -21.37
N LEU D 115 -20.18 35.43 -21.17
CA LEU D 115 -20.28 34.20 -20.40
C LEU D 115 -19.90 32.96 -21.20
N SER D 116 -19.65 33.13 -22.49
CA SER D 116 -19.32 32.01 -23.37
C SER D 116 -18.04 32.25 -24.16
N TYR D 117 -17.50 33.45 -24.06
CA TYR D 117 -16.22 33.78 -24.69
C TYR D 117 -15.16 32.72 -24.43
N ARG D 118 -14.57 32.21 -25.51
CA ARG D 118 -13.48 31.26 -25.41
C ARG D 118 -12.17 31.89 -25.86
N PRO D 119 -11.30 32.21 -24.90
CA PRO D 119 -9.97 32.69 -25.26
C PRO D 119 -9.21 31.65 -26.08
N VAL D 120 -8.42 32.09 -27.05
CA VAL D 120 -7.55 31.20 -27.81
C VAL D 120 -6.12 31.75 -27.81
N ALA D 121 -5.16 30.91 -27.39
CA ALA D 121 -3.78 31.35 -27.34
C ALA D 121 -3.13 31.25 -28.72
N ILE D 122 -2.05 32.00 -28.92
CA ILE D 122 -1.31 31.97 -30.17
C ILE D 122 0.11 31.70 -29.80
N ALA D 123 0.66 30.66 -30.42
CA ALA D 123 2.02 30.22 -30.12
C ALA D 123 2.85 30.31 -31.38
N LEU D 124 4.07 30.81 -31.22
CA LEU D 124 5.01 30.95 -32.33
C LEU D 124 6.02 29.83 -32.21
N ASP D 125 6.09 28.98 -33.23
CA ASP D 125 6.98 27.83 -33.20
C ASP D 125 8.22 28.15 -34.03
N THR D 126 9.38 28.30 -33.39
CA THR D 126 10.56 28.77 -34.13
C THR D 126 11.05 27.79 -35.21
N LYS D 127 11.70 28.35 -36.25
CA LYS D 127 12.23 27.54 -37.33
C LYS D 127 13.33 26.61 -36.80
N GLY D 128 14.29 27.19 -36.09
CA GLY D 128 15.39 26.43 -35.52
C GLY D 128 16.51 26.22 -36.52
N PRO D 129 17.54 25.45 -36.11
CA PRO D 129 18.69 25.14 -36.96
C PRO D 129 18.36 24.15 -38.07
N GLU D 130 17.42 24.52 -38.94
CA GLU D 130 17.02 23.63 -40.04
C GLU D 130 18.15 23.42 -41.03
N ILE D 131 18.13 22.26 -41.68
CA ILE D 131 18.98 21.99 -42.83
C ILE D 131 18.11 21.46 -43.96
N ARG D 132 18.14 22.15 -45.09
CA ARG D 132 17.34 21.74 -46.24
C ARG D 132 18.12 21.85 -47.54
N GLU D 143 12.42 15.23 -58.87
CA GLU D 143 11.94 14.10 -58.06
C GLU D 143 12.63 12.79 -58.48
N VAL D 144 13.90 12.65 -58.12
CA VAL D 144 14.68 11.48 -58.48
C VAL D 144 14.43 10.29 -57.56
N GLU D 145 15.15 9.20 -57.77
CA GLU D 145 15.02 8.00 -56.95
C GLU D 145 16.39 7.45 -56.54
N LEU D 146 16.93 8.00 -55.46
CA LEU D 146 18.24 7.60 -54.97
C LEU D 146 18.32 6.10 -54.69
N VAL D 147 18.89 5.35 -55.64
CA VAL D 147 19.04 3.90 -55.53
C VAL D 147 19.35 3.44 -54.10
N ASP D 172 22.10 23.31 -47.31
CA ASP D 172 22.19 24.72 -46.95
C ASP D 172 22.99 24.92 -45.66
N TYR D 173 23.64 23.85 -45.21
CA TYR D 173 24.52 23.91 -44.05
C TYR D 173 25.96 23.85 -44.55
N PRO D 174 26.61 25.02 -44.67
CA PRO D 174 27.96 25.10 -45.25
C PRO D 174 28.94 24.23 -44.45
N ASN D 175 28.87 24.36 -43.13
CA ASN D 175 29.75 23.60 -42.24
C ASN D 175 29.44 22.10 -42.30
N ILE D 176 28.74 21.69 -43.37
CA ILE D 176 28.31 20.30 -43.57
C ILE D 176 29.29 19.28 -42.99
N ILE D 186 23.57 10.67 -42.48
CA ILE D 186 22.85 11.76 -43.14
C ILE D 186 21.46 11.33 -43.59
N TYR D 187 20.44 11.74 -42.83
CA TYR D 187 19.06 11.44 -43.16
C TYR D 187 18.43 12.56 -43.98
N ILE D 188 17.38 12.22 -44.74
CA ILE D 188 16.70 13.20 -45.56
C ILE D 188 15.21 12.92 -45.61
N ASP D 189 14.41 13.97 -45.74
CA ASP D 189 12.96 13.86 -45.86
C ASP D 189 12.35 13.02 -44.74
N ASP D 190 12.25 13.61 -43.55
CA ASP D 190 11.63 12.93 -42.42
C ASP D 190 12.33 11.61 -42.12
N GLY D 191 13.65 11.61 -42.30
CA GLY D 191 14.48 10.47 -41.96
C GLY D 191 14.24 9.26 -42.83
N LEU D 192 13.42 9.42 -43.85
CA LEU D 192 13.10 8.31 -44.76
C LEU D 192 14.34 7.73 -45.45
N ILE D 193 15.14 8.59 -46.07
CA ILE D 193 16.37 8.15 -46.73
C ILE D 193 17.59 8.32 -45.83
N SER D 194 18.52 7.37 -45.92
CA SER D 194 19.75 7.42 -45.15
C SER D 194 20.92 6.99 -46.05
N LEU D 195 22.17 7.22 -45.63
CA LEU D 195 22.50 7.90 -44.38
C LEU D 195 23.76 8.73 -44.61
N VAL D 209 22.14 3.50 -42.14
CA VAL D 209 22.95 2.69 -43.04
C VAL D 209 22.84 3.20 -44.48
N GLU D 210 21.83 2.72 -45.19
CA GLU D 210 21.55 3.18 -46.56
C GLU D 210 20.16 2.71 -46.99
N ASN D 211 19.21 3.63 -46.98
CA ASN D 211 17.84 3.28 -47.33
C ASN D 211 17.30 4.16 -48.45
N GLY D 212 18.05 4.26 -49.53
CA GLY D 212 17.63 5.05 -50.67
C GLY D 212 16.13 5.00 -50.89
N GLY D 213 15.55 6.13 -51.26
CA GLY D 213 14.13 6.21 -51.53
C GLY D 213 13.84 7.24 -52.60
N VAL D 214 12.58 7.65 -52.68
CA VAL D 214 12.16 8.63 -53.68
C VAL D 214 13.01 9.89 -53.64
N GLY D 220 14.76 18.60 -45.89
CA GLY D 220 14.91 18.40 -44.46
C GLY D 220 15.93 17.32 -44.14
N VAL D 221 17.00 17.70 -43.45
CA VAL D 221 18.12 16.80 -43.19
C VAL D 221 18.44 16.66 -41.70
N ASN D 222 18.71 15.44 -41.26
CA ASN D 222 19.09 15.19 -39.86
C ASN D 222 20.48 14.57 -39.72
N LEU D 223 21.27 15.11 -38.80
CA LEU D 223 22.63 14.64 -38.59
C LEU D 223 22.85 14.28 -37.12
N PRO D 224 22.43 13.07 -36.72
CA PRO D 224 22.48 12.56 -35.34
C PRO D 224 23.87 12.67 -34.70
N GLY D 225 24.91 12.84 -35.51
CA GLY D 225 26.25 13.04 -35.00
C GLY D 225 26.58 14.50 -34.78
N PRO D 231 24.56 24.54 -35.14
CA PRO D 231 24.36 25.97 -34.88
C PRO D 231 23.36 26.21 -33.76
N GLY D 232 23.08 27.48 -33.48
CA GLY D 232 22.13 27.83 -32.43
C GLY D 232 21.28 29.03 -32.80
N LEU D 233 20.52 29.53 -31.84
CA LEU D 233 19.66 30.68 -32.06
C LEU D 233 20.09 31.47 -33.29
N SER D 234 19.50 31.15 -34.43
CA SER D 234 19.83 31.80 -35.66
C SER D 234 19.43 33.25 -35.70
N GLU D 235 19.87 33.94 -36.73
CA GLU D 235 19.49 35.33 -36.96
C GLU D 235 18.03 35.41 -37.31
N GLN D 236 17.57 34.51 -38.17
CA GLN D 236 16.15 34.45 -38.52
C GLN D 236 15.29 34.30 -37.27
N ASP D 237 15.66 33.35 -36.41
CA ASP D 237 14.93 33.10 -35.18
C ASP D 237 14.76 34.37 -34.36
N VAL D 238 15.87 35.09 -34.16
CA VAL D 238 15.82 36.35 -33.44
C VAL D 238 14.83 37.32 -34.09
N ARG D 239 14.88 37.44 -35.41
CA ARG D 239 13.95 38.30 -36.13
C ARG D 239 12.50 37.84 -35.96
N ASP D 240 12.27 36.54 -36.08
CA ASP D 240 10.94 35.99 -35.85
C ASP D 240 10.44 36.26 -34.43
N LEU D 241 11.33 36.15 -33.44
CA LEU D 241 10.92 36.30 -32.06
C LEU D 241 10.51 37.77 -31.83
N ARG D 242 11.29 38.69 -32.38
CA ARG D 242 10.97 40.10 -32.26
C ARG D 242 9.63 40.39 -32.94
N PHE D 243 9.36 39.71 -34.05
CA PHE D 243 8.09 39.81 -34.74
C PHE D 243 7.00 39.28 -33.82
N GLY D 244 7.33 38.23 -33.08
CA GLY D 244 6.41 37.63 -32.13
C GLY D 244 5.99 38.61 -31.07
N VAL D 245 6.96 39.30 -30.47
CA VAL D 245 6.66 40.30 -29.46
C VAL D 245 5.82 41.43 -30.04
N GLU D 246 6.13 41.86 -31.27
CA GLU D 246 5.41 42.97 -31.88
C GLU D 246 3.92 42.68 -32.01
N HIS D 247 3.61 41.42 -32.32
CA HIS D 247 2.23 41.00 -32.53
C HIS D 247 1.60 40.33 -31.30
N GLY D 248 2.27 40.46 -30.17
CA GLY D 248 1.71 39.99 -28.91
C GLY D 248 1.39 38.50 -28.84
N VAL D 249 2.23 37.64 -29.42
CA VAL D 249 2.03 36.19 -29.25
C VAL D 249 2.12 35.81 -27.75
N ASP D 250 1.46 34.72 -27.37
CA ASP D 250 1.33 34.34 -25.95
C ASP D 250 2.38 33.34 -25.52
N ILE D 251 2.79 32.50 -26.46
CA ILE D 251 3.68 31.38 -26.20
C ILE D 251 4.73 31.26 -27.30
N VAL D 252 5.95 30.92 -26.92
CA VAL D 252 6.97 30.53 -27.89
C VAL D 252 7.34 29.05 -27.70
N PHE D 253 7.32 28.27 -28.78
CA PHE D 253 7.87 26.91 -28.78
C PHE D 253 9.27 27.01 -29.35
N ALA D 254 10.28 26.91 -28.51
CA ALA D 254 11.67 27.04 -28.94
C ALA D 254 12.22 25.72 -29.50
N SER D 255 12.52 25.72 -30.79
CA SER D 255 13.01 24.53 -31.46
C SER D 255 14.39 24.10 -30.95
N PHE D 256 14.64 22.79 -30.99
CA PHE D 256 15.94 22.21 -30.67
C PHE D 256 16.64 22.78 -29.43
N VAL D 257 15.92 22.88 -28.31
CA VAL D 257 16.57 23.29 -27.08
C VAL D 257 17.41 22.13 -26.55
N ARG D 258 18.69 22.41 -26.28
CA ARG D 258 19.65 21.40 -25.88
C ARG D 258 20.18 21.61 -24.46
N LYS D 259 20.01 22.82 -23.94
CA LYS D 259 20.64 23.20 -22.68
C LYS D 259 20.01 24.47 -22.13
N ALA D 260 20.28 24.77 -20.87
CA ALA D 260 19.69 25.92 -20.20
C ALA D 260 19.99 27.24 -20.92
N SER D 261 21.22 27.36 -21.43
CA SER D 261 21.64 28.61 -22.05
C SER D 261 20.90 28.85 -23.36
N ASP D 262 20.36 27.79 -23.97
CA ASP D 262 19.55 27.93 -25.17
C ASP D 262 18.25 28.65 -24.81
N VAL D 263 17.71 28.35 -23.64
CA VAL D 263 16.48 28.97 -23.18
C VAL D 263 16.72 30.42 -22.80
N ALA D 264 17.91 30.72 -22.30
CA ALA D 264 18.25 32.09 -21.92
C ALA D 264 18.37 32.97 -23.15
N ALA D 265 18.93 32.41 -24.21
CA ALA D 265 19.06 33.12 -25.48
C ALA D 265 17.69 33.54 -26.02
N VAL D 266 16.71 32.63 -25.91
CA VAL D 266 15.36 32.93 -26.36
C VAL D 266 14.77 34.06 -25.52
N ARG D 267 14.93 33.96 -24.22
CA ARG D 267 14.41 34.95 -23.28
C ARG D 267 15.03 36.31 -23.60
N ALA D 268 16.30 36.29 -24.00
CA ALA D 268 17.00 37.51 -24.36
C ALA D 268 16.41 38.15 -25.62
N ALA D 269 16.22 37.32 -26.65
CA ALA D 269 15.71 37.81 -27.92
C ALA D 269 14.31 38.40 -27.78
N LEU D 270 13.58 37.93 -26.77
CA LEU D 270 12.23 38.40 -26.53
C LEU D 270 12.30 39.80 -25.93
N GLY D 271 13.32 40.03 -25.11
CA GLY D 271 13.60 41.34 -24.57
C GLY D 271 12.67 41.72 -23.43
N PRO D 272 12.84 42.93 -22.91
CA PRO D 272 12.00 43.44 -21.81
C PRO D 272 10.53 43.36 -22.16
N GLU D 273 10.19 43.73 -23.39
CA GLU D 273 8.79 43.77 -23.82
C GLU D 273 8.18 42.37 -23.94
N GLY D 274 9.03 41.36 -24.00
CA GLY D 274 8.57 39.99 -24.17
C GLY D 274 8.65 39.17 -22.89
N HIS D 275 8.77 39.84 -21.74
CA HIS D 275 8.99 39.10 -20.50
C HIS D 275 7.80 38.25 -20.06
N GLY D 276 6.60 38.58 -20.55
CA GLY D 276 5.42 37.84 -20.17
C GLY D 276 5.08 36.64 -21.05
N ILE D 277 5.86 36.45 -22.11
CA ILE D 277 5.61 35.36 -23.05
C ILE D 277 6.12 34.04 -22.45
N LYS D 278 5.28 33.01 -22.49
CA LYS D 278 5.64 31.70 -21.98
C LYS D 278 6.61 30.98 -22.91
N ILE D 279 7.66 30.39 -22.35
CA ILE D 279 8.62 29.68 -23.17
C ILE D 279 8.52 28.17 -22.96
N ILE D 280 8.07 27.48 -24.00
CA ILE D 280 7.98 26.02 -24.00
C ILE D 280 9.18 25.49 -24.77
N SER D 281 10.06 24.75 -24.10
CA SER D 281 11.25 24.23 -24.79
C SER D 281 10.95 22.92 -25.52
N LYS D 282 11.26 22.90 -26.82
CA LYS D 282 11.12 21.70 -27.63
C LYS D 282 12.33 20.79 -27.43
N ILE D 283 12.07 19.58 -26.95
CA ILE D 283 13.11 18.57 -26.80
C ILE D 283 13.08 17.69 -28.03
N GLU D 284 14.14 17.76 -28.84
CA GLU D 284 14.12 17.13 -30.15
C GLU D 284 15.35 16.30 -30.49
N ASN D 285 16.35 16.31 -29.63
CA ASN D 285 17.49 15.44 -29.89
C ASN D 285 18.01 14.78 -28.63
N HIS D 286 19.12 14.08 -28.73
CA HIS D 286 19.62 13.29 -27.61
C HIS D 286 20.08 14.20 -26.48
N GLU D 287 20.83 15.24 -26.82
CA GLU D 287 21.37 16.11 -25.79
C GLU D 287 20.24 16.75 -24.97
N GLY D 288 19.16 17.14 -25.64
CA GLY D 288 18.02 17.72 -24.96
C GLY D 288 17.37 16.72 -24.01
N VAL D 289 17.32 15.45 -24.41
CA VAL D 289 16.76 14.46 -23.50
C VAL D 289 17.66 14.31 -22.29
N LYS D 290 18.97 14.27 -22.52
CA LYS D 290 19.91 14.03 -21.44
C LYS D 290 20.03 15.21 -20.48
N ARG D 291 19.80 16.42 -20.98
CA ARG D 291 19.89 17.60 -20.13
C ARG D 291 18.50 18.12 -19.77
N PHE D 292 17.52 17.25 -19.86
CA PHE D 292 16.14 17.61 -19.59
C PHE D 292 15.96 18.41 -18.30
N ASP D 293 16.55 17.96 -17.19
CA ASP D 293 16.30 18.58 -15.91
C ASP D 293 16.68 20.06 -15.86
N GLU D 294 17.84 20.41 -16.41
CA GLU D 294 18.30 21.80 -16.36
C GLU D 294 17.48 22.66 -17.30
N ILE D 295 16.98 22.06 -18.38
CA ILE D 295 16.15 22.74 -19.36
C ILE D 295 14.78 23.03 -18.76
N LEU D 296 14.19 22.03 -18.10
CA LEU D 296 12.88 22.20 -17.52
C LEU D 296 12.93 23.24 -16.42
N GLU D 297 14.06 23.31 -15.72
CA GLU D 297 14.17 24.25 -14.61
C GLU D 297 14.02 25.69 -15.08
N VAL D 298 14.58 26.01 -16.24
CA VAL D 298 14.49 27.39 -16.73
C VAL D 298 13.36 27.62 -17.74
N SER D 299 12.57 26.60 -18.04
CA SER D 299 11.46 26.72 -18.98
C SER D 299 10.12 26.85 -18.28
N ASP D 300 9.13 27.35 -19.00
CA ASP D 300 7.76 27.34 -18.51
C ASP D 300 7.10 26.00 -18.77
N GLY D 301 7.68 25.25 -19.69
CA GLY D 301 7.12 23.97 -20.06
C GLY D 301 7.93 23.29 -21.14
N ILE D 302 7.41 22.16 -21.61
CA ILE D 302 8.17 21.30 -22.51
C ILE D 302 7.25 20.78 -23.64
N MET D 303 7.78 20.70 -24.85
CA MET D 303 7.11 19.95 -25.90
C MET D 303 7.92 18.70 -26.24
N VAL D 304 7.26 17.54 -26.26
CA VAL D 304 7.91 16.34 -26.77
C VAL D 304 7.79 16.35 -28.30
N ALA D 305 8.83 16.81 -28.98
CA ALA D 305 8.75 17.04 -30.42
C ALA D 305 9.08 15.75 -31.15
N ARG D 306 8.10 14.86 -31.22
CA ARG D 306 8.32 13.53 -31.76
C ARG D 306 9.02 13.39 -33.10
N GLY D 307 8.76 14.31 -33.99
CA GLY D 307 9.30 14.17 -35.33
C GLY D 307 10.76 14.12 -35.57
N ASP D 308 11.43 15.17 -35.12
CA ASP D 308 12.87 15.23 -35.11
C ASP D 308 13.41 14.25 -34.10
N LEU D 309 12.76 14.13 -32.95
CA LEU D 309 13.21 13.23 -31.92
C LEU D 309 13.32 11.81 -32.49
N GLY D 310 12.28 11.37 -33.19
CA GLY D 310 12.24 10.04 -33.72
C GLY D 310 13.18 9.84 -34.88
N ILE D 311 13.93 10.87 -35.26
CA ILE D 311 15.00 10.72 -36.23
C ILE D 311 16.35 10.85 -35.53
N GLU D 312 16.41 11.74 -34.55
CA GLU D 312 17.64 12.01 -33.82
C GLU D 312 18.03 10.84 -32.89
N ILE D 313 17.04 10.11 -32.41
CA ILE D 313 17.28 8.89 -31.64
C ILE D 313 16.48 7.76 -32.30
N PRO D 314 16.83 6.50 -32.01
CA PRO D 314 16.09 5.41 -32.66
C PRO D 314 14.59 5.55 -32.44
N ALA D 315 13.79 5.29 -33.47
CA ALA D 315 12.36 5.56 -33.41
C ALA D 315 11.69 4.79 -32.28
N GLU D 316 12.22 3.59 -32.00
CA GLU D 316 11.64 2.72 -30.98
C GLU D 316 11.94 3.16 -29.54
N LYS D 317 12.68 4.24 -29.38
CA LYS D 317 13.00 4.75 -28.05
C LYS D 317 12.15 5.99 -27.68
N VAL D 318 11.52 6.61 -28.67
CA VAL D 318 10.75 7.84 -28.41
C VAL D 318 9.74 7.73 -27.27
N PHE D 319 9.00 6.63 -27.21
CA PHE D 319 8.00 6.47 -26.17
C PHE D 319 8.63 6.54 -24.79
N LEU D 320 9.88 6.12 -24.67
CA LEU D 320 10.58 6.17 -23.38
C LEU D 320 10.85 7.62 -23.03
N ALA D 321 11.34 8.38 -24.02
CA ALA D 321 11.57 9.81 -23.84
C ALA D 321 10.28 10.51 -23.46
N GLN D 322 9.23 10.28 -24.24
CA GLN D 322 7.93 10.89 -24.01
C GLN D 322 7.40 10.60 -22.60
N LYS D 323 7.44 9.34 -22.17
CA LYS D 323 6.87 8.99 -20.85
C LYS D 323 7.70 9.60 -19.74
N MET D 324 9.02 9.60 -19.91
CA MET D 324 9.89 10.19 -18.92
C MET D 324 9.64 11.70 -18.82
N MET D 325 9.60 12.38 -19.97
CA MET D 325 9.44 13.82 -19.94
C MET D 325 8.11 14.25 -19.38
N ILE D 326 7.05 13.52 -19.75
CA ILE D 326 5.72 13.82 -19.24
C ILE D 326 5.66 13.58 -17.74
N GLY D 327 6.24 12.47 -17.28
CA GLY D 327 6.30 12.21 -15.85
C GLY D 327 6.96 13.32 -15.07
N ARG D 328 8.16 13.71 -15.50
CA ARG D 328 8.90 14.76 -14.79
C ARG D 328 8.22 16.13 -14.84
N CYS D 329 7.59 16.47 -15.96
CA CYS D 329 6.81 17.72 -16.01
C CYS D 329 5.63 17.65 -15.04
N ASN D 330 4.98 16.49 -14.96
CA ASN D 330 3.89 16.31 -14.02
C ASN D 330 4.37 16.54 -12.59
N LEU D 331 5.45 15.87 -12.22
CA LEU D 331 6.06 16.06 -10.92
C LEU D 331 6.36 17.54 -10.67
N ALA D 332 6.93 18.19 -11.67
CA ALA D 332 7.30 19.60 -11.56
C ALA D 332 6.12 20.55 -11.62
N GLY D 333 4.96 20.06 -12.06
CA GLY D 333 3.81 20.92 -12.25
C GLY D 333 3.93 21.97 -13.37
N LYS D 334 4.67 21.63 -14.42
CA LYS D 334 4.80 22.49 -15.60
C LYS D 334 4.21 21.81 -16.83
N PRO D 335 3.54 22.59 -17.71
CA PRO D 335 2.83 21.99 -18.85
C PRO D 335 3.76 21.22 -19.79
N VAL D 336 3.26 20.12 -20.33
CA VAL D 336 4.00 19.34 -21.32
C VAL D 336 3.06 19.03 -22.47
N VAL D 337 3.59 19.14 -23.69
CA VAL D 337 2.82 18.99 -24.88
C VAL D 337 3.34 17.77 -25.63
N CYS D 338 2.44 16.92 -26.07
CA CYS D 338 2.79 15.84 -26.97
C CYS D 338 2.46 16.19 -28.40
N ALA D 339 3.41 15.97 -29.27
CA ALA D 339 3.32 16.43 -30.60
C ALA D 339 3.79 15.44 -31.62
N THR D 340 3.12 15.52 -32.74
CA THR D 340 3.55 15.17 -34.07
C THR D 340 2.75 14.21 -34.93
N GLN D 341 2.79 12.96 -34.80
CA GLN D 341 1.96 12.37 -35.89
C GLN D 341 0.69 11.78 -35.36
N MET D 342 -0.12 12.54 -34.66
CA MET D 342 -0.94 11.93 -33.64
C MET D 342 -2.16 11.37 -34.35
N LEU D 343 -2.62 12.08 -35.38
CA LEU D 343 -3.73 11.64 -36.20
C LEU D 343 -3.38 11.77 -37.69
N GLU D 344 -2.12 11.50 -38.01
CA GLU D 344 -1.54 11.71 -39.34
C GLU D 344 -2.45 11.29 -40.50
N SER D 345 -2.98 10.08 -40.47
CA SER D 345 -3.77 9.61 -41.61
C SER D 345 -4.96 10.53 -41.93
N MET D 346 -5.41 11.30 -40.94
CA MET D 346 -6.53 12.22 -41.17
C MET D 346 -6.18 13.39 -42.08
N ILE D 347 -4.92 13.50 -42.47
CA ILE D 347 -4.57 14.42 -43.54
C ILE D 347 -5.36 14.10 -44.81
N THR D 348 -5.56 12.82 -45.12
CA THR D 348 -6.34 12.44 -46.30
C THR D 348 -7.61 11.67 -45.99
N LYS D 349 -7.70 11.08 -44.80
CA LYS D 349 -8.87 10.27 -44.44
C LYS D 349 -9.72 10.93 -43.35
N ALA D 350 -11.02 10.70 -43.48
CA ALA D 350 -12.08 11.17 -42.63
C ALA D 350 -12.07 10.62 -41.21
N ARG D 351 -11.44 9.48 -41.02
CA ARG D 351 -11.37 8.73 -39.77
C ARG D 351 -9.92 8.31 -39.60
N PRO D 352 -9.46 8.29 -38.34
CA PRO D 352 -8.06 7.96 -38.03
C PRO D 352 -7.85 6.45 -37.99
N THR D 353 -6.59 6.03 -37.90
CA THR D 353 -6.29 4.60 -37.72
C THR D 353 -6.42 4.19 -36.25
N ARG D 354 -6.43 2.89 -36.00
CA ARG D 354 -6.52 2.40 -34.62
C ARG D 354 -5.30 2.79 -33.80
N ALA D 355 -4.13 2.81 -34.44
CA ALA D 355 -2.90 3.22 -33.75
C ALA D 355 -2.96 4.69 -33.34
N GLU D 356 -3.57 5.51 -34.21
CA GLU D 356 -3.65 6.94 -33.95
C GLU D 356 -4.57 7.29 -32.78
N THR D 357 -5.78 6.71 -32.74
CA THR D 357 -6.65 6.97 -31.61
C THR D 357 -5.99 6.50 -30.33
N SER D 358 -5.27 5.39 -30.41
CA SER D 358 -4.55 4.84 -29.27
C SER D 358 -3.45 5.77 -28.77
N ASP D 359 -2.72 6.36 -29.71
CA ASP D 359 -1.62 7.29 -29.41
C ASP D 359 -2.13 8.55 -28.68
N VAL D 360 -3.30 9.05 -29.08
CA VAL D 360 -3.87 10.23 -28.43
C VAL D 360 -4.33 9.89 -27.02
N ALA D 361 -5.08 8.81 -26.87
CA ALA D 361 -5.53 8.39 -25.53
C ALA D 361 -4.35 8.12 -24.60
N ASN D 362 -3.29 7.54 -25.14
CA ASN D 362 -2.14 7.20 -24.30
C ASN D 362 -1.32 8.42 -23.90
N ALA D 363 -1.31 9.44 -24.75
CA ALA D 363 -0.67 10.72 -24.42
C ALA D 363 -1.38 11.36 -23.24
N VAL D 364 -2.71 11.34 -23.26
CA VAL D 364 -3.49 11.84 -22.14
C VAL D 364 -3.26 11.02 -20.88
N LEU D 365 -3.32 9.69 -21.02
CA LEU D 365 -3.08 8.79 -19.91
C LEU D 365 -1.69 8.95 -19.34
N ASP D 366 -0.72 9.21 -20.21
CA ASP D 366 0.66 9.47 -19.77
C ASP D 366 0.73 10.72 -18.87
N GLY D 367 -0.14 11.70 -19.14
CA GLY D 367 -0.21 12.91 -18.33
C GLY D 367 0.03 14.21 -19.11
N ALA D 368 -0.02 14.15 -20.44
CA ALA D 368 0.17 15.35 -21.25
C ALA D 368 -0.85 16.43 -20.90
N ASP D 369 -0.40 17.69 -20.80
CA ASP D 369 -1.34 18.81 -20.67
C ASP D 369 -1.99 19.19 -21.98
N CYS D 370 -1.22 19.11 -23.08
CA CYS D 370 -1.73 19.46 -24.39
C CYS D 370 -1.36 18.38 -25.37
N ILE D 371 -2.21 18.23 -26.38
CA ILE D 371 -1.93 17.38 -27.52
C ILE D 371 -2.00 18.27 -28.77
N MET D 372 -1.25 17.90 -29.80
CA MET D 372 -1.09 18.80 -30.92
C MET D 372 -1.44 18.17 -32.26
N LEU D 373 -1.90 19.01 -33.17
CA LEU D 373 -2.12 18.64 -34.56
C LEU D 373 -1.25 19.52 -35.44
N SER D 374 -0.63 18.91 -36.47
CA SER D 374 0.21 19.64 -37.41
C SER D 374 -0.42 19.60 -38.78
N GLY D 375 0.07 18.70 -39.62
CA GLY D 375 -0.42 18.56 -40.98
C GLY D 375 -1.92 18.38 -41.02
N GLU D 376 -2.45 17.68 -40.01
CA GLU D 376 -3.87 17.39 -39.89
C GLU D 376 -4.75 18.62 -39.96
N THR D 377 -4.26 19.72 -39.42
CA THR D 377 -5.03 20.97 -39.48
C THR D 377 -4.43 22.01 -40.42
N ALA D 378 -3.13 21.94 -40.65
CA ALA D 378 -2.45 22.94 -41.46
C ALA D 378 -2.75 22.75 -42.95
N LYS D 379 -2.67 21.52 -43.42
CA LYS D 379 -2.77 21.26 -44.86
C LYS D 379 -3.76 20.16 -45.24
N GLY D 380 -4.25 19.40 -44.26
CA GLY D 380 -5.09 18.25 -44.57
C GLY D 380 -6.50 18.57 -45.02
N ASN D 381 -7.26 17.53 -45.39
CA ASN D 381 -8.62 17.73 -45.87
C ASN D 381 -9.71 17.69 -44.81
N PHE D 382 -9.34 17.37 -43.58
CA PHE D 382 -10.34 17.26 -42.52
C PHE D 382 -9.85 17.92 -41.23
N PRO D 383 -9.47 19.21 -41.29
CA PRO D 383 -8.97 19.96 -40.14
C PRO D 383 -9.97 19.98 -38.99
N VAL D 384 -11.23 20.32 -39.28
CA VAL D 384 -12.22 20.41 -38.22
C VAL D 384 -12.47 19.04 -37.62
N GLU D 385 -12.47 18.02 -38.46
CA GLU D 385 -12.69 16.65 -37.99
C GLU D 385 -11.54 16.16 -37.13
N ALA D 386 -10.32 16.54 -37.49
CA ALA D 386 -9.17 16.18 -36.67
C ALA D 386 -9.31 16.77 -35.27
N VAL D 387 -9.67 18.06 -35.19
CA VAL D 387 -9.85 18.69 -33.90
C VAL D 387 -10.91 17.96 -33.11
N LYS D 388 -12.04 17.65 -33.77
CA LYS D 388 -13.14 16.99 -33.09
C LYS D 388 -12.72 15.61 -32.57
N MET D 389 -11.89 14.92 -33.33
CA MET D 389 -11.46 13.57 -32.95
C MET D 389 -10.57 13.58 -31.73
N GLN D 390 -9.58 14.48 -31.70
CA GLN D 390 -8.76 14.63 -30.48
C GLN D 390 -9.60 14.99 -29.26
N HIS D 391 -10.59 15.85 -29.47
CA HIS D 391 -11.48 16.22 -28.37
C HIS D 391 -12.21 14.99 -27.83
N ALA D 392 -12.76 14.19 -28.74
CA ALA D 392 -13.57 13.04 -28.33
C ALA D 392 -12.73 12.00 -27.61
N ILE D 393 -11.55 11.72 -28.16
CA ILE D 393 -10.65 10.77 -27.52
C ILE D 393 -10.17 11.29 -26.17
N ALA D 394 -9.81 12.56 -26.11
CA ALA D 394 -9.27 13.14 -24.89
C ALA D 394 -10.28 13.05 -23.76
N ARG D 395 -11.54 13.30 -24.09
CA ARG D 395 -12.58 13.25 -23.08
C ARG D 395 -12.75 11.83 -22.50
N GLU D 396 -12.72 10.81 -23.35
CA GLU D 396 -12.85 9.43 -22.86
C GLU D 396 -11.65 9.05 -22.00
N ALA D 397 -10.48 9.48 -22.42
CA ALA D 397 -9.23 9.11 -21.78
C ALA D 397 -9.07 9.77 -20.40
N GLU D 398 -9.51 11.02 -20.29
CA GLU D 398 -9.45 11.72 -19.00
C GLU D 398 -10.32 11.04 -17.94
N ALA D 399 -11.47 10.53 -18.35
CA ALA D 399 -12.34 9.80 -17.44
C ALA D 399 -11.64 8.53 -16.96
N ALA D 400 -10.79 7.97 -17.81
CA ALA D 400 -10.11 6.70 -17.51
C ALA D 400 -8.84 6.86 -16.66
N VAL D 401 -8.49 8.08 -16.30
CA VAL D 401 -7.32 8.30 -15.45
C VAL D 401 -7.56 7.70 -14.05
N TYR D 402 -6.57 6.99 -13.53
CA TYR D 402 -6.68 6.37 -12.22
C TYR D 402 -6.27 7.39 -11.16
N HIS D 403 -7.16 8.34 -10.86
CA HIS D 403 -6.82 9.43 -9.95
C HIS D 403 -6.30 8.97 -8.59
N ARG D 404 -6.87 7.90 -8.06
CA ARG D 404 -6.46 7.36 -6.78
C ARG D 404 -4.93 7.24 -6.69
N GLN D 405 -4.33 6.59 -7.69
CA GLN D 405 -2.89 6.38 -7.68
C GLN D 405 -2.12 7.64 -8.05
N LEU D 406 -2.64 8.36 -9.05
CA LEU D 406 -1.99 9.57 -9.51
C LEU D 406 -1.95 10.64 -8.42
N PHE D 407 -3.09 10.90 -7.79
CA PHE D 407 -3.14 11.92 -6.75
C PHE D 407 -2.17 11.55 -5.64
N GLU D 408 -2.29 10.34 -5.13
CA GLU D 408 -1.40 9.81 -4.10
C GLU D 408 0.08 9.96 -4.46
N GLU D 409 0.45 9.57 -5.67
CA GLU D 409 1.85 9.63 -6.08
C GLU D 409 2.37 11.06 -6.23
N LEU D 410 1.56 11.95 -6.80
CA LEU D 410 1.94 13.35 -6.93
C LEU D 410 2.07 13.95 -5.54
N ARG D 411 1.07 13.69 -4.72
CA ARG D 411 1.03 14.18 -3.34
C ARG D 411 2.28 13.75 -2.57
N ARG D 412 2.63 12.46 -2.66
CA ARG D 412 3.75 11.93 -1.91
C ARG D 412 5.09 12.37 -2.48
N ALA D 413 5.08 12.86 -3.71
CA ALA D 413 6.32 13.20 -4.39
C ALA D 413 6.63 14.68 -4.23
N ALA D 414 5.59 15.49 -4.11
CA ALA D 414 5.78 16.93 -4.02
C ALA D 414 6.23 17.30 -2.61
N PRO D 415 7.06 18.33 -2.51
CA PRO D 415 7.72 18.66 -1.24
C PRO D 415 6.80 19.46 -0.31
N LEU D 416 7.04 19.35 0.99
CA LEU D 416 6.35 20.20 1.92
C LEU D 416 6.47 21.63 1.43
N SER D 417 5.49 22.45 1.74
CA SER D 417 5.46 23.82 1.24
C SER D 417 4.88 24.76 2.27
N ARG D 418 5.56 25.88 2.51
CA ARG D 418 5.01 26.95 3.33
C ARG D 418 4.27 28.00 2.48
N ASP D 419 4.22 27.79 1.18
CA ASP D 419 3.53 28.75 0.33
C ASP D 419 2.02 28.55 0.38
N PRO D 420 1.30 29.56 0.86
CA PRO D 420 -0.15 29.49 1.09
C PRO D 420 -0.94 29.13 -0.16
N THR D 421 -0.47 29.53 -1.34
CA THR D 421 -1.16 29.16 -2.56
C THR D 421 -1.03 27.65 -2.79
N GLU D 422 0.17 27.12 -2.57
CA GLU D 422 0.42 25.68 -2.73
C GLU D 422 -0.44 24.88 -1.72
N VAL D 423 -0.47 25.35 -0.48
CA VAL D 423 -1.20 24.68 0.60
C VAL D 423 -2.70 24.71 0.32
N THR D 424 -3.20 25.88 -0.09
CA THR D 424 -4.60 26.01 -0.44
C THR D 424 -4.98 25.11 -1.61
N ALA D 425 -4.12 25.07 -2.63
CA ALA D 425 -4.41 24.28 -3.83
C ALA D 425 -4.64 22.80 -3.49
N ILE D 426 -3.77 22.22 -2.65
CA ILE D 426 -3.92 20.79 -2.35
C ILE D 426 -5.12 20.51 -1.46
N GLY D 427 -5.46 21.48 -0.61
CA GLY D 427 -6.65 21.38 0.20
C GLY D 427 -7.92 21.41 -0.62
N ALA D 428 -7.97 22.33 -1.60
CA ALA D 428 -9.10 22.40 -2.52
C ALA D 428 -9.30 21.13 -3.38
N VAL D 429 -8.21 20.55 -3.86
CA VAL D 429 -8.33 19.33 -4.67
C VAL D 429 -8.75 18.14 -3.81
N GLU D 430 -8.17 18.01 -2.62
CA GLU D 430 -8.64 16.99 -1.67
C GLU D 430 -10.13 17.16 -1.44
N ALA D 431 -10.55 18.40 -1.21
CA ALA D 431 -11.94 18.69 -0.90
C ALA D 431 -12.84 18.35 -2.08
N ALA D 432 -12.40 18.75 -3.27
CA ALA D 432 -13.12 18.43 -4.49
C ALA D 432 -13.31 16.93 -4.65
N PHE D 433 -12.27 16.17 -4.37
CA PHE D 433 -12.38 14.71 -4.44
C PHE D 433 -13.37 14.15 -3.42
N LYS D 434 -13.48 14.81 -2.27
CA LYS D 434 -14.31 14.29 -1.17
C LYS D 434 -15.79 14.34 -1.55
N CYS D 435 -16.20 15.38 -2.27
CA CYS D 435 -17.62 15.60 -2.55
C CYS D 435 -18.01 15.49 -4.02
N MET D 436 -17.09 15.05 -4.86
CA MET D 436 -17.32 14.98 -6.31
C MET D 436 -17.73 16.36 -6.81
N ALA D 437 -16.96 17.38 -6.44
CA ALA D 437 -17.29 18.75 -6.82
C ALA D 437 -17.40 18.86 -8.34
N ALA D 438 -18.34 19.71 -8.78
CA ALA D 438 -18.50 19.98 -10.21
C ALA D 438 -17.32 20.82 -10.69
N ALA D 439 -16.86 21.74 -9.86
CA ALA D 439 -15.73 22.59 -10.23
C ALA D 439 -14.99 23.17 -9.03
N ILE D 440 -13.74 23.54 -9.29
CA ILE D 440 -13.02 24.47 -8.42
C ILE D 440 -12.93 25.84 -9.13
N ILE D 441 -13.55 26.86 -8.56
CA ILE D 441 -13.52 28.20 -9.14
C ILE D 441 -12.43 28.99 -8.45
N VAL D 442 -11.49 29.50 -9.23
CA VAL D 442 -10.33 30.17 -8.67
C VAL D 442 -10.14 31.54 -9.30
N LEU D 443 -9.90 32.55 -8.46
CA LEU D 443 -9.53 33.88 -8.94
C LEU D 443 -8.02 33.91 -9.14
N THR D 444 -7.57 34.40 -10.30
CA THR D 444 -6.14 34.45 -10.58
C THR D 444 -5.78 35.65 -11.45
N THR D 445 -4.63 36.24 -11.18
CA THR D 445 -4.17 37.40 -11.91
C THR D 445 -3.22 36.96 -13.00
N THR D 446 -2.35 36.01 -12.67
CA THR D 446 -1.28 35.58 -13.57
C THR D 446 -1.50 34.15 -14.10
N GLY D 447 -2.45 33.42 -13.51
CA GLY D 447 -2.65 32.01 -13.84
C GLY D 447 -2.10 31.04 -12.80
N ARG D 448 -1.11 31.51 -12.05
CA ARG D 448 -0.44 30.68 -11.07
C ARG D 448 -1.35 29.86 -10.13
N SER D 449 -2.32 30.52 -9.52
CA SER D 449 -3.21 29.81 -8.59
C SER D 449 -3.93 28.66 -9.28
N ALA D 450 -4.35 28.90 -10.52
CA ALA D 450 -5.03 27.88 -11.32
C ALA D 450 -4.08 26.75 -11.69
N GLN D 451 -2.84 27.12 -11.98
CA GLN D 451 -1.84 26.14 -12.36
C GLN D 451 -1.49 25.19 -11.22
N LEU D 452 -1.40 25.72 -9.99
CA LEU D 452 -1.02 24.89 -8.86
C LEU D 452 -2.16 23.98 -8.44
N LEU D 453 -3.38 24.33 -8.85
CA LEU D 453 -4.50 23.41 -8.74
C LEU D 453 -4.40 22.32 -9.81
N SER D 454 -4.10 22.75 -11.02
CA SER D 454 -4.00 21.88 -12.19
C SER D 454 -3.06 20.70 -11.95
N ARG D 455 -1.93 20.96 -11.30
CA ARG D 455 -0.91 19.92 -11.19
C ARG D 455 -1.33 18.66 -10.42
N TYR D 456 -2.36 18.75 -9.59
CA TYR D 456 -2.82 17.58 -8.82
C TYR D 456 -3.86 16.79 -9.59
N ARG D 457 -4.14 17.26 -10.80
CA ARG D 457 -5.05 16.59 -11.70
C ARG D 457 -6.39 16.24 -11.04
N PRO D 458 -7.14 17.26 -10.60
CA PRO D 458 -8.46 17.00 -10.05
C PRO D 458 -9.42 16.53 -11.14
N ARG D 459 -10.47 15.80 -10.77
CA ARG D 459 -11.52 15.47 -11.72
C ARG D 459 -12.40 16.69 -11.98
N ALA D 460 -12.60 17.50 -10.93
CA ALA D 460 -13.39 18.71 -11.06
C ALA D 460 -12.71 19.70 -12.02
N ALA D 461 -13.51 20.37 -12.84
CA ALA D 461 -13.00 21.44 -13.71
C ALA D 461 -12.41 22.58 -12.88
N VAL D 462 -11.28 23.11 -13.32
CA VAL D 462 -10.72 24.31 -12.70
C VAL D 462 -11.18 25.54 -13.49
N ILE D 463 -12.14 26.27 -12.95
CA ILE D 463 -12.68 27.43 -13.64
C ILE D 463 -11.94 28.67 -13.16
N ALA D 464 -11.09 29.24 -14.02
CA ALA D 464 -10.21 30.31 -13.56
C ALA D 464 -10.69 31.68 -14.04
N VAL D 465 -11.00 32.56 -13.10
CA VAL D 465 -11.49 33.88 -13.46
C VAL D 465 -10.37 34.89 -13.37
N THR D 466 -10.13 35.59 -14.46
CA THR D 466 -9.03 36.56 -14.51
C THR D 466 -9.42 37.77 -15.33
N ARG D 467 -8.85 38.91 -14.96
CA ARG D 467 -8.99 40.13 -15.76
C ARG D 467 -7.92 40.21 -16.85
N SER D 468 -6.88 39.39 -16.74
CA SER D 468 -5.81 39.46 -17.72
C SER D 468 -6.08 38.61 -18.98
N ALA D 469 -6.40 39.27 -20.09
CA ALA D 469 -6.62 38.56 -21.35
C ALA D 469 -5.44 37.68 -21.72
N GLN D 470 -4.22 38.13 -21.43
CA GLN D 470 -3.07 37.31 -21.78
C GLN D 470 -2.95 36.09 -20.88
N ALA D 471 -3.20 36.26 -19.58
CA ALA D 471 -3.15 35.10 -18.69
C ALA D 471 -4.25 34.12 -19.05
N ALA D 472 -5.41 34.65 -19.43
CA ALA D 472 -6.51 33.79 -19.85
C ALA D 472 -6.14 32.88 -21.05
N ARG D 473 -5.39 33.42 -22.01
CA ARG D 473 -4.93 32.57 -23.11
C ARG D 473 -3.84 31.59 -22.66
N GLN D 474 -2.87 32.09 -21.89
CA GLN D 474 -1.71 31.28 -21.53
C GLN D 474 -2.04 30.08 -20.64
N VAL D 475 -3.08 30.20 -19.81
CA VAL D 475 -3.42 29.07 -18.94
C VAL D 475 -4.03 27.89 -19.68
N HIS D 476 -4.24 28.02 -21.00
CA HIS D 476 -4.68 26.89 -21.80
C HIS D 476 -3.58 25.84 -21.87
N LEU D 477 -2.36 26.20 -21.50
CA LEU D 477 -1.27 25.24 -21.47
C LEU D 477 -1.45 24.18 -20.39
N CYS D 478 -2.23 24.50 -19.35
CA CYS D 478 -2.43 23.63 -18.20
C CYS D 478 -3.69 22.76 -18.32
N ARG D 479 -3.56 21.44 -18.19
CA ARG D 479 -4.73 20.58 -18.31
C ARG D 479 -5.80 20.96 -17.30
N GLY D 480 -7.06 20.99 -17.72
CA GLY D 480 -8.15 21.07 -16.78
C GLY D 480 -8.48 22.48 -16.31
N VAL D 481 -7.91 23.49 -16.98
CA VAL D 481 -8.16 24.89 -16.62
C VAL D 481 -9.02 25.53 -17.70
N PHE D 482 -10.17 26.03 -17.29
CA PHE D 482 -11.07 26.69 -18.19
C PHE D 482 -11.10 28.19 -17.88
N PRO D 483 -10.39 28.99 -18.71
CA PRO D 483 -10.26 30.41 -18.36
C PRO D 483 -11.53 31.20 -18.69
N LEU D 484 -11.93 32.10 -17.77
CA LEU D 484 -13.01 33.03 -18.01
C LEU D 484 -12.45 34.45 -17.92
N LEU D 485 -12.65 35.24 -18.97
CA LEU D 485 -12.14 36.60 -19.01
C LEU D 485 -13.18 37.57 -18.48
N TYR D 486 -12.86 38.21 -17.35
CA TYR D 486 -13.76 39.11 -16.66
C TYR D 486 -13.52 40.55 -17.09
N ARG D 487 -14.56 41.21 -17.62
CA ARG D 487 -14.38 42.49 -18.30
C ARG D 487 -14.75 43.74 -17.48
N GLU D 488 -15.54 43.57 -16.42
CA GLU D 488 -16.05 44.69 -15.61
C GLU D 488 -14.97 45.43 -14.83
N PRO D 489 -15.09 46.76 -14.74
CA PRO D 489 -14.21 47.49 -13.83
C PRO D 489 -14.50 47.09 -12.38
N PRO D 490 -13.52 47.29 -11.49
CA PRO D 490 -13.61 46.92 -10.08
C PRO D 490 -14.74 47.63 -9.33
N GLU D 491 -15.41 46.90 -8.43
CA GLU D 491 -16.35 47.53 -7.49
C GLU D 491 -15.56 48.41 -6.55
N ALA D 492 -16.25 49.31 -5.87
CA ALA D 492 -15.63 50.16 -4.86
C ALA D 492 -15.08 49.36 -3.69
N ILE D 493 -15.87 48.39 -3.22
CA ILE D 493 -15.44 47.54 -2.13
C ILE D 493 -14.83 46.24 -2.68
N TRP D 494 -13.57 45.98 -2.35
CA TRP D 494 -12.80 44.88 -2.92
C TRP D 494 -13.46 43.54 -2.67
N ALA D 495 -13.95 43.35 -1.46
CA ALA D 495 -14.63 42.12 -1.10
C ALA D 495 -15.81 41.92 -2.04
N ASP D 496 -16.47 43.02 -2.40
CA ASP D 496 -17.60 42.94 -3.32
C ASP D 496 -17.14 42.53 -4.71
N ASP D 497 -15.98 43.02 -5.11
CA ASP D 497 -15.48 42.77 -6.47
C ASP D 497 -15.14 41.28 -6.57
N VAL D 498 -14.51 40.77 -5.52
CA VAL D 498 -14.21 39.35 -5.42
C VAL D 498 -15.48 38.54 -5.58
N ASP D 499 -16.50 38.84 -4.77
CA ASP D 499 -17.76 38.11 -4.83
C ASP D 499 -18.36 38.16 -6.24
N ARG D 500 -18.30 39.32 -6.88
CA ARG D 500 -18.91 39.47 -8.18
C ARG D 500 -18.25 38.54 -9.18
N ARG D 501 -16.92 38.43 -9.09
CA ARG D 501 -16.16 37.56 -9.99
C ARG D 501 -16.47 36.08 -9.75
N VAL D 502 -16.62 35.70 -8.49
CA VAL D 502 -16.99 34.34 -8.14
C VAL D 502 -18.34 34.01 -8.75
N GLN D 503 -19.28 34.95 -8.68
CA GLN D 503 -20.59 34.75 -9.29
C GLN D 503 -20.49 34.68 -10.81
N PHE D 504 -19.54 35.43 -11.36
CA PHE D 504 -19.30 35.40 -12.79
C PHE D 504 -18.89 33.99 -13.19
N GLY D 505 -18.01 33.39 -12.39
CA GLY D 505 -17.58 32.03 -12.63
C GLY D 505 -18.75 31.06 -12.61
N ILE D 506 -19.64 31.25 -11.65
CA ILE D 506 -20.77 30.35 -11.45
C ILE D 506 -21.77 30.45 -12.59
N GLU D 507 -22.06 31.68 -13.01
CA GLU D 507 -22.97 31.91 -14.14
C GLU D 507 -22.38 31.41 -15.44
N SER D 508 -21.08 31.61 -15.63
CA SER D 508 -20.42 31.12 -16.83
C SER D 508 -20.52 29.60 -16.85
N GLY D 509 -20.19 28.98 -15.74
CA GLY D 509 -20.21 27.53 -15.61
C GLY D 509 -21.60 26.94 -15.80
N LYS D 510 -22.63 27.65 -15.36
CA LYS D 510 -24.00 27.20 -15.58
C LYS D 510 -24.31 27.21 -17.08
N LEU D 511 -24.05 28.35 -17.72
CA LEU D 511 -24.37 28.49 -19.13
C LEU D 511 -23.64 27.43 -19.94
N ARG D 512 -22.37 27.22 -19.63
CA ARG D 512 -21.54 26.28 -20.40
C ARG D 512 -21.78 24.84 -20.05
N GLY D 513 -22.58 24.61 -19.02
CA GLY D 513 -22.92 23.25 -18.64
C GLY D 513 -21.95 22.57 -17.68
N PHE D 514 -20.99 23.33 -17.15
CA PHE D 514 -20.12 22.82 -16.08
C PHE D 514 -20.88 22.63 -14.77
N LEU D 515 -21.79 23.56 -14.47
CA LEU D 515 -22.45 23.61 -13.18
C LEU D 515 -23.97 23.50 -13.28
N ARG D 516 -24.55 22.83 -12.30
CA ARG D 516 -25.99 22.61 -12.26
C ARG D 516 -26.47 22.94 -10.87
N VAL D 517 -27.72 23.35 -10.74
CA VAL D 517 -28.29 23.63 -9.43
C VAL D 517 -28.21 22.38 -8.57
N GLY D 518 -27.65 22.52 -7.37
CA GLY D 518 -27.51 21.38 -6.48
C GLY D 518 -26.09 20.86 -6.42
N ASP D 519 -25.25 21.31 -7.35
CA ASP D 519 -23.85 20.93 -7.34
C ASP D 519 -23.10 21.54 -6.17
N LEU D 520 -21.94 20.98 -5.86
CA LEU D 520 -21.01 21.61 -4.94
C LEU D 520 -19.81 22.09 -5.73
N VAL D 521 -19.30 23.27 -5.39
CA VAL D 521 -18.06 23.75 -5.98
C VAL D 521 -17.11 24.14 -4.88
N ILE D 522 -15.82 24.14 -5.19
CA ILE D 522 -14.82 24.65 -4.27
C ILE D 522 -14.42 26.00 -4.80
N VAL D 523 -14.34 27.01 -3.93
CA VAL D 523 -13.98 28.35 -4.39
C VAL D 523 -12.68 28.79 -3.76
N VAL D 524 -11.72 29.20 -4.58
CA VAL D 524 -10.39 29.54 -4.09
C VAL D 524 -10.08 31.02 -4.32
N THR D 525 -9.84 31.76 -3.23
CA THR D 525 -9.58 33.18 -3.35
C THR D 525 -8.41 33.59 -2.47
N GLY D 526 -8.24 34.89 -2.26
CA GLY D 526 -7.11 35.37 -1.50
C GLY D 526 -7.53 36.48 -0.56
N TRP D 527 -6.60 36.91 0.29
CA TRP D 527 -6.92 37.79 1.42
C TRP D 527 -6.67 39.27 1.14
N ARG D 528 -5.87 39.57 0.12
CA ARG D 528 -5.65 40.95 -0.31
C ARG D 528 -5.51 40.95 -1.84
N PRO D 529 -5.74 42.11 -2.48
CA PRO D 529 -5.63 42.20 -3.94
C PRO D 529 -4.20 41.99 -4.43
N GLY D 530 -4.03 41.69 -5.71
CA GLY D 530 -2.72 41.46 -6.27
C GLY D 530 -2.31 39.99 -6.22
N SER D 531 -1.43 39.58 -7.12
CA SER D 531 -1.11 38.16 -7.22
C SER D 531 -0.28 37.71 -6.01
N GLY D 532 -0.37 36.43 -5.68
CA GLY D 532 0.47 35.84 -4.66
C GLY D 532 -0.15 35.65 -3.28
N TYR D 533 -1.41 35.99 -3.12
CA TYR D 533 -2.04 35.99 -1.79
C TYR D 533 -3.24 35.05 -1.67
N THR D 534 -3.34 34.09 -2.58
CA THR D 534 -4.36 33.06 -2.50
C THR D 534 -4.17 32.30 -1.19
N ASN D 535 -5.22 32.19 -0.39
CA ASN D 535 -5.11 31.46 0.88
C ASN D 535 -6.44 30.97 1.43
N ILE D 536 -7.49 31.01 0.63
CA ILE D 536 -8.80 30.66 1.14
C ILE D 536 -9.52 29.66 0.25
N MET D 537 -10.15 28.68 0.88
CA MET D 537 -10.99 27.76 0.13
CA MET D 537 -10.96 27.69 0.18
C MET D 537 -12.33 27.63 0.83
N ARG D 538 -13.39 27.65 0.03
CA ARG D 538 -14.74 27.59 0.55
C ARG D 538 -15.55 26.56 -0.19
N VAL D 539 -16.48 25.94 0.52
CA VAL D 539 -17.35 24.92 -0.03
C VAL D 539 -18.73 25.52 -0.23
N LEU D 540 -19.19 25.51 -1.46
CA LEU D 540 -20.40 26.23 -1.81
C LEU D 540 -21.31 25.31 -2.63
N SER D 541 -22.62 25.44 -2.44
CA SER D 541 -23.57 24.71 -3.29
C SER D 541 -24.29 25.68 -4.21
N ILE D 542 -24.60 25.24 -5.42
CA ILE D 542 -25.09 26.13 -6.46
C ILE D 542 -26.59 26.42 -6.35
MN MN E . 19.57 -6.18 32.95
CAC FLC F . 17.46 -10.40 31.21
CA FLC F . 16.91 -9.02 31.19
CB FLC F . 17.39 -8.17 32.34
CBC FLC F . 16.85 -6.78 32.10
CG FLC F . 16.85 -8.66 33.64
CGC FLC F . 17.56 -9.88 34.16
OA1 FLC F . 16.79 -11.32 31.74
OA2 FLC F . 18.43 -10.73 30.47
OB1 FLC F . 17.52 -5.74 32.39
OB2 FLC F . 15.73 -6.63 31.58
OG1 FLC F . 18.81 -10.01 34.04
OG2 FLC F . 16.92 -10.74 34.83
OHB FLC F . 18.76 -8.15 32.37
P1 FBP G . 23.45 -33.69 4.90
O1P FBP G . 24.94 -33.49 4.95
O2P FBP G . 22.84 -33.66 6.28
O3P FBP G . 23.08 -34.96 4.19
O1 FBP G . 22.90 -32.39 4.12
C1 FBP G . 21.68 -32.42 3.46
C2 FBP G . 21.32 -30.98 3.14
O2 FBP G . 19.95 -31.00 2.68
C3 FBP G . 22.23 -30.39 2.08
O3 FBP G . 21.75 -30.68 0.79
C4 FBP G . 22.18 -28.90 2.39
O4 FBP G . 23.28 -28.19 1.88
C5 FBP G . 22.13 -28.92 3.92
O5 FBP G . 21.41 -30.10 4.27
C6 FBP G . 21.51 -27.66 4.52
O6 FBP G . 22.27 -27.29 5.66
P2 FBP G . 22.40 -25.76 6.15
O4P FBP G . 21.03 -25.28 6.51
O5P FBP G . 23.33 -25.76 7.32
O6P FBP G . 22.98 -24.87 5.07
MN MN H . -12.67 -8.23 -38.07
CAC FLC I . -7.87 -9.83 -37.56
CA FLC I . -8.50 -8.62 -36.98
CB FLC I . -9.59 -8.09 -37.88
CBC FLC I . -10.13 -6.87 -37.25
CG FLC I . -9.03 -7.71 -39.21
CGC FLC I . -8.85 -8.85 -40.15
OA1 FLC I . -8.21 -10.97 -37.16
OA2 FLC I . -6.94 -9.71 -38.39
OB1 FLC I . -9.36 -6.12 -36.60
OB2 FLC I . -11.37 -6.62 -37.27
OG1 FLC I . -7.92 -8.80 -41.01
OG2 FLC I . -9.60 -9.87 -40.10
OHB FLC I . -10.60 -9.02 -38.01
P1 FBP J . 7.95 -36.31 -19.68
O1P FBP J . 6.79 -37.26 -19.78
O2P FBP J . 8.17 -35.47 -20.92
O3P FBP J . 9.21 -37.04 -19.31
O1 FBP J . 7.53 -35.29 -18.49
C1 FBP J . 8.52 -34.61 -17.76
C2 FBP J . 7.78 -33.51 -17.01
O2 FBP J . 8.74 -32.62 -16.38
C3 FBP J . 6.88 -34.12 -15.93
O3 FBP J . 7.56 -34.41 -14.71
C4 FBP J . 5.77 -33.09 -15.85
O4 FBP J . 4.56 -33.61 -15.34
C5 FBP J . 5.62 -32.67 -17.32
O5 FBP J . 6.92 -32.78 -17.87
C6 FBP J . 5.05 -31.25 -17.47
O6 FBP J . 4.18 -31.18 -18.58
P2 FBP J . 2.93 -30.16 -18.59
O4P FBP J . 3.42 -28.73 -18.59
O5P FBP J . 2.15 -30.39 -19.88
O6P FBP J . 1.99 -30.42 -17.45
C1 EDO K . 7.74 -14.77 -28.18
O1 EDO K . 6.90 -15.85 -27.74
C2 EDO K . 9.06 -15.36 -28.65
O2 EDO K . 9.08 -16.78 -28.37
MN MN L . -17.10 -3.66 33.85
CAC FLC M . -14.98 0.78 33.64
CA FLC M . -14.52 -0.50 33.03
CB FLC M . -14.96 -1.68 33.82
CBC FLC M . -14.43 -2.90 33.16
CG FLC M . -14.43 -1.65 35.22
CGC FLC M . -15.17 -0.73 36.13
OA1 FLC M . -15.95 1.41 33.16
OA2 FLC M . -14.23 1.36 34.46
OB1 FLC M . -15.12 -3.95 33.17
OB2 FLC M . -13.35 -2.88 32.51
OG1 FLC M . -14.57 -0.22 37.10
OG2 FLC M . -16.39 -0.43 35.92
OHB FLC M . -16.34 -1.75 33.84
P1 FBP N . -21.44 31.23 15.97
O1P FBP N . -22.94 31.14 15.92
O2P FBP N . -20.90 30.66 17.27
O3P FBP N . -20.96 32.64 15.74
O1 FBP N . -20.95 30.24 14.80
C1 FBP N . -19.73 30.42 14.15
C2 FBP N . -19.45 29.16 13.33
O2 FBP N . -18.14 29.27 12.74
C3 FBP N . -20.47 28.97 12.21
O3 FBP N . -20.12 29.70 11.05
C4 FBP N . -20.47 27.45 12.06
O4 FBP N . -21.64 26.92 11.49
C5 FBP N . -20.34 27.01 13.53
O5 FBP N . -19.49 27.97 14.13
C6 FBP N . -19.77 25.59 13.65
O6 FBP N . -20.44 24.92 14.69
P2 FBP N . -20.58 23.31 14.72
O4P FBP N . -19.21 22.68 14.68
O5P FBP N . -21.24 22.87 16.01
O6P FBP N . -21.41 22.86 13.55
MN MN O . 11.23 19.54 -35.01
CAC FLC P . 6.58 20.91 -33.79
CA FLC P . 7.19 19.55 -33.68
CB FLC P . 8.23 19.32 -34.72
CBC FLC P . 8.81 17.96 -34.48
CG FLC P . 7.62 19.32 -36.09
CGC FLC P . 7.35 20.71 -36.57
OA1 FLC P . 5.49 21.03 -34.39
OA2 FLC P . 7.10 21.91 -33.23
OB1 FLC P . 10.06 17.79 -34.50
OB2 FLC P . 8.11 17.10 -33.92
OG1 FLC P . 6.33 20.93 -37.27
OG2 FLC P . 8.01 21.68 -36.11
OHB FLC P . 9.20 20.30 -34.62
P1 FBP Q . -7.29 40.95 -7.52
O1P FBP Q . -6.15 41.92 -7.42
O2P FBP Q . -7.50 40.52 -8.97
O3P FBP Q . -8.57 41.49 -6.97
O1 FBP Q . -6.80 39.63 -6.72
C1 FBP Q . -7.74 38.69 -6.29
C2 FBP Q . -6.98 37.41 -5.92
O2 FBP Q . -7.93 36.41 -5.52
C3 FBP Q . -5.98 37.68 -4.80
O3 FBP Q . -6.60 37.64 -3.54
C4 FBP Q . -4.92 36.62 -5.03
O4 FBP Q . -3.68 36.92 -4.43
C5 FBP Q . -4.87 36.62 -6.56
O5 FBP Q . -6.19 36.91 -7.01
C6 FBP Q . -4.35 35.32 -7.16
O6 FBP Q . -3.59 35.64 -8.32
P2 FBP Q . -2.33 34.74 -8.70
O4P FBP Q . -2.90 33.39 -9.06
O5P FBP Q . -1.64 35.36 -9.89
O6P FBP Q . -1.33 34.56 -7.59
O5' ADN R . -1.20 37.27 -50.56
C5' ADN R . -1.66 36.06 -51.16
C4' ADN R . -2.79 35.45 -50.37
O4' ADN R . -2.84 36.08 -49.07
C3' ADN R . -4.18 35.67 -50.95
O3' ADN R . -4.10 35.78 -52.36
C2' ADN R . -4.61 37.01 -50.36
O2' ADN R . -5.96 37.09 -49.97
C1' ADN R . -3.66 37.23 -49.18
N9 ADN R . -4.26 37.49 -47.86
C8 ADN R . -4.10 38.67 -47.22
N7 ADN R . -4.67 38.63 -46.02
C5 ADN R . -5.21 37.43 -45.83
C6 ADN R . -5.94 36.85 -44.78
N6 ADN R . -6.15 37.63 -43.59
N1 ADN R . -6.35 35.57 -44.91
C2 ADN R . -6.09 34.87 -46.03
N3 ADN R . -5.43 35.39 -47.06
C4 ADN R . -4.96 36.66 -47.01
#